data_4CMQ
#
_entry.id   4CMQ
#
_cell.length_a   159.880
_cell.length_b   210.120
_cell.length_c   90.670
_cell.angle_alpha   90.00
_cell.angle_beta   90.00
_cell.angle_gamma   90.00
#
_symmetry.space_group_name_H-M   'P 21 21 2'
#
loop_
_entity.id
_entity.type
_entity.pdbx_description
1 polymer 'CRISPR-ASSOCIATED ENDONUCLEASE CAS9/CSN1'
2 non-polymer 'MANGANESE (II) ION'
3 non-polymer 'SULFATE ION'
#
_entity_poly.entity_id   1
_entity_poly.type   'polypeptide(L)'
_entity_poly.pdbx_seq_one_letter_code
;GAASMDKKYSIGLDIGTNSVGWAVITDEYKVPSKKFKVLGNTDRHSIKKNLIGALLFDSGETAEATRLKRTARRRYTRRK
NRICYLQEIFSNEMAKVDDSFFHRLEESFLVEEDKKHERHPIFGNIVDEVAYHEKYPTIYHLRKKLVDSTDKADLRLIYL
ALAHMIKFRGHFLIEGDLNPDNSDVDKLFIQLVQTYNQLFEENPINASGVDAKAILSARLSKSRRLENLIAQLPGEKKNG
LFGNLIALSLGLTPNFKSNFDLAEDAKLQLSKDTYDDDLDNLLAQIGDQYADLFLAAKNLSDAILLSDILRVNTEITKAP
LSASMIKRYDEHHQDLTLLKALVRQQLPEKYKEIFFDQSKNGYAGYIDGGASQEEFYKFIKPILEKMDGTEELLVKLNRE
DLLRKQRTFDNGSIPHQIHLGELHAILRRQEDFYPFLKDNREKIEKILTFRIPYYVGPLARGNSRFAWMTRKSEETITPW
NFEEVVDKGASAQSFIERMTNFDKNLPNEKVLPKHSLLYEYFTVYNELTKVKYVTEGMRKPAFLSGEQKKAIVDLLFKTN
RKVTVKQLKEDYFKKIECFDSVEISGVEDRFNASLGTYHDLLKIIKDKDFLDNEENEDILEDIVLTLTLFEDREMIEERL
KTYAHLFDDKVMKQLKRRRYTGWGRLSRKLINGIRDKQSGKTILDFLKSDGFANRNFMQLIHDDSLTFKEDIQKAQVSGQ
GDSLHEHIANLAGSPAIKKGILQTVKVVDELVKVMGRHKPENIVIEMARENQTTQKGQKNSRERMKRIEEGIKELGSQIL
KEHPVENTQLQNEKLYLYYLQNGRDMYVDQELDINRLSDYDVDHIVPQSFLKDDSIDNKVLTRSDKNRGKSDNVPSEEVV
KKMKNYWRQLLNAKLITQRKFDNLTKAERGGLSELDKAGFIKRQLVETRQITKHVAQILDSRMNTKYDENDKLIREVKVI
TLKSKLVSDFRKDFQFYKVREINNYHHAHDAYLNAVVGTALIKKYPKLESEFVYGDYKVYDVRKMIAKSEQEIGKATAKY
FFYSNIMNFFKTEITLANGEIRKRPLIETNGETGEIVWDKGRDFATVRKVLSMPQVNIVKKTEVQTGGFSKESILPKRNS
DKLIARKKDWDPKKYGGFDSPTVAYSVLVVAKVEKGKSKKLKSVKELLGITIMERSSFEKNPIDFLEAKGYKEVKKDLII
KLPKYSLFELENGRKRMLASAGELQKGNELALPSKYVNFLYLASHYEKLKGSPEDNEQKQLFVEQHKHYLDEIIEQISEF
SKRVILADANLDKVLSAYNKHRDKPIREQAENIIHLFTLTNLGAPAAFKYFDTTIDRKRYTSTKEVLDATLIHQSITGLY
ETRIDLSQLGGD
;
_entity_poly.pdbx_strand_id   A,B
#
loop_
_chem_comp.id
_chem_comp.type
_chem_comp.name
_chem_comp.formula
MN non-polymer 'MANGANESE (II) ION' 'Mn 2'
SO4 non-polymer 'SULFATE ION' 'O4 S -2'
#
# COMPACT_ATOMS: atom_id res chain seq x y z
N LYS A 8 -67.07 -19.35 -21.72
CA LYS A 8 -67.85 -20.26 -20.90
C LYS A 8 -68.08 -19.68 -19.49
N TYR A 9 -67.03 -19.13 -18.89
CA TYR A 9 -67.12 -18.63 -17.52
C TYR A 9 -66.12 -17.53 -17.18
N SER A 10 -66.35 -16.85 -16.07
CA SER A 10 -65.45 -15.83 -15.56
C SER A 10 -65.34 -15.91 -14.03
N ILE A 11 -64.21 -15.46 -13.50
CA ILE A 11 -63.96 -15.50 -12.07
C ILE A 11 -64.08 -14.11 -11.45
N GLY A 12 -64.66 -14.05 -10.26
CA GLY A 12 -64.71 -12.83 -9.46
C GLY A 12 -63.98 -13.03 -8.16
N LEU A 13 -63.37 -11.95 -7.64
CA LEU A 13 -62.56 -12.04 -6.43
C LEU A 13 -62.70 -10.81 -5.55
N ASP A 14 -62.86 -11.02 -4.25
CA ASP A 14 -62.64 -9.96 -3.28
C ASP A 14 -61.33 -10.24 -2.57
N ILE A 15 -60.43 -9.27 -2.55
CA ILE A 15 -59.12 -9.47 -1.98
C ILE A 15 -58.92 -8.62 -0.74
N GLY A 16 -58.49 -9.26 0.35
CA GLY A 16 -58.35 -8.57 1.62
C GLY A 16 -57.16 -9.10 2.42
N THR A 17 -56.90 -8.45 3.54
CA THR A 17 -55.74 -8.77 4.36
C THR A 17 -55.90 -10.06 5.16
N ASN A 18 -57.14 -10.53 5.30
CA ASN A 18 -57.39 -11.75 6.07
C ASN A 18 -58.40 -12.68 5.41
N SER A 19 -58.78 -12.37 4.17
CA SER A 19 -59.74 -13.19 3.43
C SER A 19 -59.59 -13.02 1.93
N VAL A 20 -60.06 -14.01 1.18
CA VAL A 20 -60.16 -13.92 -0.28
C VAL A 20 -61.47 -14.54 -0.75
N GLY A 21 -62.45 -13.69 -1.03
CA GLY A 21 -63.70 -14.14 -1.62
C GLY A 21 -63.48 -14.53 -3.08
N TRP A 22 -64.18 -15.56 -3.54
CA TRP A 22 -64.07 -16.00 -4.92
C TRP A 22 -65.41 -16.54 -5.41
N ALA A 23 -65.68 -16.34 -6.70
CA ALA A 23 -66.90 -16.83 -7.31
C ALA A 23 -66.69 -17.13 -8.79
N VAL A 24 -67.47 -18.06 -9.31
CA VAL A 24 -67.42 -18.42 -10.72
C VAL A 24 -68.77 -18.06 -11.34
N ILE A 25 -68.76 -17.65 -12.61
CA ILE A 25 -69.96 -17.09 -13.20
C ILE A 25 -70.07 -17.42 -14.70
N THR A 26 -71.28 -17.77 -15.13
CA THR A 26 -71.53 -18.05 -16.53
C THR A 26 -72.03 -16.79 -17.25
N ASP A 27 -72.31 -16.91 -18.55
CA ASP A 27 -72.67 -15.75 -19.36
C ASP A 27 -73.96 -15.05 -18.88
N GLU A 28 -74.86 -15.81 -18.27
CA GLU A 28 -76.07 -15.23 -17.70
C GLU A 28 -75.97 -15.01 -16.19
N TYR A 29 -74.73 -14.97 -15.70
CA TYR A 29 -74.42 -14.65 -14.31
C TYR A 29 -74.89 -15.68 -13.29
N LYS A 30 -75.17 -16.89 -13.75
CA LYS A 30 -75.47 -18.00 -12.84
C LYS A 30 -74.19 -18.54 -12.20
N VAL A 31 -74.29 -19.05 -10.97
CA VAL A 31 -73.17 -19.72 -10.33
C VAL A 31 -73.34 -21.23 -10.48
N PRO A 32 -72.40 -21.87 -11.19
CA PRO A 32 -72.50 -23.31 -11.48
C PRO A 32 -72.52 -24.17 -10.23
N SER A 33 -73.33 -25.24 -10.27
CA SER A 33 -73.25 -26.29 -9.27
C SER A 33 -72.40 -27.41 -9.87
N LYS A 34 -71.62 -28.07 -9.04
CA LYS A 34 -70.77 -29.14 -9.54
C LYS A 34 -70.53 -30.20 -8.48
N LYS A 35 -70.58 -31.46 -8.89
CA LYS A 35 -70.19 -32.56 -8.00
C LYS A 35 -68.68 -32.66 -7.86
N PHE A 36 -68.23 -33.12 -6.71
CA PHE A 36 -66.82 -33.34 -6.46
C PHE A 36 -66.64 -34.63 -5.66
N LYS A 37 -65.56 -35.34 -5.93
CA LYS A 37 -65.26 -36.58 -5.22
C LYS A 37 -64.87 -36.31 -3.77
N VAL A 38 -65.22 -37.23 -2.88
CA VAL A 38 -64.76 -37.18 -1.50
C VAL A 38 -63.86 -38.38 -1.23
N LEU A 39 -62.58 -38.10 -0.95
CA LEU A 39 -61.57 -39.16 -0.87
C LEU A 39 -61.51 -39.89 0.47
N GLY A 40 -62.31 -39.45 1.43
CA GLY A 40 -62.26 -40.02 2.76
C GLY A 40 -62.78 -41.44 2.84
N ASN A 41 -62.38 -42.15 3.89
CA ASN A 41 -62.82 -43.52 4.11
C ASN A 41 -64.31 -43.63 4.39
N THR A 42 -64.90 -42.51 4.81
CA THR A 42 -66.33 -42.46 5.12
C THR A 42 -67.16 -42.78 3.89
N ASP A 43 -68.33 -43.37 4.12
CA ASP A 43 -69.22 -43.71 3.02
C ASP A 43 -69.97 -42.49 2.49
N ARG A 44 -69.21 -41.54 1.98
CA ARG A 44 -69.75 -40.40 1.24
C ARG A 44 -68.84 -40.18 0.05
N HIS A 45 -69.32 -40.52 -1.13
CA HIS A 45 -68.44 -40.62 -2.29
C HIS A 45 -68.47 -39.41 -3.23
N SER A 46 -69.41 -38.50 -3.00
CA SER A 46 -69.52 -37.30 -3.82
C SER A 46 -70.27 -36.20 -3.09
N ILE A 47 -70.12 -34.97 -3.56
CA ILE A 47 -70.81 -33.84 -2.93
C ILE A 47 -71.14 -32.76 -3.96
N LYS A 48 -72.33 -32.18 -3.84
CA LYS A 48 -72.74 -31.08 -4.71
C LYS A 48 -72.34 -29.74 -4.09
N LYS A 49 -71.63 -28.91 -4.86
CA LYS A 49 -71.17 -27.64 -4.34
C LYS A 49 -71.27 -26.51 -5.35
N ASN A 50 -71.71 -25.34 -4.88
CA ASN A 50 -71.73 -24.14 -5.69
C ASN A 50 -70.32 -23.60 -5.86
N LEU A 51 -70.03 -23.02 -7.01
CA LEU A 51 -68.70 -22.48 -7.25
C LEU A 51 -68.62 -21.05 -6.73
N ILE A 52 -68.83 -20.91 -5.42
CA ILE A 52 -68.73 -19.62 -4.75
C ILE A 52 -68.26 -19.88 -3.32
N GLY A 53 -67.48 -18.96 -2.77
CA GLY A 53 -66.93 -19.17 -1.44
C GLY A 53 -65.90 -18.15 -1.01
N ALA A 54 -65.24 -18.42 0.10
CA ALA A 54 -64.25 -17.50 0.65
C ALA A 54 -63.14 -18.25 1.35
N LEU A 55 -61.95 -17.67 1.35
CA LEU A 55 -60.81 -18.24 2.06
C LEU A 55 -60.31 -17.31 3.14
N LEU A 56 -60.65 -17.60 4.40
CA LEU A 56 -60.10 -16.86 5.52
C LEU A 56 -58.67 -17.32 5.81
N PHE A 57 -57.83 -16.41 6.30
CA PHE A 57 -56.47 -16.78 6.66
C PHE A 57 -55.86 -15.86 7.70
N ASP A 58 -55.03 -16.44 8.57
CA ASP A 58 -54.27 -15.70 9.57
C ASP A 58 -53.04 -15.01 9.01
N SER A 59 -52.69 -13.89 9.63
CA SER A 59 -51.37 -13.30 9.46
C SER A 59 -50.45 -13.78 10.58
N GLY A 60 -49.65 -14.80 10.31
CA GLY A 60 -48.77 -15.35 11.32
C GLY A 60 -47.44 -15.82 10.77
N GLU A 61 -46.62 -16.40 11.63
CA GLU A 61 -45.28 -16.85 11.26
C GLU A 61 -45.31 -18.22 10.60
N THR A 62 -45.39 -18.23 9.27
CA THR A 62 -45.40 -19.46 8.51
C THR A 62 -44.24 -19.44 7.51
N ALA A 63 -44.01 -20.57 6.85
CA ALA A 63 -43.02 -20.61 5.79
C ALA A 63 -43.41 -19.68 4.64
N GLU A 64 -44.71 -19.58 4.39
CA GLU A 64 -45.22 -18.69 3.35
C GLU A 64 -44.95 -17.23 3.70
N ALA A 65 -44.98 -16.92 5.00
CA ALA A 65 -44.77 -15.55 5.44
C ALA A 65 -43.35 -15.12 5.19
N THR A 66 -42.39 -15.95 5.60
CA THR A 66 -40.98 -15.66 5.40
C THR A 66 -40.62 -15.68 3.91
N ARG A 67 -41.32 -16.52 3.16
CA ARG A 67 -41.11 -16.59 1.72
C ARG A 67 -41.57 -15.29 1.05
N LEU A 68 -42.49 -14.59 1.70
CA LEU A 68 -43.01 -13.32 1.21
C LEU A 68 -42.21 -12.09 1.64
N LYS A 69 -41.18 -12.28 2.45
CA LYS A 69 -40.31 -11.17 2.83
C LYS A 69 -39.13 -10.98 1.88
N ARG A 70 -38.66 -9.74 1.77
CA ARG A 70 -37.43 -9.44 1.05
C ARG A 70 -36.23 -10.02 1.80
N THR A 71 -35.25 -10.52 1.04
CA THR A 71 -34.00 -10.99 1.62
C THR A 71 -32.86 -10.53 0.74
N ALA A 72 -31.70 -10.26 1.34
CA ALA A 72 -30.54 -9.83 0.56
C ALA A 72 -30.06 -10.94 -0.37
N ARG A 73 -30.20 -12.18 0.06
CA ARG A 73 -29.72 -13.32 -0.73
C ARG A 73 -30.47 -13.47 -2.05
N ARG A 74 -31.77 -13.19 -2.04
CA ARG A 74 -32.59 -13.36 -3.23
C ARG A 74 -32.27 -12.29 -4.26
N ARG A 75 -32.05 -11.07 -3.77
CA ARG A 75 -31.64 -9.96 -4.61
C ARG A 75 -30.25 -10.23 -5.18
N TYR A 76 -29.41 -10.87 -4.37
CA TYR A 76 -28.06 -11.22 -4.79
C TYR A 76 -28.10 -12.22 -5.94
N THR A 77 -28.88 -13.29 -5.76
CA THR A 77 -29.01 -14.29 -6.81
C THR A 77 -29.68 -13.72 -8.07
N ARG A 78 -30.56 -12.74 -7.88
CA ARG A 78 -31.25 -12.10 -8.98
C ARG A 78 -30.26 -11.34 -9.87
N ARG A 79 -29.48 -10.47 -9.23
CA ARG A 79 -28.47 -9.69 -9.95
C ARG A 79 -27.39 -10.61 -10.53
N LYS A 80 -27.08 -11.69 -9.82
CA LYS A 80 -26.08 -12.62 -10.31
C LYS A 80 -26.58 -13.31 -11.57
N ASN A 81 -27.86 -13.62 -11.61
CA ASN A 81 -28.44 -14.25 -12.80
C ASN A 81 -28.46 -13.30 -13.99
N ARG A 82 -28.77 -12.03 -13.73
CA ARG A 82 -28.73 -11.05 -14.82
C ARG A 82 -27.32 -10.88 -15.37
N ILE A 83 -26.34 -10.83 -14.47
CA ILE A 83 -24.95 -10.72 -14.92
C ILE A 83 -24.48 -11.97 -15.65
N CYS A 84 -25.01 -13.13 -15.26
CA CYS A 84 -24.68 -14.36 -15.97
C CYS A 84 -25.22 -14.30 -17.40
N TYR A 85 -26.44 -13.81 -17.54
CA TYR A 85 -27.01 -13.62 -18.86
C TYR A 85 -26.22 -12.61 -19.68
N LEU A 86 -25.64 -11.62 -19.00
CA LEU A 86 -24.81 -10.65 -19.70
C LEU A 86 -23.50 -11.26 -20.17
N GLN A 87 -22.86 -12.03 -19.31
CA GLN A 87 -21.58 -12.67 -19.62
C GLN A 87 -21.69 -13.72 -20.71
N GLU A 88 -22.84 -14.41 -20.77
CA GLU A 88 -23.02 -15.44 -21.79
C GLU A 88 -22.97 -14.83 -23.18
N ILE A 89 -23.45 -13.60 -23.30
CA ILE A 89 -23.40 -12.88 -24.57
C ILE A 89 -21.98 -12.44 -24.90
N PHE A 90 -21.23 -12.04 -23.88
CA PHE A 90 -19.88 -11.52 -24.08
C PHE A 90 -18.79 -12.59 -24.16
N SER A 91 -19.14 -13.84 -23.83
CA SER A 91 -18.13 -14.85 -23.52
C SER A 91 -17.17 -15.21 -24.67
N ASN A 92 -17.70 -15.28 -25.89
CA ASN A 92 -16.89 -15.71 -27.02
C ASN A 92 -15.78 -14.73 -27.38
N GLU A 93 -16.14 -13.47 -27.54
CA GLU A 93 -15.13 -12.44 -27.83
C GLU A 93 -14.21 -12.18 -26.65
N MET A 94 -14.76 -12.32 -25.44
CA MET A 94 -13.98 -12.12 -24.23
C MET A 94 -12.91 -13.19 -24.12
N ALA A 95 -13.19 -14.37 -24.66
CA ALA A 95 -12.16 -15.40 -24.73
C ALA A 95 -11.03 -14.98 -25.65
N LYS A 96 -11.35 -14.25 -26.72
CA LYS A 96 -10.33 -13.69 -27.60
C LYS A 96 -9.55 -12.56 -26.94
N VAL A 97 -10.19 -11.85 -26.01
CA VAL A 97 -9.52 -10.71 -25.37
C VAL A 97 -8.81 -11.08 -24.07
N ASP A 98 -9.51 -11.80 -23.21
CA ASP A 98 -9.02 -12.10 -21.87
C ASP A 98 -9.77 -13.30 -21.32
N ASP A 99 -9.18 -14.48 -21.44
CA ASP A 99 -9.84 -15.74 -21.14
C ASP A 99 -10.27 -15.86 -19.67
N SER A 100 -9.53 -15.21 -18.78
CA SER A 100 -9.79 -15.32 -17.35
C SER A 100 -10.52 -14.10 -16.78
N PHE A 101 -11.01 -13.22 -17.64
CA PHE A 101 -11.59 -11.96 -17.20
C PHE A 101 -12.82 -12.13 -16.31
N PHE A 102 -13.78 -12.93 -16.76
CA PHE A 102 -15.00 -13.13 -15.98
C PHE A 102 -14.76 -13.89 -14.67
N HIS A 103 -13.78 -14.78 -14.67
CA HIS A 103 -13.40 -15.50 -13.45
C HIS A 103 -12.75 -14.60 -12.39
N ARG A 104 -12.04 -13.57 -12.85
CA ARG A 104 -11.34 -12.67 -11.94
C ARG A 104 -12.28 -11.84 -11.08
N LEU A 105 -13.49 -11.61 -11.59
CA LEU A 105 -14.45 -10.72 -10.93
C LEU A 105 -15.02 -11.31 -9.64
N GLU A 106 -15.31 -10.44 -8.68
CA GLU A 106 -15.87 -10.85 -7.40
C GLU A 106 -17.19 -11.59 -7.55
N ARG A 119 -8.94 -4.42 -1.91
CA ARG A 119 -9.31 -4.37 -3.32
C ARG A 119 -8.94 -5.66 -4.03
N HIS A 120 -9.60 -5.93 -5.15
CA HIS A 120 -9.31 -7.11 -5.96
C HIS A 120 -9.04 -6.71 -7.39
N PRO A 121 -8.18 -7.48 -8.09
CA PRO A 121 -7.74 -7.09 -9.43
C PRO A 121 -8.75 -7.45 -10.53
N ILE A 122 -9.25 -6.43 -11.22
CA ILE A 122 -10.05 -6.64 -12.42
C ILE A 122 -9.22 -7.22 -13.56
N PHE A 123 -7.95 -6.86 -13.61
CA PHE A 123 -7.08 -7.29 -14.71
C PHE A 123 -6.05 -8.33 -14.31
N GLY A 124 -5.52 -9.06 -15.29
CA GLY A 124 -4.57 -10.11 -15.01
C GLY A 124 -3.15 -9.62 -14.76
N ASN A 125 -2.90 -8.35 -15.03
CA ASN A 125 -1.58 -7.76 -14.83
C ASN A 125 -1.65 -6.37 -14.23
N ILE A 126 -0.58 -5.98 -13.55
CA ILE A 126 -0.53 -4.71 -12.82
C ILE A 126 -0.66 -3.47 -13.72
N VAL A 127 -0.13 -3.56 -14.94
CA VAL A 127 -0.13 -2.40 -15.83
C VAL A 127 -1.53 -1.97 -16.26
N ASP A 128 -2.30 -2.91 -16.78
CA ASP A 128 -3.66 -2.63 -17.20
C ASP A 128 -4.51 -2.20 -16.00
N GLU A 129 -4.23 -2.78 -14.84
CA GLU A 129 -5.00 -2.51 -13.63
C GLU A 129 -4.79 -1.08 -13.15
N VAL A 130 -3.53 -0.70 -12.96
CA VAL A 130 -3.22 0.63 -12.48
C VAL A 130 -3.63 1.68 -13.51
N ALA A 131 -3.46 1.36 -14.79
CA ALA A 131 -3.86 2.31 -15.84
C ALA A 131 -5.37 2.51 -15.82
N TYR A 132 -6.10 1.44 -15.53
CA TYR A 132 -7.55 1.50 -15.50
C TYR A 132 -8.01 2.36 -14.33
N HIS A 133 -7.47 2.08 -13.15
CA HIS A 133 -7.86 2.83 -11.96
C HIS A 133 -7.45 4.30 -12.02
N GLU A 134 -6.34 4.59 -12.70
CA GLU A 134 -5.91 5.97 -12.84
C GLU A 134 -6.80 6.72 -13.83
N LYS A 135 -7.10 6.08 -14.95
CA LYS A 135 -7.98 6.70 -15.95
C LYS A 135 -9.44 6.81 -15.51
N TYR A 136 -9.90 5.86 -14.70
CA TYR A 136 -11.32 5.80 -14.33
C TYR A 136 -11.52 5.64 -12.82
N PRO A 137 -11.33 6.74 -12.07
CA PRO A 137 -11.41 6.74 -10.60
C PRO A 137 -12.76 6.27 -10.09
N THR A 138 -13.82 6.56 -10.84
CA THR A 138 -15.15 6.05 -10.51
C THR A 138 -15.77 5.43 -11.75
N ILE A 139 -16.75 4.56 -11.55
CA ILE A 139 -17.39 3.84 -12.64
C ILE A 139 -18.09 4.81 -13.59
N TYR A 140 -18.54 5.95 -13.05
CA TYR A 140 -19.22 6.96 -13.85
C TYR A 140 -18.33 7.63 -14.90
N HIS A 141 -17.03 7.69 -14.60
CA HIS A 141 -16.07 8.19 -15.58
C HIS A 141 -16.04 7.25 -16.78
N LEU A 142 -16.04 5.95 -16.50
CA LEU A 142 -16.05 4.96 -17.57
C LEU A 142 -17.36 5.00 -18.35
N ARG A 143 -18.46 5.19 -17.62
CA ARG A 143 -19.77 5.23 -18.25
C ARG A 143 -19.85 6.41 -19.22
N LYS A 144 -19.49 7.60 -18.74
CA LYS A 144 -19.57 8.78 -19.58
C LYS A 144 -18.58 8.75 -20.74
N LYS A 145 -17.39 8.22 -20.50
CA LYS A 145 -16.40 8.13 -21.56
C LYS A 145 -16.89 7.20 -22.66
N LEU A 146 -17.50 6.09 -22.25
CA LEU A 146 -18.06 5.15 -23.20
C LEU A 146 -19.28 5.70 -23.93
N VAL A 147 -19.98 6.63 -23.29
CA VAL A 147 -21.16 7.25 -23.92
C VAL A 147 -20.77 8.33 -24.95
N ASP A 148 -19.78 9.15 -24.60
CA ASP A 148 -19.42 10.29 -25.45
C ASP A 148 -18.35 10.03 -26.51
N SER A 149 -17.34 9.23 -26.18
CA SER A 149 -16.24 8.98 -27.11
C SER A 149 -16.68 8.20 -28.35
N THR A 150 -16.21 8.62 -29.52
CA THR A 150 -16.45 7.88 -30.76
C THR A 150 -15.41 6.78 -30.98
N ASP A 151 -14.34 6.82 -30.20
CA ASP A 151 -13.24 5.87 -30.34
C ASP A 151 -13.66 4.47 -29.91
N LYS A 152 -13.07 3.46 -30.55
CA LYS A 152 -13.26 2.09 -30.11
C LYS A 152 -12.66 1.93 -28.72
N ALA A 153 -13.32 1.13 -27.88
CA ALA A 153 -12.83 0.88 -26.53
C ALA A 153 -12.69 -0.62 -26.28
N ASP A 154 -11.85 -0.98 -25.33
CA ASP A 154 -11.62 -2.38 -25.01
C ASP A 154 -12.91 -3.02 -24.55
N LEU A 155 -13.13 -4.27 -24.96
CA LEU A 155 -14.39 -4.96 -24.69
C LEU A 155 -14.65 -5.10 -23.20
N ARG A 156 -13.58 -5.24 -22.43
CA ARG A 156 -13.69 -5.41 -20.99
C ARG A 156 -14.28 -4.17 -20.32
N LEU A 157 -13.93 -2.99 -20.83
CA LEU A 157 -14.44 -1.75 -20.25
C LEU A 157 -15.92 -1.61 -20.54
N ILE A 158 -16.31 -1.90 -21.77
CA ILE A 158 -17.71 -1.84 -22.16
C ILE A 158 -18.50 -2.81 -21.30
N TYR A 159 -17.91 -3.98 -21.05
CA TYR A 159 -18.59 -4.93 -20.19
C TYR A 159 -18.72 -4.37 -18.80
N LEU A 160 -17.71 -3.62 -18.34
CA LEU A 160 -17.75 -3.11 -16.98
C LEU A 160 -18.88 -2.10 -16.81
N ALA A 161 -19.05 -1.23 -17.80
CA ALA A 161 -20.13 -0.25 -17.75
C ALA A 161 -21.49 -0.92 -17.84
N LEU A 162 -21.66 -1.81 -18.81
CA LEU A 162 -22.95 -2.47 -18.97
C LEU A 162 -23.29 -3.29 -17.74
N ALA A 163 -22.27 -3.89 -17.13
CA ALA A 163 -22.47 -4.70 -15.94
C ALA A 163 -22.88 -3.84 -14.75
N HIS A 164 -22.25 -2.68 -14.61
CA HIS A 164 -22.64 -1.79 -13.53
C HIS A 164 -24.06 -1.28 -13.71
N MET A 165 -24.47 -1.09 -14.96
CA MET A 165 -25.81 -0.58 -15.22
C MET A 165 -26.88 -1.67 -14.99
N ILE A 166 -26.62 -2.86 -15.50
CA ILE A 166 -27.53 -3.99 -15.32
C ILE A 166 -27.62 -4.44 -13.85
N LYS A 167 -26.52 -4.32 -13.13
CA LYS A 167 -26.48 -4.76 -11.74
C LYS A 167 -27.37 -3.89 -10.86
N PHE A 168 -27.28 -2.57 -11.07
CA PHE A 168 -28.05 -1.62 -10.28
C PHE A 168 -29.03 -0.86 -11.19
N ARG A 169 -29.99 -1.61 -11.72
CA ARG A 169 -30.91 -1.09 -12.74
C ARG A 169 -31.83 0.03 -12.24
N GLY A 170 -32.06 0.06 -10.93
CA GLY A 170 -33.00 0.98 -10.34
C GLY A 170 -34.44 0.51 -10.33
N HIS A 171 -35.36 1.41 -9.94
CA HIS A 171 -36.78 1.09 -9.87
C HIS A 171 -37.49 1.17 -11.22
N PHE A 172 -38.72 0.66 -11.24
CA PHE A 172 -39.53 0.59 -12.43
C PHE A 172 -40.91 1.23 -12.19
N LEU A 173 -40.95 2.28 -11.38
CA LEU A 173 -42.22 2.95 -11.06
C LEU A 173 -42.83 3.68 -12.25
N ILE A 174 -41.99 4.11 -13.19
CA ILE A 174 -42.47 4.79 -14.38
C ILE A 174 -42.49 3.83 -15.57
N GLU A 175 -43.68 3.39 -15.95
CA GLU A 175 -43.84 2.39 -17.00
C GLU A 175 -43.39 2.84 -18.39
N GLY A 176 -43.58 4.12 -18.70
CA GLY A 176 -43.35 4.61 -20.05
C GLY A 176 -41.90 4.96 -20.35
N ASP A 177 -41.64 5.28 -21.61
CA ASP A 177 -40.37 5.90 -21.98
C ASP A 177 -40.36 7.26 -21.29
N LEU A 178 -39.22 7.67 -20.78
CA LEU A 178 -39.16 8.87 -19.95
C LEU A 178 -39.57 10.12 -20.72
N ASN A 179 -40.43 10.92 -20.11
CA ASN A 179 -41.04 12.08 -20.76
C ASN A 179 -40.99 13.28 -19.81
N PRO A 180 -41.10 14.50 -20.35
CA PRO A 180 -40.87 15.71 -19.54
C PRO A 180 -41.79 15.83 -18.32
N ASP A 181 -43.01 15.30 -18.40
CA ASP A 181 -43.91 15.34 -17.25
C ASP A 181 -43.34 14.58 -16.05
N ASN A 182 -42.50 13.58 -16.30
CA ASN A 182 -41.87 12.81 -15.23
C ASN A 182 -40.90 13.62 -14.37
N SER A 183 -40.25 14.61 -14.97
CA SER A 183 -39.31 15.47 -14.26
C SER A 183 -39.95 16.78 -13.78
N ASP A 184 -41.25 16.92 -14.02
CA ASP A 184 -41.97 18.14 -13.63
C ASP A 184 -42.35 18.10 -12.16
N VAL A 185 -41.65 18.88 -11.34
CA VAL A 185 -41.86 18.88 -9.90
C VAL A 185 -43.27 19.35 -9.52
N ASP A 186 -43.80 20.30 -10.27
CA ASP A 186 -45.11 20.86 -9.96
C ASP A 186 -46.24 19.85 -10.14
N LYS A 187 -46.18 19.09 -11.23
CA LYS A 187 -47.23 18.14 -11.53
C LYS A 187 -47.25 16.99 -10.53
N LEU A 188 -46.07 16.51 -10.18
CA LEU A 188 -45.96 15.47 -9.15
C LEU A 188 -46.32 15.97 -7.75
N PHE A 189 -46.09 17.25 -7.49
CA PHE A 189 -46.53 17.84 -6.23
C PHE A 189 -48.06 17.84 -6.18
N ILE A 190 -48.67 18.22 -7.29
CA ILE A 190 -50.12 18.22 -7.39
C ILE A 190 -50.64 16.78 -7.25
N GLN A 191 -49.87 15.82 -7.74
CA GLN A 191 -50.21 14.41 -7.59
C GLN A 191 -50.20 14.00 -6.12
N LEU A 192 -49.21 14.47 -5.39
CA LEU A 192 -49.08 14.13 -3.99
C LEU A 192 -50.23 14.73 -3.19
N VAL A 193 -50.53 15.99 -3.47
CA VAL A 193 -51.61 16.68 -2.79
C VAL A 193 -52.94 16.01 -3.11
N GLN A 194 -53.05 15.48 -4.33
CA GLN A 194 -54.29 14.86 -4.75
C GLN A 194 -54.52 13.51 -4.06
N THR A 195 -53.51 12.64 -4.08
CA THR A 195 -53.66 11.35 -3.42
C THR A 195 -53.78 11.52 -1.91
N TYR A 196 -53.21 12.60 -1.39
CA TYR A 196 -53.39 12.94 0.02
C TYR A 196 -54.83 13.38 0.31
N ASN A 197 -55.39 14.19 -0.58
CA ASN A 197 -56.74 14.68 -0.43
C ASN A 197 -57.77 13.56 -0.52
N GLN A 198 -57.48 12.54 -1.32
CA GLN A 198 -58.37 11.39 -1.44
C GLN A 198 -58.50 10.65 -0.11
N LEU A 199 -57.43 10.63 0.66
CA LEU A 199 -57.42 9.95 1.96
C LEU A 199 -58.03 10.78 3.07
N PHE A 200 -58.21 12.07 2.83
CA PHE A 200 -58.75 12.97 3.84
C PHE A 200 -59.75 13.95 3.23
N GLU A 201 -60.96 13.45 2.93
CA GLU A 201 -61.98 14.26 2.28
C GLU A 201 -62.38 15.44 3.16
N GLU A 202 -62.28 15.26 4.46
CA GLU A 202 -62.70 16.28 5.42
C GLU A 202 -61.78 17.50 5.49
N ASN A 203 -60.48 17.28 5.41
CA ASN A 203 -59.54 18.40 5.44
C ASN A 203 -58.50 18.32 4.32
N PRO A 204 -58.92 18.55 3.08
CA PRO A 204 -58.03 18.58 1.91
C PRO A 204 -57.03 19.73 1.97
N ILE A 205 -55.83 19.50 1.44
CA ILE A 205 -54.87 20.59 1.28
C ILE A 205 -55.05 21.26 -0.08
N ASN A 206 -55.07 22.58 -0.08
CA ASN A 206 -55.30 23.34 -1.31
C ASN A 206 -54.00 23.81 -1.96
N ALA A 207 -53.61 23.14 -3.04
CA ALA A 207 -52.39 23.51 -3.76
C ALA A 207 -52.48 24.89 -4.40
N SER A 208 -53.69 25.27 -4.80
CA SER A 208 -53.95 26.55 -5.46
C SER A 208 -52.92 26.91 -6.52
N GLY A 209 -52.31 28.08 -6.34
CA GLY A 209 -51.17 28.50 -7.12
C GLY A 209 -49.94 28.57 -6.23
N VAL A 210 -49.42 27.39 -5.88
CA VAL A 210 -48.16 27.32 -5.14
C VAL A 210 -46.99 26.96 -6.06
N ASP A 211 -45.93 27.76 -5.99
CA ASP A 211 -44.77 27.55 -6.86
C ASP A 211 -43.89 26.46 -6.28
N ALA A 212 -44.37 25.22 -6.34
CA ALA A 212 -43.66 24.09 -5.75
C ALA A 212 -42.34 23.83 -6.44
N LYS A 213 -42.24 24.13 -7.74
CA LYS A 213 -41.02 23.87 -8.47
C LYS A 213 -39.88 24.73 -7.96
N ALA A 214 -40.14 26.02 -7.83
CA ALA A 214 -39.13 26.97 -7.38
C ALA A 214 -38.72 26.71 -5.94
N ILE A 215 -39.67 26.25 -5.12
CA ILE A 215 -39.39 26.04 -3.71
C ILE A 215 -38.61 24.75 -3.47
N LEU A 216 -39.07 23.65 -4.08
CA LEU A 216 -38.43 22.36 -3.91
C LEU A 216 -37.09 22.21 -4.62
N SER A 217 -36.90 22.92 -5.72
CA SER A 217 -35.65 22.85 -6.47
C SER A 217 -34.69 24.00 -6.15
N ALA A 218 -35.07 24.83 -5.18
CA ALA A 218 -34.22 25.94 -4.76
C ALA A 218 -32.92 25.45 -4.13
N ARG A 219 -31.84 26.19 -4.33
CA ARG A 219 -30.55 25.81 -3.78
C ARG A 219 -30.44 26.23 -2.31
N LEU A 220 -31.18 25.54 -1.46
CA LEU A 220 -31.25 25.83 -0.04
C LEU A 220 -31.23 24.51 0.71
N SER A 221 -31.03 24.57 2.02
CA SER A 221 -31.06 23.37 2.85
C SER A 221 -32.44 22.74 2.75
N LYS A 222 -32.51 21.41 2.87
CA LYS A 222 -33.79 20.72 2.72
C LYS A 222 -34.78 21.18 3.78
N SER A 223 -34.30 21.46 4.97
CA SER A 223 -35.16 21.93 6.04
C SER A 223 -35.75 23.29 5.68
N ARG A 224 -34.95 24.11 5.02
CA ARG A 224 -35.39 25.43 4.58
C ARG A 224 -36.46 25.31 3.50
N ARG A 225 -36.26 24.36 2.58
CA ARG A 225 -37.23 24.14 1.52
C ARG A 225 -38.55 23.60 2.10
N LEU A 226 -38.42 22.86 3.20
CA LEU A 226 -39.59 22.34 3.89
C LEU A 226 -40.39 23.46 4.56
N GLU A 227 -39.69 24.32 5.30
CA GLU A 227 -40.34 25.43 5.97
C GLU A 227 -40.94 26.41 4.97
N ASN A 228 -40.24 26.58 3.85
CA ASN A 228 -40.69 27.48 2.80
C ASN A 228 -41.94 26.95 2.11
N LEU A 229 -41.95 25.66 1.81
CA LEU A 229 -43.11 25.08 1.15
C LEU A 229 -44.32 25.05 2.07
N ILE A 230 -44.09 24.74 3.35
CA ILE A 230 -45.17 24.71 4.32
C ILE A 230 -45.71 26.12 4.61
N ALA A 231 -44.85 27.12 4.42
CA ALA A 231 -45.28 28.52 4.56
C ALA A 231 -46.36 28.87 3.54
N GLN A 232 -46.37 28.17 2.41
CA GLN A 232 -47.38 28.38 1.37
C GLN A 232 -48.69 27.65 1.66
N LEU A 233 -48.69 26.82 2.70
CA LEU A 233 -49.88 26.05 3.06
C LEU A 233 -50.34 26.37 4.48
N PRO A 234 -51.31 27.29 4.61
CA PRO A 234 -51.83 27.72 5.91
C PRO A 234 -52.51 26.58 6.65
N GLY A 235 -52.38 26.58 7.98
CA GLY A 235 -53.03 25.58 8.80
C GLY A 235 -52.25 24.29 8.87
N GLU A 236 -51.07 24.28 8.26
CA GLU A 236 -50.22 23.09 8.26
C GLU A 236 -48.92 23.33 9.03
N LYS A 237 -48.66 22.45 10.00
CA LYS A 237 -47.38 22.47 10.72
C LYS A 237 -46.34 21.56 10.07
N LYS A 238 -45.07 21.78 10.41
CA LYS A 238 -43.97 20.98 9.86
C LYS A 238 -44.06 19.51 10.25
N ASN A 239 -44.63 19.23 11.42
CA ASN A 239 -44.75 17.88 11.94
C ASN A 239 -45.96 17.13 11.38
N GLY A 240 -46.79 17.84 10.64
CA GLY A 240 -48.03 17.28 10.13
C GLY A 240 -47.73 16.21 9.09
N LEU A 241 -48.71 15.37 8.78
CA LEU A 241 -48.48 14.24 7.89
C LEU A 241 -48.01 14.67 6.51
N PHE A 242 -48.67 15.67 5.93
CA PHE A 242 -48.27 16.16 4.61
C PHE A 242 -46.89 16.80 4.64
N GLY A 243 -46.58 17.47 5.76
CA GLY A 243 -45.30 18.11 5.90
C GLY A 243 -44.21 17.07 6.06
N ASN A 244 -44.55 16.00 6.76
CA ASN A 244 -43.64 14.87 6.91
C ASN A 244 -43.41 14.14 5.58
N LEU A 245 -44.43 14.12 4.73
CA LEU A 245 -44.29 13.56 3.39
C LEU A 245 -43.41 14.44 2.51
N ILE A 246 -43.57 15.75 2.65
CA ILE A 246 -42.73 16.68 1.91
C ILE A 246 -41.28 16.56 2.37
N ALA A 247 -41.09 16.36 3.66
CA ALA A 247 -39.77 16.16 4.23
C ALA A 247 -39.18 14.84 3.75
N LEU A 248 -40.05 13.86 3.53
CA LEU A 248 -39.61 12.59 2.97
C LEU A 248 -39.12 12.79 1.55
N SER A 249 -39.84 13.63 0.79
CA SER A 249 -39.45 13.92 -0.59
C SER A 249 -38.16 14.72 -0.71
N LEU A 250 -37.93 15.63 0.23
CA LEU A 250 -36.77 16.50 0.18
C LEU A 250 -35.46 15.79 0.48
N GLY A 251 -35.54 14.65 1.15
CA GLY A 251 -34.34 13.95 1.57
C GLY A 251 -34.15 13.81 3.07
N LEU A 252 -35.11 14.30 3.85
CA LEU A 252 -35.01 14.26 5.31
C LEU A 252 -35.46 12.91 5.87
N THR A 253 -35.50 12.81 7.20
CA THR A 253 -35.90 11.56 7.86
C THR A 253 -37.01 11.81 8.87
N PRO A 254 -38.24 12.02 8.37
CA PRO A 254 -39.44 12.27 9.18
C PRO A 254 -39.79 11.07 10.04
N ASN A 255 -40.34 11.34 11.22
CA ASN A 255 -40.90 10.26 12.05
C ASN A 255 -42.42 10.33 12.01
N PHE A 256 -43.03 9.25 11.53
CA PHE A 256 -44.48 9.22 11.34
C PHE A 256 -45.28 8.72 12.55
N LYS A 257 -44.58 8.35 13.62
CA LYS A 257 -45.27 7.79 14.79
C LYS A 257 -46.23 8.78 15.45
N SER A 258 -45.90 10.06 15.42
CA SER A 258 -46.78 11.09 15.98
C SER A 258 -48.01 11.29 15.10
N ASN A 259 -47.83 11.17 13.79
CA ASN A 259 -48.93 11.37 12.84
C ASN A 259 -50.01 10.30 12.94
N PHE A 260 -49.61 9.09 13.35
CA PHE A 260 -50.53 7.96 13.39
C PHE A 260 -50.74 7.40 14.79
N ASP A 261 -50.21 8.09 15.79
CA ASP A 261 -50.31 7.66 17.19
C ASP A 261 -49.75 6.27 17.39
N LEU A 262 -48.67 5.96 16.68
CA LEU A 262 -48.01 4.67 16.77
C LEU A 262 -47.35 4.45 18.13
N ALA A 263 -47.33 3.20 18.57
CA ALA A 263 -46.67 2.84 19.82
C ALA A 263 -45.15 2.98 19.74
N GLU A 264 -44.61 2.91 18.52
CA GLU A 264 -43.17 2.84 18.34
C GLU A 264 -42.69 3.74 17.21
N ASP A 265 -41.39 3.99 17.17
CA ASP A 265 -40.78 4.88 16.19
C ASP A 265 -41.01 4.38 14.76
N ALA A 266 -41.28 5.32 13.85
CA ALA A 266 -41.51 4.98 12.46
C ALA A 266 -40.82 5.99 11.54
N LYS A 267 -39.51 6.11 11.68
CA LYS A 267 -38.72 6.99 10.82
C LYS A 267 -38.60 6.41 9.42
N LEU A 268 -38.54 7.28 8.42
CA LEU A 268 -38.38 6.85 7.04
C LEU A 268 -37.40 7.73 6.28
N GLN A 269 -36.57 7.09 5.47
CA GLN A 269 -35.61 7.80 4.63
C GLN A 269 -35.45 7.02 3.35
N LEU A 270 -35.79 7.65 2.23
CA LEU A 270 -35.82 6.96 0.94
C LEU A 270 -34.44 6.43 0.55
N SER A 271 -33.39 7.15 0.93
CA SER A 271 -32.02 6.76 0.60
C SER A 271 -31.58 5.52 1.35
N LYS A 272 -32.20 5.27 2.50
CA LYS A 272 -31.83 4.13 3.33
C LYS A 272 -32.15 2.82 2.61
N ASP A 273 -31.26 1.85 2.74
CA ASP A 273 -31.43 0.57 2.06
C ASP A 273 -32.65 -0.21 2.54
N THR A 274 -33.04 0.03 3.78
CA THR A 274 -34.16 -0.70 4.38
C THR A 274 -35.51 -0.03 4.17
N TYR A 275 -35.54 1.06 3.41
CA TYR A 275 -36.75 1.89 3.34
C TYR A 275 -37.96 1.13 2.84
N ASP A 276 -37.78 0.17 1.95
CA ASP A 276 -38.90 -0.60 1.44
C ASP A 276 -39.51 -1.45 2.55
N ASP A 277 -38.66 -2.18 3.27
CA ASP A 277 -39.13 -3.00 4.37
C ASP A 277 -39.71 -2.14 5.50
N ASP A 278 -39.11 -0.97 5.71
CA ASP A 278 -39.57 -0.07 6.76
C ASP A 278 -40.96 0.45 6.42
N LEU A 279 -41.14 0.82 5.15
CA LEU A 279 -42.43 1.30 4.68
C LEU A 279 -43.46 0.21 4.79
N ASP A 280 -43.03 -1.03 4.54
CA ASP A 280 -43.93 -2.17 4.68
C ASP A 280 -44.35 -2.38 6.14
N ASN A 281 -43.45 -2.09 7.07
CA ASN A 281 -43.80 -2.18 8.49
C ASN A 281 -44.82 -1.11 8.84
N LEU A 282 -44.60 0.10 8.31
CA LEU A 282 -45.51 1.21 8.57
C LEU A 282 -46.89 0.92 8.00
N LEU A 283 -46.91 0.30 6.82
CA LEU A 283 -48.17 -0.10 6.21
C LEU A 283 -48.83 -1.19 7.03
N ALA A 284 -48.01 -2.05 7.62
CA ALA A 284 -48.52 -3.13 8.46
C ALA A 284 -49.17 -2.57 9.71
N GLN A 285 -48.76 -1.37 10.10
CA GLN A 285 -49.42 -0.71 11.23
C GLN A 285 -50.63 0.15 10.84
N ILE A 286 -50.41 1.14 9.97
CA ILE A 286 -51.45 2.10 9.61
C ILE A 286 -52.44 1.65 8.53
N GLY A 287 -52.17 0.53 7.87
CA GLY A 287 -53.01 0.05 6.79
C GLY A 287 -52.49 0.39 5.40
N ASP A 288 -52.94 -0.37 4.41
CA ASP A 288 -52.38 -0.29 3.05
C ASP A 288 -52.90 0.88 2.22
N GLN A 289 -53.91 1.58 2.72
CA GLN A 289 -54.49 2.71 1.99
C GLN A 289 -53.48 3.83 1.80
N TYR A 290 -52.52 3.90 2.71
CA TYR A 290 -51.53 4.95 2.67
C TYR A 290 -50.35 4.66 1.74
N ALA A 291 -50.29 3.45 1.19
CA ALA A 291 -49.14 3.06 0.38
C ALA A 291 -48.97 3.92 -0.87
N ASP A 292 -50.08 4.21 -1.56
CA ASP A 292 -50.04 5.03 -2.76
C ASP A 292 -49.58 6.45 -2.46
N LEU A 293 -49.86 6.91 -1.24
CA LEU A 293 -49.45 8.23 -0.81
C LEU A 293 -47.94 8.33 -0.70
N PHE A 294 -47.34 7.37 -0.02
CA PHE A 294 -45.90 7.30 0.09
C PHE A 294 -45.24 7.07 -1.27
N LEU A 295 -45.88 6.29 -2.13
CA LEU A 295 -45.35 6.07 -3.46
C LEU A 295 -45.35 7.41 -4.20
N ALA A 296 -46.36 8.22 -3.93
CA ALA A 296 -46.44 9.55 -4.54
C ALA A 296 -45.29 10.44 -4.04
N ALA A 297 -44.98 10.33 -2.75
CA ALA A 297 -43.90 11.14 -2.21
C ALA A 297 -42.56 10.74 -2.83
N LYS A 298 -42.38 9.44 -3.02
CA LYS A 298 -41.18 8.93 -3.66
C LYS A 298 -41.09 9.43 -5.11
N ASN A 299 -42.23 9.46 -5.80
CA ASN A 299 -42.26 9.98 -7.17
C ASN A 299 -41.90 11.46 -7.22
N LEU A 300 -42.30 12.19 -6.18
CA LEU A 300 -41.94 13.61 -6.10
C LEU A 300 -40.44 13.76 -5.92
N SER A 301 -39.85 12.91 -5.08
CA SER A 301 -38.41 12.98 -4.87
C SER A 301 -37.69 12.66 -6.17
N ASP A 302 -38.24 11.72 -6.92
CA ASP A 302 -37.66 11.37 -8.20
C ASP A 302 -37.76 12.52 -9.19
N ALA A 303 -38.84 13.30 -9.10
CA ALA A 303 -38.98 14.46 -9.97
C ALA A 303 -37.93 15.51 -9.65
N ILE A 304 -37.64 15.67 -8.36
CA ILE A 304 -36.65 16.66 -7.96
C ILE A 304 -35.26 16.25 -8.44
N LEU A 305 -34.89 15.00 -8.18
CA LEU A 305 -33.55 14.53 -8.60
C LEU A 305 -33.40 14.50 -10.12
N LEU A 306 -34.48 14.17 -10.82
CA LEU A 306 -34.44 14.08 -12.28
C LEU A 306 -34.32 15.47 -12.90
N SER A 307 -35.07 16.42 -12.34
CA SER A 307 -34.98 17.79 -12.83
C SER A 307 -33.59 18.35 -12.54
N ASP A 308 -32.98 17.88 -11.46
CA ASP A 308 -31.63 18.33 -11.10
C ASP A 308 -30.55 17.78 -12.02
N ILE A 309 -30.60 16.48 -12.30
CA ILE A 309 -29.63 15.89 -13.23
C ILE A 309 -29.83 16.34 -14.68
N LEU A 310 -31.06 16.67 -15.03
CA LEU A 310 -31.34 17.20 -16.37
C LEU A 310 -30.98 18.67 -16.49
N ARG A 311 -30.78 19.31 -15.35
CA ARG A 311 -30.46 20.75 -15.31
C ARG A 311 -30.04 21.18 -13.90
N LYS A 318 -26.48 12.95 -23.78
CA LYS A 318 -25.34 12.13 -23.40
C LYS A 318 -25.65 11.23 -22.21
N ALA A 319 -24.87 11.38 -21.15
CA ALA A 319 -25.07 10.63 -19.92
C ALA A 319 -25.10 11.59 -18.74
N PRO A 320 -26.25 12.27 -18.55
CA PRO A 320 -26.38 13.31 -17.50
C PRO A 320 -26.14 12.76 -16.09
N LEU A 321 -26.49 11.51 -15.83
CA LEU A 321 -26.30 10.94 -14.50
C LEU A 321 -24.81 10.79 -14.18
N SER A 322 -24.10 10.13 -15.11
CA SER A 322 -22.68 9.90 -14.93
C SER A 322 -21.93 11.22 -14.90
N ALA A 323 -22.40 12.18 -15.69
CA ALA A 323 -21.81 13.51 -15.72
C ALA A 323 -22.01 14.24 -14.40
N SER A 324 -23.19 14.07 -13.78
CA SER A 324 -23.47 14.70 -12.50
C SER A 324 -22.62 14.07 -11.40
N MET A 325 -22.42 12.76 -11.49
CA MET A 325 -21.58 12.06 -10.51
C MET A 325 -20.12 12.50 -10.64
N ILE A 326 -19.67 12.64 -11.87
CA ILE A 326 -18.31 13.11 -12.12
C ILE A 326 -18.17 14.54 -11.61
N LYS A 327 -19.24 15.32 -11.74
CA LYS A 327 -19.22 16.70 -11.28
C LYS A 327 -19.11 16.75 -9.76
N ARG A 328 -19.83 15.86 -9.10
CA ARG A 328 -19.79 15.79 -7.64
C ARG A 328 -18.39 15.39 -7.21
N TYR A 329 -17.77 14.53 -8.01
CA TYR A 329 -16.42 14.05 -7.70
C TYR A 329 -15.38 15.18 -7.81
N ASP A 330 -15.43 15.90 -8.93
CA ASP A 330 -14.47 16.97 -9.16
C ASP A 330 -14.65 18.08 -8.14
N GLU A 331 -15.92 18.37 -7.83
CA GLU A 331 -16.24 19.43 -6.89
C GLU A 331 -15.73 19.04 -5.50
N HIS A 332 -15.90 17.76 -5.18
CA HIS A 332 -15.45 17.23 -3.90
C HIS A 332 -13.95 17.36 -3.79
N HIS A 333 -13.26 17.13 -4.90
CA HIS A 333 -11.80 17.16 -4.86
C HIS A 333 -11.20 18.57 -4.83
N GLN A 334 -11.71 19.49 -5.63
CA GLN A 334 -11.20 20.86 -5.55
C GLN A 334 -11.57 21.51 -4.22
N ASP A 335 -12.74 21.17 -3.68
CA ASP A 335 -13.10 21.65 -2.35
C ASP A 335 -12.15 21.07 -1.32
N LEU A 336 -11.74 19.82 -1.54
CA LEU A 336 -10.83 19.17 -0.61
C LEU A 336 -9.43 19.78 -0.62
N THR A 337 -8.87 19.98 -1.81
CA THR A 337 -7.54 20.60 -1.91
C THR A 337 -7.54 22.04 -1.41
N LEU A 338 -8.63 22.76 -1.66
CA LEU A 338 -8.72 24.13 -1.17
C LEU A 338 -8.75 24.13 0.34
N LEU A 339 -9.57 23.25 0.91
CA LEU A 339 -9.70 23.18 2.36
C LEU A 339 -8.37 22.77 2.98
N LYS A 340 -7.63 21.91 2.28
CA LYS A 340 -6.35 21.46 2.78
C LYS A 340 -5.35 22.61 2.79
N ALA A 341 -5.31 23.38 1.71
CA ALA A 341 -4.39 24.50 1.62
C ALA A 341 -4.70 25.52 2.70
N LEU A 342 -5.99 25.72 2.96
CA LEU A 342 -6.42 26.68 3.98
C LEU A 342 -5.99 26.21 5.37
N VAL A 343 -6.27 24.95 5.69
CA VAL A 343 -5.92 24.40 7.00
C VAL A 343 -4.40 24.36 7.21
N ARG A 344 -3.65 24.20 6.13
CA ARG A 344 -2.20 24.30 6.21
C ARG A 344 -1.81 25.72 6.57
N GLN A 345 -2.38 26.69 5.85
CA GLN A 345 -2.01 28.10 6.03
C GLN A 345 -2.42 28.72 7.37
N GLN A 346 -3.53 28.27 7.94
CA GLN A 346 -4.13 29.02 9.05
C GLN A 346 -4.23 28.26 10.37
N LEU A 347 -4.61 26.99 10.33
CA LEU A 347 -4.74 26.19 11.54
C LEU A 347 -4.01 24.87 11.40
N PRO A 348 -2.66 24.91 11.39
CA PRO A 348 -1.81 23.72 11.23
C PRO A 348 -2.02 22.68 12.31
N GLU A 349 -2.33 23.13 13.53
CA GLU A 349 -2.50 22.23 14.67
C GLU A 349 -3.68 21.28 14.48
N LYS A 350 -4.70 21.77 13.80
CA LYS A 350 -5.91 20.97 13.57
C LYS A 350 -5.84 20.09 12.33
N TYR A 351 -4.79 20.25 11.53
CA TYR A 351 -4.72 19.59 10.23
C TYR A 351 -4.74 18.06 10.31
N LYS A 352 -3.89 17.51 11.17
CA LYS A 352 -3.79 16.06 11.33
C LYS A 352 -5.11 15.50 11.85
N GLU A 353 -5.72 16.26 12.76
CA GLU A 353 -6.99 15.88 13.37
C GLU A 353 -8.12 15.87 12.34
N ILE A 354 -8.08 16.82 11.41
CA ILE A 354 -9.14 16.95 10.42
C ILE A 354 -9.00 15.94 9.28
N PHE A 355 -7.78 15.75 8.81
CA PHE A 355 -7.56 14.94 7.60
C PHE A 355 -7.01 13.53 7.80
N PHE A 356 -6.61 13.18 9.02
CA PHE A 356 -5.97 11.89 9.24
C PHE A 356 -6.56 11.07 10.39
N ASP A 357 -7.32 11.72 11.27
CA ASP A 357 -7.88 11.05 12.43
C ASP A 357 -9.25 10.45 12.14
N GLN A 358 -9.29 9.13 11.93
CA GLN A 358 -10.54 8.43 11.65
C GLN A 358 -11.49 8.48 12.86
N SER A 359 -10.93 8.52 14.06
CA SER A 359 -11.75 8.53 15.28
C SER A 359 -12.56 9.81 15.42
N LYS A 360 -12.02 10.92 14.95
CA LYS A 360 -12.68 12.20 15.07
C LYS A 360 -13.68 12.48 13.95
N ASN A 361 -14.57 13.44 14.18
CA ASN A 361 -15.65 13.75 13.24
C ASN A 361 -15.23 14.69 12.12
N GLY A 362 -13.93 14.81 11.89
CA GLY A 362 -13.42 15.61 10.80
C GLY A 362 -13.49 14.83 9.50
N TYR A 363 -12.83 15.33 8.47
CA TYR A 363 -12.93 14.74 7.13
C TYR A 363 -12.45 13.29 7.08
N ALA A 364 -11.44 12.96 7.87
CA ALA A 364 -10.93 11.60 7.92
C ALA A 364 -11.97 10.65 8.48
N GLY A 365 -12.73 11.13 9.47
CA GLY A 365 -13.76 10.30 10.08
C GLY A 365 -15.01 10.25 9.23
N TYR A 366 -15.14 11.21 8.34
CA TYR A 366 -16.27 11.24 7.43
C TYR A 366 -16.06 10.28 6.28
N ILE A 367 -14.86 10.27 5.71
CA ILE A 367 -14.58 9.41 4.56
C ILE A 367 -14.26 7.95 4.92
N ASP A 368 -13.52 7.75 6.01
CA ASP A 368 -13.06 6.40 6.35
C ASP A 368 -13.39 5.98 7.78
N GLY A 369 -13.85 6.94 8.58
CA GLY A 369 -14.38 6.63 9.89
C GLY A 369 -15.86 6.37 9.76
N GLY A 370 -16.57 6.37 10.88
CA GLY A 370 -18.01 6.20 10.86
C GLY A 370 -18.75 7.47 11.22
N ALA A 371 -18.58 8.51 10.40
CA ALA A 371 -19.23 9.78 10.69
C ALA A 371 -20.27 10.17 9.64
N SER A 372 -21.45 10.57 10.11
CA SER A 372 -22.51 11.04 9.25
C SER A 372 -22.17 12.43 8.72
N GLN A 373 -22.77 12.79 7.59
CA GLN A 373 -22.56 14.11 7.00
C GLN A 373 -22.98 15.20 7.98
N GLU A 374 -23.98 14.91 8.80
CA GLU A 374 -24.42 15.85 9.82
C GLU A 374 -23.34 16.04 10.90
N GLU A 375 -22.75 14.94 11.35
CA GLU A 375 -21.69 15.01 12.37
C GLU A 375 -20.47 15.74 11.82
N PHE A 376 -20.19 15.52 10.54
CA PHE A 376 -19.02 16.10 9.91
C PHE A 376 -19.19 17.60 9.72
N TYR A 377 -20.36 17.99 9.21
CA TYR A 377 -20.65 19.40 9.05
C TYR A 377 -20.69 20.10 10.40
N LYS A 378 -21.20 19.41 11.42
CA LYS A 378 -21.21 19.97 12.77
C LYS A 378 -19.78 20.16 13.27
N PHE A 379 -18.88 19.27 12.83
CA PHE A 379 -17.49 19.39 13.23
C PHE A 379 -16.81 20.58 12.56
N ILE A 380 -16.93 20.69 11.24
CA ILE A 380 -16.21 21.74 10.52
C ILE A 380 -16.88 23.12 10.47
N LYS A 381 -18.15 23.20 10.86
CA LYS A 381 -18.86 24.49 10.83
C LYS A 381 -18.15 25.58 11.67
N PRO A 382 -17.85 25.29 12.95
CA PRO A 382 -17.06 26.29 13.68
C PRO A 382 -15.70 26.57 13.04
N ILE A 383 -15.09 25.53 12.47
CA ILE A 383 -13.74 25.65 11.95
C ILE A 383 -13.68 26.48 10.67
N LEU A 384 -14.65 26.30 9.80
CA LEU A 384 -14.74 27.11 8.59
C LEU A 384 -15.04 28.58 8.87
N GLU A 385 -15.77 28.83 9.95
CA GLU A 385 -16.15 30.19 10.32
C GLU A 385 -14.98 30.94 10.96
N LYS A 386 -14.26 30.26 11.85
CA LYS A 386 -13.09 30.84 12.50
C LYS A 386 -11.97 31.02 11.49
N MET A 387 -12.05 30.26 10.40
CA MET A 387 -11.03 30.25 9.36
C MET A 387 -10.92 31.60 8.65
N ASP A 388 -12.07 32.13 8.23
CA ASP A 388 -12.15 33.34 7.41
C ASP A 388 -11.37 33.25 6.09
N GLY A 389 -10.88 32.05 5.76
CA GLY A 389 -10.14 31.83 4.54
C GLY A 389 -11.02 31.77 3.29
N THR A 390 -12.23 31.22 3.46
CA THR A 390 -13.18 31.10 2.36
C THR A 390 -14.58 30.83 2.90
N GLU A 391 -15.54 31.62 2.45
CA GLU A 391 -16.93 31.50 2.90
C GLU A 391 -17.77 30.66 1.93
N GLU A 392 -17.30 30.51 0.71
CA GLU A 392 -18.05 29.75 -0.29
C GLU A 392 -18.21 28.30 0.12
N LEU A 393 -17.20 27.76 0.81
CA LEU A 393 -17.29 26.41 1.33
C LEU A 393 -18.40 26.32 2.37
N LEU A 394 -18.58 27.40 3.12
CA LEU A 394 -19.68 27.48 4.08
C LEU A 394 -21.02 27.55 3.35
N VAL A 395 -21.02 28.19 2.19
CA VAL A 395 -22.24 28.26 1.38
C VAL A 395 -22.62 26.88 0.87
N LYS A 396 -21.62 26.13 0.40
CA LYS A 396 -21.85 24.75 -0.04
C LYS A 396 -22.26 23.86 1.12
N LEU A 397 -21.77 24.20 2.32
CA LEU A 397 -22.07 23.41 3.50
C LEU A 397 -23.53 23.61 3.92
N ASN A 398 -23.97 24.86 3.94
CA ASN A 398 -25.34 25.17 4.35
C ASN A 398 -26.37 24.58 3.39
N ARG A 399 -25.97 24.46 2.13
CA ARG A 399 -26.80 23.85 1.09
C ARG A 399 -26.55 22.35 1.04
N GLU A 400 -25.67 21.89 1.93
CA GLU A 400 -25.33 20.47 2.04
C GLU A 400 -24.76 19.89 0.75
N ASP A 401 -23.89 20.67 0.11
CA ASP A 401 -23.22 20.26 -1.12
C ASP A 401 -21.72 20.39 -1.02
N LEU A 402 -21.20 20.41 0.21
CA LEU A 402 -19.78 20.69 0.44
C LEU A 402 -18.83 19.57 0.00
N LEU A 403 -19.02 18.38 0.55
CA LEU A 403 -18.14 17.27 0.22
C LEU A 403 -18.94 15.99 0.09
N ARG A 404 -19.82 15.95 -0.90
CA ARG A 404 -20.68 14.80 -1.11
C ARG A 404 -19.87 13.57 -1.50
N LYS A 405 -20.26 12.43 -0.95
CA LYS A 405 -19.68 11.14 -1.33
C LYS A 405 -20.27 10.58 -2.62
N GLN A 406 -19.50 9.74 -3.30
CA GLN A 406 -20.00 8.99 -4.45
C GLN A 406 -21.10 8.01 -4.09
N ARG A 407 -21.05 7.48 -2.87
CA ARG A 407 -21.99 6.45 -2.44
C ARG A 407 -23.26 7.01 -1.78
N THR A 408 -23.97 7.85 -2.53
CA THR A 408 -25.26 8.37 -2.05
C THR A 408 -26.11 8.99 -3.15
N PHE A 409 -27.42 8.86 -2.99
CA PHE A 409 -28.40 9.63 -3.75
C PHE A 409 -29.40 10.12 -2.74
N ASP A 410 -29.61 11.44 -2.68
CA ASP A 410 -30.41 12.03 -1.62
C ASP A 410 -31.88 11.61 -1.68
N ASN A 411 -32.22 10.64 -0.83
CA ASN A 411 -33.57 10.08 -0.76
C ASN A 411 -34.14 9.64 -2.10
N GLY A 412 -33.62 8.55 -2.64
CA GLY A 412 -34.19 8.00 -3.84
C GLY A 412 -33.39 6.90 -4.49
N SER A 413 -34.11 5.96 -5.10
CA SER A 413 -33.53 5.03 -6.04
C SER A 413 -33.81 5.60 -7.43
N ILE A 414 -32.84 5.45 -8.34
CA ILE A 414 -32.95 6.00 -9.68
C ILE A 414 -33.91 5.19 -10.57
N PRO A 415 -34.71 5.89 -11.40
CA PRO A 415 -35.50 5.20 -12.42
C PRO A 415 -34.60 4.50 -13.44
N HIS A 416 -35.05 3.33 -13.90
CA HIS A 416 -34.24 2.49 -14.79
C HIS A 416 -33.99 3.11 -16.15
N GLN A 417 -34.86 4.05 -16.55
CA GLN A 417 -34.80 4.61 -17.90
C GLN A 417 -33.50 5.35 -18.17
N ILE A 418 -32.90 5.92 -17.13
CA ILE A 418 -31.64 6.64 -17.29
C ILE A 418 -30.50 5.68 -17.61
N HIS A 419 -30.41 4.62 -16.82
CA HIS A 419 -29.39 3.60 -17.04
C HIS A 419 -29.61 2.96 -18.40
N LEU A 420 -30.88 2.82 -18.78
CA LEU A 420 -31.22 2.26 -20.08
C LEU A 420 -30.76 3.18 -21.22
N GLY A 421 -30.83 4.49 -20.98
CA GLY A 421 -30.43 5.44 -22.00
C GLY A 421 -28.93 5.41 -22.18
N GLU A 422 -28.21 5.28 -21.08
CA GLU A 422 -26.75 5.12 -21.15
C GLU A 422 -26.38 3.79 -21.80
N LEU A 423 -27.24 2.79 -21.60
CA LEU A 423 -27.05 1.46 -22.18
C LEU A 423 -27.13 1.54 -23.70
N HIS A 424 -28.18 2.17 -24.20
CA HIS A 424 -28.36 2.36 -25.63
C HIS A 424 -27.23 3.23 -26.18
N ALA A 425 -26.77 4.19 -25.39
CA ALA A 425 -25.73 5.07 -25.88
C ALA A 425 -24.43 4.30 -26.07
N ILE A 426 -24.00 3.57 -25.03
CA ILE A 426 -22.76 2.82 -25.10
C ILE A 426 -22.83 1.74 -26.17
N LEU A 427 -23.99 1.10 -26.31
CA LEU A 427 -24.11 0.05 -27.32
C LEU A 427 -24.09 0.61 -28.73
N ARG A 428 -24.87 1.65 -28.97
CA ARG A 428 -24.96 2.25 -30.29
C ARG A 428 -23.60 2.82 -30.69
N ARG A 429 -22.86 3.34 -29.71
CA ARG A 429 -21.56 3.93 -29.98
C ARG A 429 -20.52 2.89 -30.39
N GLN A 430 -20.58 1.71 -29.78
CA GLN A 430 -19.55 0.70 -29.96
C GLN A 430 -19.95 -0.47 -30.86
N GLU A 431 -21.19 -0.46 -31.34
CA GLU A 431 -21.69 -1.57 -32.14
C GLU A 431 -20.97 -1.75 -33.47
N ASP A 432 -20.45 -0.67 -34.03
CA ASP A 432 -19.75 -0.73 -35.30
C ASP A 432 -18.46 -1.54 -35.18
N PHE A 433 -17.67 -1.23 -34.15
CA PHE A 433 -16.43 -1.95 -33.88
C PHE A 433 -16.63 -3.39 -33.46
N TYR A 434 -17.72 -3.65 -32.75
CA TYR A 434 -18.02 -4.99 -32.25
C TYR A 434 -19.39 -5.44 -32.74
N PRO A 435 -19.43 -6.23 -33.82
CA PRO A 435 -20.68 -6.64 -34.47
C PRO A 435 -21.65 -7.39 -33.56
N PHE A 436 -21.13 -8.17 -32.62
CA PHE A 436 -22.00 -8.94 -31.73
C PHE A 436 -22.82 -8.05 -30.80
N LEU A 437 -22.30 -6.86 -30.50
CA LEU A 437 -23.07 -5.89 -29.73
C LEU A 437 -24.27 -5.41 -30.54
N LYS A 438 -24.04 -5.18 -31.83
CA LYS A 438 -25.12 -4.75 -32.72
C LYS A 438 -26.15 -5.86 -32.89
N ASP A 439 -25.68 -7.09 -32.93
CA ASP A 439 -26.57 -8.23 -33.08
C ASP A 439 -27.39 -8.54 -31.82
N ASN A 440 -26.77 -8.35 -30.66
CA ASN A 440 -27.40 -8.72 -29.40
C ASN A 440 -27.92 -7.53 -28.62
N ARG A 441 -28.01 -6.39 -29.29
CA ARG A 441 -28.33 -5.13 -28.63
C ARG A 441 -29.66 -5.27 -27.88
N GLU A 442 -30.69 -5.70 -28.59
CA GLU A 442 -32.03 -5.80 -28.00
C GLU A 442 -32.01 -6.77 -26.82
N LYS A 443 -31.22 -7.83 -26.92
CA LYS A 443 -31.12 -8.80 -25.84
C LYS A 443 -30.47 -8.17 -24.61
N ILE A 444 -29.46 -7.33 -24.84
CA ILE A 444 -28.73 -6.69 -23.75
C ILE A 444 -29.62 -5.71 -23.00
N GLU A 445 -30.44 -4.97 -23.75
CA GLU A 445 -31.38 -4.05 -23.14
C GLU A 445 -32.45 -4.82 -22.37
N LYS A 446 -32.87 -5.94 -22.96
CA LYS A 446 -33.88 -6.78 -22.34
C LYS A 446 -33.38 -7.40 -21.04
N ILE A 447 -32.07 -7.62 -20.94
CA ILE A 447 -31.54 -8.15 -19.68
C ILE A 447 -31.76 -7.15 -18.55
N LEU A 448 -31.50 -5.87 -18.83
CA LEU A 448 -31.73 -4.82 -17.83
C LEU A 448 -33.21 -4.62 -17.55
N THR A 449 -34.04 -4.79 -18.58
CA THR A 449 -35.47 -4.52 -18.43
C THR A 449 -36.35 -5.70 -18.02
N PHE A 450 -35.98 -6.92 -18.40
CA PHE A 450 -36.80 -8.10 -18.09
C PHE A 450 -36.88 -8.35 -16.58
N ARG A 451 -38.06 -8.75 -16.13
CA ARG A 451 -38.29 -9.01 -14.70
C ARG A 451 -38.62 -10.48 -14.46
N PRO A 507 -24.46 -25.32 -14.66
CA PRO A 507 -25.28 -24.89 -13.51
C PRO A 507 -24.91 -23.48 -13.03
N ASN A 508 -25.04 -23.25 -11.73
CA ASN A 508 -24.83 -21.93 -11.14
C ASN A 508 -23.40 -21.39 -11.23
N GLU A 509 -22.41 -22.27 -11.18
CA GLU A 509 -21.02 -21.84 -10.97
C GLU A 509 -20.09 -21.99 -12.16
N LYS A 510 -19.00 -21.23 -12.11
CA LYS A 510 -18.00 -21.20 -13.18
C LYS A 510 -17.13 -22.45 -13.25
N VAL A 511 -16.61 -22.71 -14.45
CA VAL A 511 -15.81 -23.89 -14.73
C VAL A 511 -14.44 -23.90 -14.05
N LEU A 512 -13.91 -25.10 -13.84
CA LEU A 512 -12.55 -25.28 -13.33
C LEU A 512 -11.53 -24.86 -14.37
N PRO A 513 -10.32 -24.47 -13.92
CA PRO A 513 -9.24 -24.23 -14.89
C PRO A 513 -8.95 -25.52 -15.64
N LYS A 514 -8.60 -25.42 -16.92
CA LYS A 514 -8.45 -26.60 -17.76
C LYS A 514 -7.36 -27.53 -17.21
N HIS A 515 -6.38 -26.94 -16.52
CA HIS A 515 -5.28 -27.70 -15.98
C HIS A 515 -5.35 -27.91 -14.46
N SER A 516 -6.54 -27.75 -13.89
CA SER A 516 -6.76 -28.08 -12.48
C SER A 516 -6.57 -29.58 -12.26
N LEU A 517 -5.99 -29.95 -11.12
CA LEU A 517 -5.71 -31.37 -10.86
C LEU A 517 -6.99 -32.21 -10.81
N LEU A 518 -8.05 -31.62 -10.29
CA LEU A 518 -9.33 -32.29 -10.20
C LEU A 518 -9.90 -32.54 -11.59
N TYR A 519 -9.62 -31.60 -12.49
CA TYR A 519 -10.11 -31.70 -13.86
C TYR A 519 -9.32 -32.74 -14.65
N GLU A 520 -8.00 -32.73 -14.47
CA GLU A 520 -7.15 -33.71 -15.13
C GLU A 520 -7.48 -35.12 -14.62
N TYR A 521 -7.80 -35.21 -13.34
CA TYR A 521 -8.19 -36.48 -12.73
C TYR A 521 -9.51 -36.93 -13.35
N PHE A 522 -10.43 -36.00 -13.48
CA PHE A 522 -11.73 -36.32 -14.06
C PHE A 522 -11.60 -36.77 -15.52
N THR A 523 -10.69 -36.17 -16.27
CA THR A 523 -10.55 -36.53 -17.67
C THR A 523 -9.90 -37.89 -17.82
N VAL A 524 -8.80 -38.12 -17.08
CA VAL A 524 -8.12 -39.40 -17.20
C VAL A 524 -8.99 -40.54 -16.69
N TYR A 525 -9.79 -40.28 -15.66
CA TYR A 525 -10.70 -41.30 -15.15
C TYR A 525 -11.86 -41.56 -16.10
N ASN A 526 -12.44 -40.50 -16.65
CA ASN A 526 -13.56 -40.64 -17.56
C ASN A 526 -13.17 -41.36 -18.84
N GLU A 527 -11.93 -41.15 -19.29
CA GLU A 527 -11.43 -41.91 -20.43
C GLU A 527 -11.10 -43.35 -20.03
N LEU A 528 -10.57 -43.52 -18.82
CA LEU A 528 -10.13 -44.82 -18.34
C LEU A 528 -11.28 -45.78 -18.04
N THR A 529 -12.46 -45.23 -17.74
CA THR A 529 -13.59 -46.04 -17.34
C THR A 529 -14.02 -47.01 -18.45
N LYS A 530 -13.85 -46.59 -19.69
CA LYS A 530 -14.24 -47.44 -20.82
C LYS A 530 -13.08 -48.04 -21.60
N VAL A 531 -12.47 -49.07 -21.03
CA VAL A 531 -11.38 -49.78 -21.65
C VAL A 531 -11.68 -51.27 -21.67
N LYS A 532 -11.94 -51.83 -22.86
CA LYS A 532 -12.02 -53.28 -22.97
C LYS A 532 -10.62 -53.89 -22.93
N TYR A 533 -10.51 -55.11 -22.39
CA TYR A 533 -9.23 -55.79 -22.31
C TYR A 533 -9.45 -57.30 -22.23
N VAL A 534 -10.51 -57.77 -22.88
CA VAL A 534 -10.98 -59.14 -22.71
C VAL A 534 -9.93 -60.20 -23.03
N THR A 535 -9.89 -61.22 -22.17
CA THR A 535 -8.94 -62.33 -22.29
C THR A 535 -9.68 -63.65 -22.18
N GLU A 536 -8.97 -64.74 -22.51
CA GLU A 536 -9.55 -66.07 -22.52
C GLU A 536 -10.16 -66.47 -21.17
N PHE A 543 -14.90 -52.25 -18.70
CA PHE A 543 -14.47 -53.56 -18.26
C PHE A 543 -13.37 -53.53 -17.19
N LEU A 544 -12.91 -52.33 -16.84
CA LEU A 544 -11.82 -52.19 -15.88
C LEU A 544 -12.34 -52.10 -14.43
N SER A 545 -11.68 -52.82 -13.53
CA SER A 545 -12.05 -52.79 -12.12
C SER A 545 -11.62 -51.47 -11.48
N GLY A 546 -12.36 -51.04 -10.47
CA GLY A 546 -12.05 -49.77 -9.81
C GLY A 546 -10.71 -49.81 -9.09
N GLU A 547 -10.39 -50.94 -8.48
CA GLU A 547 -9.08 -51.12 -7.87
C GLU A 547 -8.03 -51.11 -8.98
N GLN A 548 -8.38 -51.69 -10.12
CA GLN A 548 -7.52 -51.66 -11.29
C GLN A 548 -7.38 -50.26 -11.86
N LYS A 549 -8.42 -49.44 -11.72
CA LYS A 549 -8.38 -48.07 -12.18
C LYS A 549 -7.44 -47.24 -11.32
N LYS A 550 -7.61 -47.34 -10.00
CA LYS A 550 -6.74 -46.62 -9.07
C LYS A 550 -5.30 -47.09 -9.21
N ALA A 551 -5.12 -48.38 -9.48
CA ALA A 551 -3.80 -48.95 -9.69
C ALA A 551 -3.16 -48.42 -10.98
N ILE A 552 -3.97 -48.30 -12.03
CA ILE A 552 -3.47 -47.77 -13.30
C ILE A 552 -3.12 -46.28 -13.20
N VAL A 553 -3.88 -45.53 -12.40
CA VAL A 553 -3.56 -44.12 -12.22
C VAL A 553 -2.32 -43.93 -11.36
N ASP A 554 -2.26 -44.63 -10.24
CA ASP A 554 -1.12 -44.53 -9.33
C ASP A 554 0.20 -45.08 -9.91
N LEU A 555 0.10 -46.12 -10.73
CA LEU A 555 1.31 -46.79 -11.25
C LEU A 555 1.74 -46.33 -12.64
N LEU A 556 0.86 -45.62 -13.34
CA LEU A 556 1.17 -45.18 -14.70
C LEU A 556 0.96 -43.67 -14.90
N PHE A 557 -0.26 -43.20 -14.69
CA PHE A 557 -0.57 -41.80 -14.89
C PHE A 557 0.20 -40.88 -13.95
N LYS A 558 0.49 -41.36 -12.76
CA LYS A 558 1.30 -40.58 -11.82
C LYS A 558 2.79 -40.71 -12.10
N THR A 559 3.24 -41.92 -12.42
CA THR A 559 4.66 -42.17 -12.66
C THR A 559 5.15 -41.61 -14.00
N ASN A 560 4.30 -41.70 -15.01
CA ASN A 560 4.63 -41.19 -16.33
C ASN A 560 3.78 -39.98 -16.69
N ARG A 561 4.43 -39.01 -17.32
CA ARG A 561 3.76 -37.79 -17.73
C ARG A 561 2.68 -38.08 -18.76
N LYS A 562 2.94 -39.08 -19.61
CA LYS A 562 1.96 -39.56 -20.56
C LYS A 562 2.10 -41.07 -20.70
N VAL A 563 0.99 -41.76 -20.91
CA VAL A 563 1.04 -43.21 -20.96
C VAL A 563 0.64 -43.76 -22.32
N THR A 564 1.63 -44.29 -23.02
CA THR A 564 1.40 -44.96 -24.28
C THR A 564 0.79 -46.33 -24.00
N VAL A 565 0.04 -46.82 -24.96
CA VAL A 565 -0.72 -48.04 -24.78
C VAL A 565 0.16 -49.29 -24.62
N LYS A 566 1.33 -49.28 -25.25
CA LYS A 566 2.26 -50.38 -25.10
C LYS A 566 2.73 -50.44 -23.64
N GLN A 567 2.83 -49.28 -23.01
CA GLN A 567 3.12 -49.21 -21.59
C GLN A 567 1.99 -49.80 -20.75
N LEU A 568 0.76 -49.65 -21.23
CA LEU A 568 -0.40 -50.21 -20.56
C LEU A 568 -0.40 -51.73 -20.64
N LYS A 569 0.02 -52.25 -21.79
CA LYS A 569 0.10 -53.70 -22.00
C LYS A 569 1.22 -54.31 -21.16
N GLU A 570 2.39 -53.67 -21.17
CA GLU A 570 3.50 -54.14 -20.37
C GLU A 570 3.20 -54.04 -18.89
N ASP A 571 2.45 -53.00 -18.50
CA ASP A 571 2.01 -52.87 -17.12
C ASP A 571 1.01 -53.95 -16.74
N TYR A 572 0.18 -54.35 -17.71
CA TYR A 572 -0.74 -55.48 -17.51
C TYR A 572 0.04 -56.79 -17.36
N PHE A 573 1.17 -56.88 -18.04
CA PHE A 573 2.02 -58.05 -17.95
C PHE A 573 2.70 -58.15 -16.58
N LYS A 574 2.90 -57.00 -15.94
CA LYS A 574 3.58 -56.96 -14.65
C LYS A 574 2.58 -56.92 -13.50
N GLU A 583 -4.90 -58.42 -25.81
CA GLU A 583 -5.92 -57.70 -26.57
C GLU A 583 -6.63 -56.68 -25.71
N ILE A 584 -6.35 -55.41 -25.96
CA ILE A 584 -6.99 -54.35 -25.21
C ILE A 584 -7.78 -53.48 -26.18
N SER A 585 -8.74 -52.73 -25.64
CA SER A 585 -9.61 -51.91 -26.46
C SER A 585 -10.16 -50.72 -25.69
N GLY A 586 -10.80 -49.83 -26.44
CA GLY A 586 -11.27 -48.53 -26.00
C GLY A 586 -10.23 -47.43 -26.05
N VAL A 587 -9.04 -47.74 -26.53
CA VAL A 587 -8.00 -46.73 -26.63
C VAL A 587 -7.18 -46.82 -27.92
N GLU A 588 -6.62 -45.67 -28.30
CA GLU A 588 -5.74 -45.53 -29.46
C GLU A 588 -4.29 -45.72 -29.06
N ASP A 589 -3.37 -45.26 -29.90
CA ASP A 589 -1.96 -45.54 -29.73
C ASP A 589 -1.41 -45.03 -28.40
N ARG A 590 -1.85 -43.85 -27.97
CA ARG A 590 -1.51 -43.34 -26.65
C ARG A 590 -2.73 -42.70 -26.02
N PHE A 591 -2.79 -42.67 -24.68
CA PHE A 591 -3.83 -41.90 -24.00
C PHE A 591 -3.61 -40.43 -24.31
N ASN A 592 -4.68 -39.71 -24.64
CA ASN A 592 -4.56 -38.28 -24.90
C ASN A 592 -4.61 -37.45 -23.62
N ALA A 593 -5.45 -37.88 -22.68
CA ALA A 593 -5.51 -37.25 -21.37
C ALA A 593 -4.25 -37.57 -20.57
N SER A 594 -3.78 -36.61 -19.77
CA SER A 594 -2.64 -36.85 -18.89
C SER A 594 -2.64 -35.90 -17.70
N LEU A 595 -2.04 -36.34 -16.61
CA LEU A 595 -1.95 -35.54 -15.39
C LEU A 595 -0.73 -34.62 -15.47
N GLY A 596 -0.76 -33.68 -16.40
CA GLY A 596 0.38 -32.80 -16.62
C GLY A 596 0.62 -31.84 -15.47
N THR A 597 -0.47 -31.35 -14.88
CA THR A 597 -0.35 -30.47 -13.72
C THR A 597 0.22 -31.22 -12.51
N TYR A 598 -0.09 -32.50 -12.40
CA TYR A 598 0.40 -33.31 -11.28
C TYR A 598 1.91 -33.42 -11.35
N HIS A 599 2.45 -33.54 -12.56
CA HIS A 599 3.89 -33.68 -12.75
C HIS A 599 4.59 -32.33 -12.66
N ASP A 600 3.94 -31.29 -13.20
CA ASP A 600 4.49 -29.95 -13.13
C ASP A 600 4.64 -29.55 -11.67
N LEU A 601 3.59 -29.77 -10.89
CA LEU A 601 3.64 -29.49 -9.46
C LEU A 601 4.55 -30.47 -8.71
N LEU A 602 4.69 -31.68 -9.25
CA LEU A 602 5.56 -32.68 -8.61
C LEU A 602 7.01 -32.24 -8.66
N LYS A 603 7.44 -31.73 -9.82
CA LYS A 603 8.82 -31.29 -10.00
C LYS A 603 9.16 -30.06 -9.15
N ILE A 604 8.15 -29.27 -8.81
CA ILE A 604 8.38 -28.03 -8.07
C ILE A 604 8.24 -28.19 -6.56
N ILE A 605 7.11 -28.76 -6.13
CA ILE A 605 6.86 -29.01 -4.72
C ILE A 605 7.84 -30.03 -4.15
N LYS A 606 8.25 -30.98 -4.98
CA LYS A 606 9.14 -32.07 -4.57
C LYS A 606 8.58 -32.84 -3.36
N ASP A 607 7.26 -33.03 -3.33
CA ASP A 607 6.62 -33.75 -2.24
C ASP A 607 5.35 -34.47 -2.70
N LYS A 608 5.47 -35.78 -2.97
CA LYS A 608 4.37 -36.58 -3.48
C LYS A 608 3.18 -36.72 -2.53
N ASP A 609 3.45 -36.84 -1.24
CA ASP A 609 2.38 -37.06 -0.27
C ASP A 609 1.45 -35.87 -0.12
N PHE A 610 1.99 -34.67 -0.28
CA PHE A 610 1.20 -33.46 -0.17
C PHE A 610 0.19 -33.37 -1.30
N LEU A 611 0.57 -33.90 -2.46
CA LEU A 611 -0.32 -33.94 -3.62
C LEU A 611 -1.31 -35.10 -3.49
N ASP A 612 -0.83 -36.25 -3.03
CA ASP A 612 -1.67 -37.43 -2.85
C ASP A 612 -2.72 -37.27 -1.75
N ASN A 613 -2.40 -36.48 -0.72
CA ASN A 613 -3.35 -36.24 0.36
C ASN A 613 -4.58 -35.48 -0.15
N GLU A 614 -5.76 -35.91 0.26
CA GLU A 614 -7.00 -35.33 -0.26
C GLU A 614 -7.42 -34.05 0.45
N GLU A 615 -7.00 -33.91 1.71
CA GLU A 615 -7.39 -32.75 2.51
C GLU A 615 -6.81 -31.45 1.95
N ASN A 616 -5.68 -31.57 1.25
CA ASN A 616 -4.98 -30.42 0.70
C ASN A 616 -5.53 -29.98 -0.65
N GLU A 617 -6.51 -30.72 -1.17
CA GLU A 617 -6.96 -30.50 -2.54
C GLU A 617 -7.58 -29.12 -2.79
N ASP A 618 -8.28 -28.57 -1.81
CA ASP A 618 -8.87 -27.24 -1.97
C ASP A 618 -7.77 -26.19 -2.14
N ILE A 619 -6.66 -26.40 -1.44
CA ILE A 619 -5.51 -25.52 -1.51
C ILE A 619 -4.89 -25.55 -2.91
N LEU A 620 -4.69 -26.76 -3.42
CA LEU A 620 -4.10 -26.94 -4.75
C LEU A 620 -5.01 -26.39 -5.84
N GLU A 621 -6.32 -26.52 -5.63
CA GLU A 621 -7.27 -25.97 -6.57
C GLU A 621 -7.17 -24.45 -6.58
N ASP A 622 -7.06 -23.85 -5.39
CA ASP A 622 -6.92 -22.40 -5.31
C ASP A 622 -5.61 -21.94 -5.93
N ILE A 623 -4.58 -22.76 -5.83
CA ILE A 623 -3.27 -22.43 -6.38
C ILE A 623 -3.29 -22.46 -7.90
N VAL A 624 -3.80 -23.54 -8.49
CA VAL A 624 -3.86 -23.64 -9.94
C VAL A 624 -4.81 -22.59 -10.51
N LEU A 625 -5.87 -22.30 -9.76
CA LEU A 625 -6.80 -21.25 -10.15
C LEU A 625 -6.10 -19.90 -10.14
N THR A 626 -5.19 -19.71 -9.19
CA THR A 626 -4.41 -18.48 -9.17
C THR A 626 -3.47 -18.41 -10.36
N LEU A 627 -2.89 -19.56 -10.71
CA LEU A 627 -1.95 -19.65 -11.82
C LEU A 627 -2.62 -19.40 -13.16
N THR A 628 -3.90 -19.71 -13.25
CA THR A 628 -4.66 -19.45 -14.47
C THR A 628 -5.22 -18.02 -14.49
N LEU A 629 -5.57 -17.52 -13.31
CA LEU A 629 -6.23 -16.22 -13.18
C LEU A 629 -5.34 -15.03 -13.55
N PHE A 630 -4.04 -15.16 -13.37
CA PHE A 630 -3.14 -14.02 -13.54
C PHE A 630 -1.90 -14.34 -14.37
N GLU A 631 -1.58 -13.46 -15.31
CA GLU A 631 -0.35 -13.58 -16.08
C GLU A 631 0.81 -12.82 -15.44
N ASP A 632 0.54 -12.08 -14.36
CA ASP A 632 1.54 -11.25 -13.72
C ASP A 632 2.09 -11.88 -12.44
N ARG A 633 3.40 -11.88 -12.29
CA ARG A 633 4.06 -12.51 -11.15
C ARG A 633 3.79 -11.87 -9.80
N GLU A 634 3.63 -10.55 -9.76
CA GLU A 634 3.39 -9.86 -8.49
C GLU A 634 2.04 -10.24 -7.92
N MET A 635 1.05 -10.35 -8.80
CA MET A 635 -0.30 -10.73 -8.40
C MET A 635 -0.35 -12.18 -7.94
N ILE A 636 0.36 -13.04 -8.66
CA ILE A 636 0.43 -14.44 -8.30
C ILE A 636 1.13 -14.62 -6.96
N GLU A 637 2.15 -13.79 -6.70
CA GLU A 637 2.89 -13.86 -5.45
C GLU A 637 2.01 -13.39 -4.30
N GLU A 638 1.30 -12.29 -4.53
CA GLU A 638 0.43 -11.71 -3.52
C GLU A 638 -0.68 -12.68 -3.13
N ARG A 639 -1.29 -13.31 -4.14
CA ARG A 639 -2.31 -14.31 -3.88
C ARG A 639 -1.75 -15.60 -3.26
N LEU A 640 -0.51 -15.95 -3.59
CA LEU A 640 0.08 -17.17 -3.08
C LEU A 640 0.67 -17.01 -1.69
N LYS A 641 0.73 -15.77 -1.21
CA LYS A 641 1.34 -15.51 0.09
C LYS A 641 0.61 -16.22 1.24
N THR A 642 -0.67 -16.49 1.04
CA THR A 642 -1.49 -17.13 2.07
C THR A 642 -0.99 -18.53 2.43
N TYR A 643 -0.40 -19.21 1.45
CA TYR A 643 0.06 -20.59 1.62
C TYR A 643 1.57 -20.66 1.85
N ALA A 644 2.20 -19.52 2.09
CA ALA A 644 3.66 -19.43 2.17
C ALA A 644 4.27 -20.25 3.30
N HIS A 645 3.54 -20.43 4.39
CA HIS A 645 4.03 -21.22 5.51
C HIS A 645 4.20 -22.71 5.17
N LEU A 646 3.35 -23.19 4.28
CA LEU A 646 3.37 -24.59 3.85
C LEU A 646 4.60 -24.96 3.02
N PHE A 647 5.16 -23.99 2.32
CA PHE A 647 6.19 -24.26 1.33
C PHE A 647 7.51 -23.52 1.59
N ASP A 648 8.58 -24.03 1.01
CA ASP A 648 9.88 -23.37 1.07
C ASP A 648 9.87 -22.10 0.22
N ASP A 649 10.72 -21.14 0.57
CA ASP A 649 10.79 -19.87 -0.14
C ASP A 649 11.16 -20.10 -1.61
N LYS A 650 12.10 -21.02 -1.84
CA LYS A 650 12.53 -21.37 -3.17
C LYS A 650 11.40 -22.01 -3.96
N VAL A 651 10.58 -22.79 -3.26
CA VAL A 651 9.43 -23.44 -3.87
C VAL A 651 8.39 -22.42 -4.31
N MET A 652 8.27 -21.32 -3.57
CA MET A 652 7.33 -20.26 -3.93
C MET A 652 7.86 -19.51 -5.14
N LYS A 653 9.15 -19.21 -5.10
CA LYS A 653 9.77 -18.47 -6.20
C LYS A 653 9.68 -19.27 -7.50
N GLN A 654 9.75 -20.58 -7.39
CA GLN A 654 9.57 -21.45 -8.55
C GLN A 654 8.09 -21.56 -8.96
N LEU A 655 7.20 -21.53 -7.98
CA LEU A 655 5.76 -21.62 -8.25
C LEU A 655 5.23 -20.40 -9.00
N LYS A 656 5.85 -19.24 -8.78
CA LYS A 656 5.44 -18.02 -9.46
C LYS A 656 5.61 -18.09 -10.98
N ARG A 657 6.62 -18.82 -11.43
CA ARG A 657 6.91 -18.92 -12.86
C ARG A 657 5.83 -19.66 -13.65
N ARG A 658 5.30 -20.75 -13.07
CA ARG A 658 4.32 -21.56 -13.78
C ARG A 658 3.02 -20.81 -14.00
N ARG A 659 2.44 -20.95 -15.20
CA ARG A 659 1.18 -20.31 -15.53
C ARG A 659 0.37 -21.22 -16.46
N TYR A 660 -0.94 -21.18 -16.30
CA TYR A 660 -1.82 -21.96 -17.15
C TYR A 660 -2.78 -21.02 -17.86
N THR A 661 -3.24 -21.43 -19.04
CA THR A 661 -4.00 -20.53 -19.89
C THR A 661 -5.38 -21.04 -20.31
N GLY A 662 -5.68 -22.29 -19.97
CA GLY A 662 -6.94 -22.87 -20.38
C GLY A 662 -8.07 -22.79 -19.37
N TRP A 663 -9.30 -22.98 -19.84
CA TRP A 663 -10.45 -23.13 -18.96
C TRP A 663 -11.23 -24.37 -19.32
N GLY A 664 -11.72 -25.07 -18.31
CA GLY A 664 -12.39 -26.34 -18.49
C GLY A 664 -13.84 -26.20 -18.91
N ARG A 665 -14.51 -27.32 -19.16
CA ARG A 665 -15.91 -27.28 -19.58
C ARG A 665 -16.90 -27.59 -18.46
N LEU A 666 -16.39 -27.94 -17.27
CA LEU A 666 -17.25 -28.35 -16.16
C LEU A 666 -16.90 -27.68 -14.83
N SER A 667 -17.93 -27.45 -14.02
CA SER A 667 -17.78 -26.89 -12.68
C SER A 667 -17.19 -27.91 -11.71
N ARG A 668 -16.50 -27.42 -10.69
CA ARG A 668 -15.88 -28.30 -9.72
C ARG A 668 -16.91 -29.14 -8.95
N LYS A 669 -18.07 -28.57 -8.67
CA LYS A 669 -19.07 -29.29 -7.88
C LYS A 669 -19.92 -30.28 -8.67
N LEU A 670 -19.92 -30.16 -9.99
CA LEU A 670 -20.55 -31.17 -10.83
C LEU A 670 -19.76 -32.48 -10.75
N ILE A 671 -18.44 -32.34 -10.56
CA ILE A 671 -17.54 -33.49 -10.49
C ILE A 671 -17.47 -34.10 -9.09
N ASN A 672 -17.51 -33.25 -8.07
CA ASN A 672 -17.27 -33.69 -6.71
C ASN A 672 -18.16 -33.07 -5.64
N GLY A 673 -19.02 -32.14 -6.04
CA GLY A 673 -19.90 -31.49 -5.08
C GLY A 673 -21.21 -32.24 -4.89
N ILE A 674 -21.89 -32.50 -6.01
CA ILE A 674 -23.13 -33.26 -5.99
C ILE A 674 -22.85 -34.70 -5.54
N ARG A 675 -23.77 -35.28 -4.78
CA ARG A 675 -23.57 -36.60 -4.19
C ARG A 675 -24.80 -37.50 -4.36
N ASP A 676 -24.58 -38.80 -4.18
CA ASP A 676 -25.66 -39.78 -4.28
C ASP A 676 -25.99 -40.40 -2.92
N LYS A 681 -22.22 -40.13 -2.91
CA LYS A 681 -21.36 -40.61 -3.99
C LYS A 681 -21.29 -39.62 -5.14
N THR A 682 -20.13 -38.97 -5.26
CA THR A 682 -19.86 -38.01 -6.33
C THR A 682 -19.63 -38.70 -7.65
N ILE A 683 -19.78 -37.93 -8.73
CA ILE A 683 -19.57 -38.45 -10.08
C ILE A 683 -18.15 -39.00 -10.23
N LEU A 684 -17.20 -38.32 -9.62
CA LEU A 684 -15.82 -38.78 -9.61
C LEU A 684 -15.67 -40.07 -8.81
N ASP A 685 -16.50 -40.23 -7.78
CA ASP A 685 -16.54 -41.48 -7.03
C ASP A 685 -17.05 -42.64 -7.88
N PHE A 686 -18.00 -42.36 -8.76
CA PHE A 686 -18.53 -43.38 -9.66
C PHE A 686 -17.52 -43.72 -10.74
N LEU A 687 -16.79 -42.72 -11.21
CA LEU A 687 -15.76 -42.93 -12.23
C LEU A 687 -14.59 -43.75 -11.68
N LYS A 688 -14.43 -43.70 -10.36
CA LYS A 688 -13.33 -44.34 -9.65
C LYS A 688 -13.85 -45.59 -8.93
N ARG A 695 -19.31 -47.30 -15.86
CA ARG A 695 -20.28 -46.27 -16.21
C ARG A 695 -19.64 -44.96 -16.59
N ASN A 696 -20.00 -44.50 -17.78
CA ASN A 696 -19.53 -43.22 -18.31
C ASN A 696 -20.15 -42.05 -17.54
N PHE A 697 -19.45 -40.92 -17.56
CA PHE A 697 -19.93 -39.68 -16.96
C PHE A 697 -21.25 -39.22 -17.59
N MET A 698 -21.33 -39.23 -18.92
CA MET A 698 -22.57 -38.84 -19.61
C MET A 698 -23.69 -39.83 -19.31
N GLN A 699 -23.35 -41.11 -19.24
CA GLN A 699 -24.31 -42.13 -18.86
C GLN A 699 -24.71 -41.97 -17.40
N LEU A 700 -23.76 -41.50 -16.61
CA LEU A 700 -23.95 -41.29 -15.19
C LEU A 700 -24.96 -40.18 -14.95
N ILE A 701 -24.88 -39.14 -15.77
CA ILE A 701 -25.84 -38.04 -15.68
C ILE A 701 -27.24 -38.49 -16.09
N HIS A 702 -27.31 -39.37 -17.09
CA HIS A 702 -28.59 -39.74 -17.68
C HIS A 702 -29.32 -40.93 -17.04
N ASP A 703 -28.69 -41.53 -16.03
CA ASP A 703 -29.36 -42.61 -15.30
C ASP A 703 -30.39 -42.02 -14.34
N ASP A 704 -31.65 -42.41 -14.52
CA ASP A 704 -32.72 -41.94 -13.65
C ASP A 704 -32.61 -42.49 -12.22
N SER A 705 -32.02 -43.68 -12.09
CA SER A 705 -31.86 -44.30 -10.78
C SER A 705 -30.93 -43.47 -9.91
N LEU A 706 -29.95 -42.82 -10.53
CA LEU A 706 -29.04 -41.94 -9.79
C LEU A 706 -29.55 -40.50 -9.73
N THR A 707 -29.20 -39.82 -8.65
CA THR A 707 -29.80 -38.53 -8.32
C THR A 707 -29.26 -37.32 -9.11
N PHE A 708 -28.15 -37.51 -9.83
CA PHE A 708 -27.51 -36.38 -10.49
C PHE A 708 -28.42 -35.71 -11.53
N LYS A 709 -29.23 -36.51 -12.20
CA LYS A 709 -30.11 -35.99 -13.24
C LYS A 709 -31.17 -35.09 -12.65
N GLU A 710 -31.76 -35.53 -11.54
CA GLU A 710 -32.79 -34.76 -10.87
C GLU A 710 -32.20 -33.50 -10.27
N ASP A 711 -31.03 -33.63 -9.65
CA ASP A 711 -30.40 -32.47 -9.02
C ASP A 711 -29.99 -31.42 -10.04
N ILE A 712 -29.60 -31.85 -11.23
CA ILE A 712 -29.22 -30.92 -12.30
C ILE A 712 -30.45 -30.26 -12.92
N GLN A 713 -31.46 -31.08 -13.20
CA GLN A 713 -32.69 -30.58 -13.80
C GLN A 713 -33.39 -29.59 -12.88
N LYS A 714 -33.25 -29.80 -11.57
CA LYS A 714 -33.72 -28.83 -10.60
C LYS A 714 -32.79 -27.62 -10.56
N ALA A 715 -31.48 -27.87 -10.71
CA ALA A 715 -30.48 -26.80 -10.63
C ALA A 715 -30.60 -25.76 -11.75
N GLN A 716 -31.07 -26.19 -12.92
CA GLN A 716 -31.26 -25.25 -14.03
C GLN A 716 -32.32 -24.21 -13.70
N VAL A 717 -33.29 -24.63 -12.89
CA VAL A 717 -34.39 -23.76 -12.48
C VAL A 717 -34.22 -23.20 -11.06
N SER A 718 -33.49 -23.92 -10.21
CA SER A 718 -33.37 -23.57 -8.79
C SER A 718 -32.86 -22.16 -8.57
N ASP A 722 -38.82 -18.54 -3.97
CA ASP A 722 -39.45 -18.82 -5.25
C ASP A 722 -39.87 -17.53 -5.96
N SER A 723 -39.90 -17.57 -7.29
CA SER A 723 -40.07 -16.36 -8.11
C SER A 723 -41.39 -15.61 -7.93
N LEU A 724 -42.48 -16.33 -7.68
CA LEU A 724 -43.75 -15.65 -7.46
C LEU A 724 -43.77 -14.99 -6.09
N HIS A 725 -43.31 -15.73 -5.08
CA HIS A 725 -43.25 -15.21 -3.72
C HIS A 725 -42.25 -14.06 -3.65
N GLU A 726 -41.24 -14.13 -4.50
CA GLU A 726 -40.22 -13.10 -4.58
C GLU A 726 -40.76 -11.83 -5.24
N HIS A 727 -41.50 -12.00 -6.33
CA HIS A 727 -42.09 -10.87 -7.02
C HIS A 727 -43.13 -10.18 -6.15
N ILE A 728 -43.91 -10.97 -5.41
CA ILE A 728 -44.86 -10.42 -4.46
C ILE A 728 -44.15 -9.72 -3.31
N ALA A 729 -43.00 -10.26 -2.92
CA ALA A 729 -42.27 -9.74 -1.76
C ALA A 729 -41.81 -8.30 -1.97
N ASN A 730 -41.52 -7.95 -3.22
CA ASN A 730 -41.00 -6.62 -3.54
C ASN A 730 -42.06 -5.54 -3.75
N LEU A 731 -43.32 -5.95 -3.73
CA LEU A 731 -44.43 -5.01 -3.82
C LEU A 731 -44.52 -4.18 -2.55
N ALA A 732 -45.10 -2.99 -2.65
CA ALA A 732 -45.30 -2.12 -1.49
C ALA A 732 -46.59 -2.46 -0.77
N GLY A 733 -46.47 -3.15 0.37
CA GLY A 733 -47.64 -3.51 1.15
C GLY A 733 -47.36 -4.27 2.44
N SER A 734 -48.42 -4.45 3.22
CA SER A 734 -48.35 -5.19 4.46
C SER A 734 -48.14 -6.68 4.15
N PRO A 735 -47.55 -7.42 5.12
CA PRO A 735 -47.41 -8.87 4.92
C PRO A 735 -48.76 -9.55 4.68
N ALA A 736 -49.80 -9.04 5.33
CA ALA A 736 -51.12 -9.66 5.24
C ALA A 736 -51.69 -9.56 3.83
N ILE A 737 -51.62 -8.36 3.24
CA ILE A 737 -52.15 -8.15 1.90
C ILE A 737 -51.39 -8.96 0.85
N LYS A 738 -50.09 -9.13 1.07
CA LYS A 738 -49.27 -9.93 0.17
C LYS A 738 -49.64 -11.40 0.27
N LYS A 739 -49.88 -11.85 1.50
CA LYS A 739 -50.30 -13.22 1.71
C LYS A 739 -51.64 -13.44 1.02
N GLY A 740 -52.47 -12.40 1.03
CA GLY A 740 -53.75 -12.44 0.38
C GLY A 740 -53.60 -12.52 -1.12
N ILE A 741 -52.60 -11.83 -1.66
CA ILE A 741 -52.33 -11.91 -3.10
C ILE A 741 -51.92 -13.33 -3.47
N LEU A 742 -51.11 -13.94 -2.61
CA LEU A 742 -50.66 -15.30 -2.85
C LEU A 742 -51.86 -16.23 -2.87
N GLN A 743 -52.75 -16.05 -1.90
CA GLN A 743 -53.93 -16.89 -1.81
C GLN A 743 -54.86 -16.69 -3.00
N THR A 744 -54.95 -15.47 -3.53
CA THR A 744 -55.78 -15.25 -4.71
C THR A 744 -55.18 -15.96 -5.91
N VAL A 745 -53.86 -16.03 -5.97
CA VAL A 745 -53.21 -16.73 -7.07
C VAL A 745 -53.48 -18.23 -7.00
N LYS A 746 -53.32 -18.79 -5.81
CA LYS A 746 -53.56 -20.22 -5.64
C LYS A 746 -55.02 -20.59 -5.87
N VAL A 747 -55.92 -19.70 -5.44
CA VAL A 747 -57.34 -19.93 -5.63
C VAL A 747 -57.68 -19.86 -7.11
N VAL A 748 -57.04 -18.94 -7.83
CA VAL A 748 -57.28 -18.83 -9.27
C VAL A 748 -56.78 -20.07 -10.01
N ASP A 749 -55.64 -20.61 -9.59
CA ASP A 749 -55.13 -21.83 -10.22
C ASP A 749 -56.06 -23.02 -9.96
N GLU A 750 -56.56 -23.13 -8.73
CA GLU A 750 -57.47 -24.22 -8.42
C GLU A 750 -58.79 -24.10 -9.15
N LEU A 751 -59.29 -22.88 -9.28
CA LEU A 751 -60.53 -22.66 -10.02
C LEU A 751 -60.32 -22.98 -11.49
N VAL A 752 -59.10 -22.77 -11.98
CA VAL A 752 -58.76 -23.19 -13.34
C VAL A 752 -58.83 -24.71 -13.46
N LYS A 753 -58.27 -25.40 -12.47
CA LYS A 753 -58.30 -26.86 -12.48
C LYS A 753 -59.71 -27.43 -12.37
N VAL A 754 -60.57 -26.77 -11.61
CA VAL A 754 -61.94 -27.22 -11.41
C VAL A 754 -62.75 -27.13 -12.71
N MET A 755 -62.41 -26.17 -13.55
CA MET A 755 -63.14 -25.94 -14.78
C MET A 755 -62.59 -26.72 -15.97
N GLY A 756 -61.75 -27.72 -15.69
CA GLY A 756 -61.23 -28.58 -16.73
C GLY A 756 -60.12 -27.97 -17.55
N ARG A 757 -59.32 -27.12 -16.91
CA ARG A 757 -58.17 -26.47 -17.52
C ARG A 757 -58.52 -25.40 -18.56
N HIS A 758 -59.81 -25.17 -18.78
CA HIS A 758 -60.22 -24.10 -19.67
C HIS A 758 -60.09 -22.74 -18.99
N LYS A 759 -59.39 -21.81 -19.64
CA LYS A 759 -59.19 -20.48 -19.08
C LYS A 759 -60.49 -19.67 -19.04
N PRO A 760 -60.71 -18.93 -17.94
CA PRO A 760 -61.86 -18.02 -17.84
C PRO A 760 -61.76 -16.92 -18.88
N GLU A 761 -62.90 -16.48 -19.40
CA GLU A 761 -62.91 -15.35 -20.34
C GLU A 761 -62.52 -14.06 -19.64
N ASN A 762 -62.83 -13.97 -18.35
CA ASN A 762 -62.59 -12.75 -17.58
C ASN A 762 -62.25 -13.03 -16.11
N ILE A 763 -61.51 -12.12 -15.50
CA ILE A 763 -61.28 -12.16 -14.07
C ILE A 763 -61.43 -10.76 -13.50
N VAL A 764 -62.48 -10.54 -12.71
CA VAL A 764 -62.65 -9.25 -12.05
C VAL A 764 -62.04 -9.30 -10.66
N ILE A 765 -61.27 -8.26 -10.32
CA ILE A 765 -60.63 -8.20 -9.01
C ILE A 765 -60.91 -6.89 -8.27
N GLU A 766 -61.06 -6.99 -6.96
CA GLU A 766 -61.38 -5.84 -6.12
C GLU A 766 -60.49 -5.88 -4.89
N MET A 767 -59.80 -4.79 -4.61
CA MET A 767 -59.01 -4.70 -3.39
C MET A 767 -59.18 -3.34 -2.74
N ALA A 768 -59.89 -3.29 -1.63
CA ALA A 768 -60.05 -2.06 -0.88
C ALA A 768 -60.27 -2.41 0.58
N ARG A 769 -60.06 -1.44 1.48
CA ARG A 769 -60.22 -1.71 2.89
C ARG A 769 -61.67 -2.09 3.19
N GLU A 770 -61.85 -3.09 4.06
CA GLU A 770 -63.18 -3.56 4.40
C GLU A 770 -63.43 -3.45 5.90
N GLN A 778 -64.51 6.90 13.83
CA GLN A 778 -63.88 7.44 15.03
C GLN A 778 -62.97 8.61 14.71
N LYS A 779 -61.86 8.33 14.02
CA LYS A 779 -60.92 9.38 13.63
C LYS A 779 -61.55 10.37 12.64
N ASN A 780 -62.41 9.86 11.77
CA ASN A 780 -63.11 10.69 10.80
C ASN A 780 -64.03 11.68 11.52
N SER A 781 -64.59 11.25 12.64
CA SER A 781 -65.41 12.11 13.47
C SER A 781 -64.58 13.25 14.04
N ARG A 782 -63.32 12.97 14.36
CA ARG A 782 -62.41 14.00 14.83
C ARG A 782 -62.06 14.97 13.71
N GLU A 783 -61.91 14.45 12.49
CA GLU A 783 -61.63 15.31 11.35
C GLU A 783 -62.80 16.27 11.14
N ARG A 784 -64.00 15.72 11.13
CA ARG A 784 -65.20 16.51 10.93
C ARG A 784 -65.33 17.51 12.06
N MET A 785 -64.93 17.10 13.26
CA MET A 785 -64.99 17.99 14.41
C MET A 785 -64.05 19.17 14.20
N LYS A 786 -62.86 18.91 13.69
CA LYS A 786 -61.93 20.00 13.44
C LYS A 786 -62.48 20.93 12.37
N ARG A 787 -63.13 20.35 11.35
CA ARG A 787 -63.63 21.18 10.27
C ARG A 787 -64.76 22.08 10.75
N ILE A 788 -65.65 21.54 11.59
CA ILE A 788 -66.75 22.31 12.16
C ILE A 788 -66.26 23.38 13.12
N GLU A 789 -65.25 23.04 13.92
CA GLU A 789 -64.72 23.99 14.89
C GLU A 789 -64.04 25.17 14.19
N GLU A 790 -63.21 24.88 13.19
CA GLU A 790 -62.56 25.95 12.46
C GLU A 790 -63.54 26.77 11.63
N GLY A 791 -64.52 26.08 11.04
CA GLY A 791 -65.48 26.73 10.19
C GLY A 791 -66.41 27.61 11.00
N ILE A 792 -66.63 27.24 12.25
CA ILE A 792 -67.48 28.05 13.13
C ILE A 792 -66.69 29.21 13.72
N LYS A 793 -65.44 28.94 14.11
CA LYS A 793 -64.60 29.98 14.69
C LYS A 793 -64.28 31.09 13.69
N GLU A 794 -64.23 30.74 12.41
CA GLU A 794 -64.03 31.76 11.36
C GLU A 794 -65.20 32.75 11.28
N LEU A 795 -66.37 32.31 11.74
CA LEU A 795 -67.57 33.15 11.74
C LEU A 795 -68.25 33.15 13.11
N HIS A 803 -76.58 25.54 20.39
CA HIS A 803 -77.02 24.17 20.19
C HIS A 803 -75.84 23.18 20.14
N PRO A 804 -74.92 23.24 21.13
CA PRO A 804 -73.70 22.40 21.09
C PRO A 804 -74.02 20.90 21.14
N VAL A 805 -73.23 20.09 20.43
CA VAL A 805 -73.45 18.64 20.38
C VAL A 805 -72.10 17.91 20.21
N GLU A 806 -71.90 16.82 20.93
CA GLU A 806 -70.62 16.08 20.95
C GLU A 806 -70.37 15.32 19.63
N ASN A 807 -69.11 15.01 19.33
CA ASN A 807 -68.71 14.56 17.99
C ASN A 807 -69.24 13.22 17.46
N THR A 808 -69.61 12.29 18.34
CA THR A 808 -69.89 10.93 17.88
C THR A 808 -71.08 10.84 16.93
N GLN A 809 -72.00 11.79 17.05
CA GLN A 809 -73.16 11.86 16.18
C GLN A 809 -72.89 12.63 14.88
N LEU A 810 -71.65 13.13 14.73
CA LEU A 810 -71.25 13.78 13.48
C LEU A 810 -71.20 12.77 12.33
N GLN A 811 -71.14 11.48 12.67
CA GLN A 811 -71.21 10.42 11.67
C GLN A 811 -72.50 10.52 10.88
N ASN A 812 -73.55 11.03 11.52
CA ASN A 812 -74.82 11.24 10.84
C ASN A 812 -74.63 12.26 9.72
N GLU A 813 -75.17 11.95 8.55
CA GLU A 813 -74.97 12.82 7.39
C GLU A 813 -75.74 14.12 7.49
N LYS A 814 -77.00 14.04 7.90
CA LYS A 814 -77.84 15.21 8.01
C LYS A 814 -77.33 16.17 9.08
N LEU A 815 -76.78 15.62 10.16
CA LEU A 815 -76.28 16.46 11.23
C LEU A 815 -74.97 17.13 10.85
N TYR A 816 -74.07 16.37 10.27
CA TYR A 816 -72.79 16.91 9.85
C TYR A 816 -73.00 17.96 8.75
N LEU A 817 -73.95 17.70 7.86
CA LEU A 817 -74.32 18.67 6.85
C LEU A 817 -74.97 19.89 7.50
N TYR A 818 -75.65 19.67 8.63
CA TYR A 818 -76.27 20.77 9.34
C TYR A 818 -75.20 21.71 9.88
N TYR A 819 -74.23 21.14 10.59
CA TYR A 819 -73.15 21.95 11.15
C TYR A 819 -72.22 22.56 10.10
N LEU A 820 -72.04 21.88 8.98
CA LEU A 820 -71.22 22.42 7.89
C LEU A 820 -71.87 23.66 7.29
N GLN A 821 -73.20 23.70 7.33
CA GLN A 821 -73.96 24.79 6.73
C GLN A 821 -74.42 25.82 7.77
N ASN A 822 -73.89 25.70 8.98
CA ASN A 822 -74.19 26.63 10.07
C ASN A 822 -75.68 26.76 10.37
N GLY A 823 -76.39 25.64 10.35
CA GLY A 823 -77.80 25.63 10.68
C GLY A 823 -78.66 26.37 9.68
N ARG A 824 -78.25 26.31 8.41
CA ARG A 824 -78.91 27.09 7.37
C ARG A 824 -79.10 26.28 6.09
N ASP A 825 -80.22 26.49 5.41
CA ASP A 825 -80.45 25.87 4.11
C ASP A 825 -79.47 26.45 3.10
N MET A 826 -78.96 25.61 2.21
CA MET A 826 -77.99 26.05 1.21
C MET A 826 -78.62 26.67 -0.03
N TYR A 827 -79.89 26.38 -0.26
CA TYR A 827 -80.56 26.80 -1.49
C TYR A 827 -81.55 27.97 -1.34
N VAL A 828 -82.04 28.20 -0.13
CA VAL A 828 -83.20 29.08 0.06
C VAL A 828 -82.97 30.30 0.97
N ASP A 829 -81.84 30.34 1.65
CA ASP A 829 -81.56 31.40 2.63
C ASP A 829 -82.61 31.46 3.75
N GLN A 830 -82.86 30.31 4.37
CA GLN A 830 -83.71 30.22 5.54
C GLN A 830 -83.07 29.27 6.53
N GLU A 831 -82.87 29.71 7.77
CA GLU A 831 -82.23 28.84 8.76
C GLU A 831 -83.09 27.61 9.09
N LEU A 832 -82.43 26.47 9.26
CA LEU A 832 -83.13 25.21 9.50
C LEU A 832 -83.06 24.79 10.97
N ASP A 833 -84.20 24.36 11.51
CA ASP A 833 -84.23 23.75 12.85
C ASP A 833 -83.63 22.36 12.77
N ILE A 834 -82.92 21.95 13.83
CA ILE A 834 -82.19 20.68 13.85
C ILE A 834 -83.08 19.45 13.71
N ASN A 835 -84.29 19.53 14.26
CA ASN A 835 -85.18 18.37 14.34
C ASN A 835 -85.81 18.01 13.00
N VAL A 842 -81.78 16.43 1.60
CA VAL A 842 -80.42 16.17 1.13
C VAL A 842 -80.40 15.97 -0.39
N ASP A 843 -79.50 16.67 -1.07
CA ASP A 843 -79.52 16.69 -2.52
C ASP A 843 -78.12 16.77 -3.14
N HIS A 844 -77.87 15.96 -4.16
CA HIS A 844 -76.62 16.01 -4.92
C HIS A 844 -76.51 17.29 -5.72
N ILE A 845 -75.34 17.91 -5.72
CA ILE A 845 -75.13 19.13 -6.50
C ILE A 845 -75.04 18.80 -7.98
N VAL A 846 -74.19 17.82 -8.31
CA VAL A 846 -74.22 17.20 -9.63
C VAL A 846 -74.99 15.89 -9.52
N PRO A 847 -76.08 15.77 -10.29
CA PRO A 847 -77.09 14.73 -10.14
C PRO A 847 -76.56 13.33 -10.35
N GLN A 848 -77.17 12.38 -9.64
CA GLN A 848 -76.74 10.99 -9.63
C GLN A 848 -76.74 10.38 -11.03
N SER A 849 -77.62 10.88 -11.89
CA SER A 849 -77.70 10.41 -13.26
C SER A 849 -76.43 10.73 -14.04
N PHE A 850 -75.76 11.82 -13.67
CA PHE A 850 -74.52 12.19 -14.33
C PHE A 850 -73.33 11.45 -13.73
N LEU A 851 -73.29 11.37 -12.40
CA LEU A 851 -72.27 10.56 -11.74
C LEU A 851 -72.66 10.23 -10.30
N LYS A 852 -72.16 9.12 -9.80
CA LYS A 852 -72.41 8.72 -8.42
C LYS A 852 -71.34 9.28 -7.48
N ASP A 853 -71.71 10.30 -6.72
CA ASP A 853 -70.82 10.89 -5.74
C ASP A 853 -71.58 11.14 -4.43
N ASP A 854 -71.57 10.15 -3.55
CA ASP A 854 -72.27 10.26 -2.28
C ASP A 854 -71.44 11.01 -1.24
N SER A 855 -70.23 11.40 -1.65
CA SER A 855 -69.33 12.16 -0.79
C SER A 855 -69.93 13.51 -0.41
N ILE A 856 -69.54 14.03 0.76
CA ILE A 856 -70.05 15.31 1.26
C ILE A 856 -69.68 16.44 0.30
N ASP A 857 -68.63 16.24 -0.48
CA ASP A 857 -68.20 17.23 -1.45
C ASP A 857 -69.30 17.54 -2.46
N ASN A 858 -70.14 16.53 -2.74
CA ASN A 858 -71.24 16.68 -3.68
C ASN A 858 -72.62 16.75 -3.00
N LYS A 859 -72.68 16.37 -1.73
CA LYS A 859 -73.94 16.44 -1.00
C LYS A 859 -74.23 17.79 -0.33
N VAL A 860 -75.51 18.12 -0.20
CA VAL A 860 -75.97 19.36 0.41
C VAL A 860 -77.31 19.15 1.12
N LEU A 861 -77.45 19.67 2.35
CA LEU A 861 -78.73 19.61 3.07
C LEU A 861 -79.69 20.73 2.64
N THR A 862 -80.95 20.39 2.40
CA THR A 862 -81.95 21.32 1.86
C THR A 862 -83.37 21.04 2.32
N ARG A 863 -84.28 21.94 1.94
CA ARG A 863 -85.70 21.77 2.21
C ARG A 863 -86.27 20.55 1.47
N ASN A 867 -86.16 20.12 -3.57
CA ASN A 867 -86.80 20.55 -4.81
C ASN A 867 -86.68 22.05 -5.03
N ARG A 868 -86.49 22.77 -3.92
CA ARG A 868 -86.52 24.23 -3.93
C ARG A 868 -85.45 24.83 -4.85
N GLY A 869 -84.20 24.61 -4.51
CA GLY A 869 -83.11 25.20 -5.28
C GLY A 869 -82.64 24.42 -6.49
N LYS A 870 -82.94 23.12 -6.52
CA LYS A 870 -82.37 22.27 -7.57
C LYS A 870 -82.87 22.58 -8.98
N SER A 871 -84.12 23.04 -9.08
CA SER A 871 -84.81 23.21 -10.36
C SER A 871 -84.67 22.00 -11.28
N ASP A 872 -83.96 22.19 -12.39
CA ASP A 872 -83.83 21.15 -13.42
C ASP A 872 -82.58 20.27 -13.27
N ASN A 873 -82.28 19.48 -14.31
CA ASN A 873 -81.21 18.48 -14.28
C ASN A 873 -79.81 19.07 -14.20
N VAL A 874 -79.69 20.29 -14.69
CA VAL A 874 -78.45 21.04 -14.65
C VAL A 874 -78.18 21.35 -13.17
N PRO A 875 -76.90 21.54 -12.79
CA PRO A 875 -76.53 21.93 -11.42
C PRO A 875 -77.36 23.12 -10.94
N SER A 876 -77.34 23.41 -9.65
CA SER A 876 -78.39 24.22 -9.02
C SER A 876 -78.61 25.54 -9.76
N GLU A 877 -79.88 25.91 -9.90
CA GLU A 877 -80.32 26.87 -10.92
C GLU A 877 -79.66 28.23 -10.78
N GLU A 878 -79.48 28.91 -11.91
CA GLU A 878 -78.85 30.22 -11.93
C GLU A 878 -79.61 31.23 -11.08
N VAL A 879 -80.92 31.04 -10.98
CA VAL A 879 -81.75 31.84 -10.07
C VAL A 879 -81.33 31.59 -8.63
N VAL A 880 -80.95 30.35 -8.37
CA VAL A 880 -80.48 29.94 -7.05
C VAL A 880 -78.98 30.18 -6.91
N LYS A 881 -78.33 30.60 -7.99
CA LYS A 881 -76.90 30.92 -7.94
C LYS A 881 -76.72 32.31 -7.36
N LYS A 882 -77.83 33.00 -7.13
CA LYS A 882 -77.82 34.30 -6.46
C LYS A 882 -77.63 34.09 -4.96
N MET A 883 -77.69 32.82 -4.55
CA MET A 883 -77.41 32.39 -3.18
C MET A 883 -75.91 32.27 -2.95
N LYS A 884 -75.12 32.45 -4.01
CA LYS A 884 -73.70 32.10 -4.00
C LYS A 884 -72.81 32.81 -2.98
N ASN A 885 -73.18 34.00 -2.53
CA ASN A 885 -72.35 34.71 -1.56
C ASN A 885 -72.23 33.95 -0.25
N TYR A 886 -73.33 33.31 0.17
CA TYR A 886 -73.31 32.47 1.35
C TYR A 886 -72.39 31.28 1.14
N TRP A 887 -72.40 30.76 -0.08
CA TRP A 887 -71.52 29.66 -0.45
C TRP A 887 -70.07 30.11 -0.38
N ARG A 888 -69.83 31.39 -0.64
CA ARG A 888 -68.49 31.95 -0.60
C ARG A 888 -68.02 32.13 0.85
N GLN A 889 -68.93 32.56 1.71
CA GLN A 889 -68.62 32.64 3.13
C GLN A 889 -68.38 31.24 3.71
N LEU A 890 -69.08 30.24 3.20
CA LEU A 890 -68.79 28.86 3.55
C LEU A 890 -67.46 28.39 2.96
N LEU A 891 -67.06 29.03 1.86
CA LEU A 891 -65.83 28.65 1.17
C LEU A 891 -64.58 29.14 1.90
N ASN A 892 -64.60 30.39 2.36
CA ASN A 892 -63.45 30.92 3.09
C ASN A 892 -63.37 30.41 4.52
N ALA A 893 -64.47 29.83 4.98
CA ALA A 893 -64.59 29.23 6.30
C ALA A 893 -64.05 27.80 6.32
N LYS A 894 -63.69 27.31 5.14
CA LYS A 894 -63.33 25.91 4.92
C LYS A 894 -64.51 24.97 5.12
N LEU A 895 -65.70 25.52 5.32
CA LEU A 895 -66.91 24.72 5.49
C LEU A 895 -67.30 23.97 4.21
N ILE A 896 -66.90 24.52 3.07
CA ILE A 896 -67.05 23.82 1.80
C ILE A 896 -65.75 23.88 1.01
N THR A 897 -65.48 22.82 0.26
CA THR A 897 -64.32 22.75 -0.62
C THR A 897 -64.53 23.60 -1.88
N GLN A 898 -63.43 24.03 -2.47
CA GLN A 898 -63.47 24.86 -3.69
C GLN A 898 -64.15 24.13 -4.85
N ARG A 899 -63.97 22.82 -4.92
CA ARG A 899 -64.61 22.03 -5.97
C ARG A 899 -66.12 22.06 -5.81
N LYS A 900 -66.59 22.03 -4.56
CA LYS A 900 -68.01 22.10 -4.28
C LYS A 900 -68.56 23.46 -4.67
N PHE A 901 -67.74 24.48 -4.54
CA PHE A 901 -68.13 25.84 -4.91
C PHE A 901 -68.24 25.95 -6.43
N ASP A 902 -67.26 25.36 -7.12
CA ASP A 902 -67.25 25.36 -8.57
C ASP A 902 -68.44 24.59 -9.12
N ASN A 903 -68.84 23.54 -8.41
CA ASN A 903 -69.99 22.74 -8.82
C ASN A 903 -71.32 23.44 -8.56
N LEU A 904 -71.40 24.10 -7.40
CA LEU A 904 -72.60 24.85 -7.04
C LEU A 904 -72.81 26.03 -7.99
N THR A 905 -71.70 26.61 -8.46
CA THR A 905 -71.77 27.79 -9.32
C THR A 905 -72.05 27.47 -10.80
N LYS A 906 -71.95 26.19 -11.17
CA LYS A 906 -72.20 25.79 -12.55
C LYS A 906 -73.68 25.85 -12.89
N LEU A 912 -73.54 21.86 -16.96
CA LEU A 912 -72.59 20.74 -17.05
C LEU A 912 -71.99 20.59 -18.44
N SER A 913 -70.70 20.89 -18.55
CA SER A 913 -69.98 20.76 -19.81
C SER A 913 -69.78 19.29 -20.17
N GLU A 914 -69.66 19.03 -21.48
CA GLU A 914 -69.42 17.69 -21.99
C GLU A 914 -68.07 17.13 -21.52
N LEU A 915 -67.10 18.01 -21.36
CA LEU A 915 -65.78 17.63 -20.85
C LEU A 915 -65.87 17.15 -19.42
N ASP A 916 -66.77 17.75 -18.65
CA ASP A 916 -67.00 17.33 -17.28
C ASP A 916 -67.56 15.92 -17.29
N LYS A 917 -68.37 15.62 -18.29
CA LYS A 917 -68.93 14.28 -18.44
C LYS A 917 -67.82 13.29 -18.76
N ALA A 918 -66.89 13.70 -19.60
CA ALA A 918 -65.74 12.85 -19.93
C ALA A 918 -64.90 12.58 -18.69
N GLY A 919 -64.82 13.59 -17.82
CA GLY A 919 -64.10 13.45 -16.57
C GLY A 919 -64.82 12.49 -15.64
N PHE A 920 -66.14 12.52 -15.66
CA PHE A 920 -66.94 11.64 -14.82
C PHE A 920 -66.77 10.19 -15.25
N ILE A 921 -66.92 9.96 -16.56
CA ILE A 921 -66.81 8.61 -17.09
C ILE A 921 -65.41 8.05 -16.89
N LYS A 922 -64.39 8.90 -17.04
CA LYS A 922 -63.02 8.49 -16.76
C LYS A 922 -62.81 8.20 -15.27
N ARG A 923 -63.55 8.92 -14.43
CA ARG A 923 -63.38 8.81 -12.98
C ARG A 923 -63.99 7.55 -12.40
N GLN A 924 -65.17 7.18 -12.88
CA GLN A 924 -65.90 6.04 -12.35
C GLN A 924 -65.24 4.68 -12.61
N LEU A 925 -64.43 4.59 -13.66
CA LEU A 925 -63.89 3.31 -14.11
C LEU A 925 -62.48 3.02 -13.62
N VAL A 926 -61.60 4.01 -13.71
CA VAL A 926 -60.18 3.81 -13.41
C VAL A 926 -59.92 3.52 -11.92
N GLU A 927 -59.06 2.56 -11.65
CA GLU A 927 -58.66 2.23 -10.28
C GLU A 927 -57.24 2.71 -9.96
N THR A 928 -57.16 3.77 -9.17
CA THR A 928 -55.89 4.42 -8.85
C THR A 928 -54.90 3.59 -8.03
N ARG A 929 -55.41 2.62 -7.27
CA ARG A 929 -54.57 1.84 -6.35
C ARG A 929 -53.50 1.06 -7.13
N GLN A 930 -52.26 1.12 -6.64
CA GLN A 930 -51.12 0.56 -7.36
C GLN A 930 -50.99 -0.94 -7.16
N ILE A 931 -51.25 -1.39 -5.94
CA ILE A 931 -51.11 -2.80 -5.60
C ILE A 931 -52.11 -3.63 -6.42
N THR A 932 -53.28 -3.08 -6.67
CA THR A 932 -54.26 -3.76 -7.49
C THR A 932 -53.78 -3.88 -8.93
N LYS A 933 -53.02 -2.88 -9.39
CA LYS A 933 -52.45 -2.94 -10.72
C LYS A 933 -51.41 -4.05 -10.79
N HIS A 934 -50.62 -4.17 -9.72
CA HIS A 934 -49.63 -5.24 -9.67
C HIS A 934 -50.29 -6.62 -9.64
N VAL A 935 -51.43 -6.71 -8.95
CA VAL A 935 -52.15 -7.97 -8.89
C VAL A 935 -52.72 -8.33 -10.26
N ALA A 936 -53.23 -7.32 -10.96
CA ALA A 936 -53.76 -7.54 -12.29
C ALA A 936 -52.66 -7.96 -13.26
N GLN A 937 -51.47 -7.38 -13.10
CA GLN A 937 -50.33 -7.73 -13.92
C GLN A 937 -49.87 -9.16 -13.67
N ILE A 938 -49.88 -9.55 -12.39
CA ILE A 938 -49.47 -10.91 -12.02
C ILE A 938 -50.45 -11.92 -12.60
N LEU A 939 -51.73 -11.66 -12.40
CA LEU A 939 -52.77 -12.56 -12.90
C LEU A 939 -52.74 -12.64 -14.42
N ASP A 940 -52.41 -11.51 -15.04
CA ASP A 940 -52.31 -11.47 -16.50
C ASP A 940 -51.13 -12.29 -17.01
N SER A 941 -50.01 -12.22 -16.30
CA SER A 941 -48.85 -13.03 -16.68
C SER A 941 -49.11 -14.51 -16.48
N ARG A 942 -49.82 -14.85 -15.41
CA ARG A 942 -50.16 -16.24 -15.11
C ARG A 942 -51.16 -16.80 -16.12
N MET A 943 -52.00 -15.93 -16.67
CA MET A 943 -53.08 -16.35 -17.55
C MET A 943 -52.74 -16.30 -19.04
N ASN A 944 -51.71 -15.54 -19.39
CA ASN A 944 -51.34 -15.36 -20.81
C ASN A 944 -49.86 -15.61 -21.07
N THR A 945 -49.54 -16.79 -21.59
CA THR A 945 -48.15 -17.14 -21.87
C THR A 945 -47.89 -17.34 -23.36
N LYS A 946 -48.89 -17.85 -24.07
CA LYS A 946 -48.74 -18.17 -25.48
C LYS A 946 -48.49 -16.95 -26.36
N TYR A 947 -47.61 -17.11 -27.35
CA TYR A 947 -47.34 -16.06 -28.33
C TYR A 947 -47.63 -16.56 -29.74
N ASP A 948 -48.14 -15.66 -30.58
CA ASP A 948 -48.44 -16.01 -31.98
C ASP A 948 -47.19 -15.91 -32.86
N GLU A 949 -47.34 -16.27 -34.13
CA GLU A 949 -46.22 -16.30 -35.08
C GLU A 949 -45.59 -14.94 -35.27
N ASN A 950 -46.36 -13.89 -35.03
CA ASN A 950 -45.89 -12.51 -35.16
C ASN A 950 -45.18 -12.03 -33.90
N ASP A 951 -45.10 -12.93 -32.92
CA ASP A 951 -44.51 -12.68 -31.60
C ASP A 951 -45.36 -11.75 -30.73
N LYS A 952 -46.58 -11.47 -31.19
CA LYS A 952 -47.56 -10.76 -30.37
C LYS A 952 -48.13 -11.68 -29.29
N LEU A 953 -48.50 -11.09 -28.16
CA LEU A 953 -49.12 -11.84 -27.08
C LEU A 953 -50.53 -12.31 -27.44
N ILE A 954 -50.84 -13.56 -27.10
CA ILE A 954 -52.20 -14.09 -27.28
C ILE A 954 -52.97 -13.96 -25.98
N ARG A 955 -53.82 -12.93 -25.89
CA ARG A 955 -54.54 -12.65 -24.65
C ARG A 955 -55.88 -13.37 -24.55
N GLU A 956 -55.84 -14.59 -24.04
CA GLU A 956 -57.05 -15.38 -23.83
C GLU A 956 -57.95 -14.79 -22.75
N VAL A 957 -57.36 -14.07 -21.80
CA VAL A 957 -58.06 -13.66 -20.59
C VAL A 957 -57.94 -12.17 -20.29
N LYS A 958 -59.06 -11.53 -19.97
CA LYS A 958 -59.05 -10.16 -19.52
C LYS A 958 -59.02 -10.12 -17.99
N VAL A 959 -58.20 -9.23 -17.42
CA VAL A 959 -58.16 -9.08 -15.97
C VAL A 959 -58.73 -7.71 -15.55
N ILE A 960 -60.03 -7.68 -15.34
CA ILE A 960 -60.75 -6.47 -14.97
C ILE A 960 -60.47 -6.03 -13.52
N THR A 961 -60.40 -4.72 -13.29
CA THR A 961 -60.19 -4.19 -11.94
C THR A 961 -61.26 -3.15 -11.56
N LEU A 962 -62.32 -3.61 -10.91
CA LEU A 962 -63.42 -2.74 -10.49
C LEU A 962 -63.11 -1.82 -9.31
N LYS A 963 -63.67 -0.61 -9.36
CA LYS A 963 -63.76 0.24 -8.17
C LYS A 963 -64.74 -0.39 -7.20
N SER A 964 -64.46 -0.29 -5.91
CA SER A 964 -65.36 -0.84 -4.90
C SER A 964 -66.70 -0.12 -4.90
N LYS A 965 -66.68 1.16 -5.26
CA LYS A 965 -67.86 2.00 -5.16
C LYS A 965 -68.97 1.52 -6.07
N LEU A 966 -68.61 0.94 -7.21
CA LEU A 966 -69.60 0.49 -8.18
C LEU A 966 -70.42 -0.65 -7.61
N VAL A 967 -69.74 -1.61 -7.01
CA VAL A 967 -70.40 -2.74 -6.34
C VAL A 967 -71.16 -2.30 -5.08
N SER A 968 -70.63 -1.29 -4.38
CA SER A 968 -71.31 -0.80 -3.19
C SER A 968 -72.63 -0.13 -3.54
N ASP A 969 -72.59 0.77 -4.52
CA ASP A 969 -73.78 1.44 -4.99
C ASP A 969 -74.73 0.47 -5.68
N PHE A 970 -74.17 -0.59 -6.27
CA PHE A 970 -75.00 -1.63 -6.85
C PHE A 970 -75.77 -2.35 -5.74
N ARG A 971 -75.11 -2.57 -4.61
CA ARG A 971 -75.78 -3.16 -3.46
C ARG A 971 -76.84 -2.21 -2.91
N LYS A 972 -76.58 -0.91 -3.00
CA LYS A 972 -77.52 0.06 -2.43
C LYS A 972 -78.77 0.28 -3.28
N ASP A 973 -78.58 0.51 -4.57
CA ASP A 973 -79.68 0.84 -5.48
C ASP A 973 -80.66 -0.32 -5.65
N PHE A 974 -80.16 -1.54 -5.55
CA PHE A 974 -80.98 -2.72 -5.82
C PHE A 974 -81.20 -3.59 -4.59
N GLN A 975 -80.97 -2.98 -3.42
CA GLN A 975 -81.31 -3.57 -2.12
C GLN A 975 -80.65 -4.92 -1.84
N PHE A 976 -79.43 -5.12 -2.34
CA PHE A 976 -78.65 -6.32 -2.00
C PHE A 976 -77.78 -6.04 -0.77
N TYR A 977 -78.43 -6.00 0.39
CA TYR A 977 -77.78 -5.57 1.62
C TYR A 977 -76.68 -6.49 2.15
N LYS A 978 -75.66 -5.89 2.74
CA LYS A 978 -74.53 -6.63 3.31
C LYS A 978 -74.46 -6.40 4.82
N VAL A 979 -74.24 -7.47 5.57
CA VAL A 979 -73.97 -7.37 7.00
C VAL A 979 -72.77 -8.23 7.35
N ARG A 980 -71.68 -7.59 7.77
CA ARG A 980 -70.42 -8.30 8.00
C ARG A 980 -70.51 -9.34 9.12
N GLU A 981 -71.30 -9.05 10.15
CA GLU A 981 -71.27 -9.84 11.38
C GLU A 981 -72.06 -11.15 11.37
N ILE A 982 -73.01 -11.29 10.45
CA ILE A 982 -73.83 -12.49 10.41
C ILE A 982 -73.00 -13.73 10.08
N ASN A 983 -72.03 -13.54 9.18
CA ASN A 983 -71.20 -14.63 8.69
C ASN A 983 -70.07 -14.13 7.81
N ASN A 984 -69.29 -15.07 7.27
CA ASN A 984 -68.24 -14.74 6.31
C ASN A 984 -68.74 -14.73 4.86
N TYR A 985 -70.03 -14.99 4.67
CA TYR A 985 -70.61 -15.12 3.34
C TYR A 985 -70.46 -13.86 2.49
N HIS A 986 -70.35 -12.71 3.15
CA HIS A 986 -70.32 -11.43 2.44
C HIS A 986 -69.10 -11.29 1.53
N HIS A 987 -68.01 -11.98 1.84
CA HIS A 987 -66.84 -11.98 0.98
C HIS A 987 -67.15 -12.66 -0.36
N ALA A 988 -67.78 -13.83 -0.28
CA ALA A 988 -68.14 -14.58 -1.48
C ALA A 988 -69.19 -13.82 -2.29
N HIS A 989 -70.14 -13.21 -1.60
CA HIS A 989 -71.18 -12.44 -2.25
C HIS A 989 -70.58 -11.23 -2.95
N ASP A 990 -69.54 -10.67 -2.33
CA ASP A 990 -68.82 -9.55 -2.90
C ASP A 990 -68.07 -9.95 -4.17
N ALA A 991 -67.44 -11.12 -4.15
CA ALA A 991 -66.73 -11.59 -5.34
C ALA A 991 -67.70 -11.87 -6.48
N TYR A 992 -68.87 -12.38 -6.13
CA TYR A 992 -69.90 -12.68 -7.12
C TYR A 992 -70.39 -11.39 -7.78
N LEU A 993 -70.71 -10.40 -6.95
CA LEU A 993 -71.16 -9.12 -7.47
C LEU A 993 -70.06 -8.43 -8.27
N ASN A 994 -68.81 -8.68 -7.90
CA ASN A 994 -67.68 -8.13 -8.64
C ASN A 994 -67.63 -8.69 -10.05
N ALA A 995 -67.76 -10.01 -10.17
CA ALA A 995 -67.76 -10.64 -11.48
C ALA A 995 -68.97 -10.21 -12.31
N VAL A 996 -70.11 -10.01 -11.64
CA VAL A 996 -71.32 -9.59 -12.33
C VAL A 996 -71.16 -8.19 -12.92
N VAL A 997 -70.90 -7.22 -12.05
CA VAL A 997 -70.80 -5.83 -12.47
C VAL A 997 -69.62 -5.63 -13.44
N GLY A 998 -68.54 -6.36 -13.22
CA GLY A 998 -67.38 -6.23 -14.09
C GLY A 998 -67.65 -6.76 -15.49
N THR A 999 -68.13 -7.99 -15.58
CA THR A 999 -68.39 -8.57 -16.89
C THR A 999 -69.49 -7.80 -17.61
N ALA A 1000 -70.47 -7.31 -16.87
CA ALA A 1000 -71.54 -6.54 -17.48
C ALA A 1000 -71.00 -5.22 -18.02
N LEU A 1001 -70.06 -4.62 -17.27
CA LEU A 1001 -69.45 -3.36 -17.70
C LEU A 1001 -68.61 -3.52 -18.96
N ILE A 1002 -67.91 -4.64 -19.09
CA ILE A 1002 -67.16 -4.88 -20.32
C ILE A 1002 -68.10 -5.14 -21.49
N LYS A 1003 -69.13 -5.94 -21.26
CA LYS A 1003 -70.07 -6.28 -22.30
C LYS A 1003 -70.83 -5.05 -22.81
N LYS A 1004 -71.04 -4.09 -21.92
CA LYS A 1004 -71.76 -2.87 -22.30
C LYS A 1004 -70.88 -1.83 -23.00
N TYR A 1005 -69.64 -1.68 -22.55
CA TYR A 1005 -68.74 -0.67 -23.12
C TYR A 1005 -67.37 -1.25 -23.47
N PRO A 1006 -67.30 -2.04 -24.55
CA PRO A 1006 -66.04 -2.65 -25.00
C PRO A 1006 -64.95 -1.61 -25.30
N LYS A 1007 -65.36 -0.46 -25.80
CA LYS A 1007 -64.41 0.59 -26.20
C LYS A 1007 -63.62 1.15 -25.01
N LEU A 1008 -64.19 1.05 -23.82
CA LEU A 1008 -63.58 1.59 -22.61
C LEU A 1008 -62.61 0.59 -21.97
N GLU A 1009 -62.29 -0.45 -22.72
CA GLU A 1009 -61.51 -1.58 -22.22
C GLU A 1009 -60.14 -1.16 -21.71
N SER A 1010 -59.55 -0.13 -22.31
CA SER A 1010 -58.23 0.33 -21.91
C SER A 1010 -58.23 0.87 -20.48
N GLU A 1011 -59.35 1.45 -20.07
CA GLU A 1011 -59.47 2.09 -18.77
C GLU A 1011 -59.47 1.15 -17.56
N PHE A 1012 -59.86 -0.10 -17.77
CA PHE A 1012 -60.01 -1.02 -16.64
C PHE A 1012 -59.67 -2.48 -16.91
N VAL A 1013 -58.95 -2.73 -18.01
CA VAL A 1013 -58.44 -4.08 -18.29
C VAL A 1013 -56.94 -4.00 -18.52
N TYR A 1014 -56.19 -4.92 -17.90
CA TYR A 1014 -54.74 -4.92 -18.06
C TYR A 1014 -54.33 -5.27 -19.49
N GLY A 1015 -53.25 -4.65 -19.95
CA GLY A 1015 -52.76 -4.86 -21.30
C GLY A 1015 -52.82 -3.60 -22.13
N ASP A 1016 -52.19 -3.62 -23.30
CA ASP A 1016 -52.21 -2.47 -24.21
C ASP A 1016 -53.50 -2.45 -25.00
N TYR A 1017 -54.19 -1.33 -24.99
CA TYR A 1017 -55.44 -1.16 -25.73
C TYR A 1017 -55.55 0.27 -26.23
N LYS A 1018 -56.30 0.47 -27.31
CA LYS A 1018 -56.51 1.81 -27.82
C LYS A 1018 -57.30 2.63 -26.80
N VAL A 1019 -56.86 3.86 -26.57
CA VAL A 1019 -57.58 4.78 -25.70
C VAL A 1019 -58.52 5.60 -26.57
N TYR A 1020 -59.78 5.16 -26.62
CA TYR A 1020 -60.76 5.76 -27.52
C TYR A 1020 -61.09 7.21 -27.20
N ASP A 1021 -61.41 7.96 -28.24
CA ASP A 1021 -61.80 9.37 -28.11
C ASP A 1021 -63.06 9.44 -27.28
N VAL A 1022 -62.89 9.83 -26.02
CA VAL A 1022 -63.97 9.77 -25.04
C VAL A 1022 -65.15 10.69 -25.39
N ARG A 1023 -64.87 11.80 -26.05
CA ARG A 1023 -65.92 12.75 -26.40
C ARG A 1023 -66.93 12.14 -27.38
N LYS A 1024 -66.45 11.23 -28.23
CA LYS A 1024 -67.30 10.64 -29.25
C LYS A 1024 -68.42 9.77 -28.68
N MET A 1025 -68.11 8.96 -27.66
CA MET A 1025 -69.12 8.15 -27.01
C MET A 1025 -70.12 8.98 -26.19
N ILE A 1026 -69.67 10.12 -25.67
CA ILE A 1026 -70.58 11.07 -25.06
C ILE A 1026 -71.45 11.64 -26.18
N ALA A 1027 -72.72 11.88 -25.88
CA ALA A 1027 -73.65 12.25 -26.92
C ALA A 1027 -74.49 13.48 -26.58
N LYS A 1028 -75.06 14.07 -27.62
CA LYS A 1028 -76.11 15.08 -27.48
C LYS A 1028 -77.34 14.35 -26.96
N SER A 1029 -78.38 15.09 -26.60
CA SER A 1029 -79.50 14.55 -25.84
C SER A 1029 -80.18 13.35 -26.51
N GLU A 1030 -80.14 13.31 -27.84
CA GLU A 1030 -80.66 12.16 -28.57
C GLU A 1030 -79.61 11.06 -28.72
N TYR A 1040 -72.62 6.32 -26.83
CA TYR A 1040 -72.97 5.48 -25.70
C TYR A 1040 -74.06 6.10 -24.84
N PHE A 1041 -73.70 7.11 -24.06
CA PHE A 1041 -74.58 7.66 -23.03
C PHE A 1041 -74.61 9.18 -23.00
N PHE A 1042 -75.80 9.75 -22.81
CA PHE A 1042 -75.94 11.18 -22.56
C PHE A 1042 -75.73 11.47 -21.07
N TYR A 1043 -76.30 10.62 -20.22
CA TYR A 1043 -76.04 10.68 -18.79
C TYR A 1043 -74.77 9.89 -18.47
N SER A 1044 -73.86 10.50 -17.72
CA SER A 1044 -72.51 9.95 -17.60
C SER A 1044 -72.34 8.83 -16.57
N ASN A 1045 -73.38 8.55 -15.78
CA ASN A 1045 -73.31 7.44 -14.84
C ASN A 1045 -73.26 6.12 -15.61
N ILE A 1046 -72.15 5.40 -15.47
CA ILE A 1046 -71.95 4.16 -16.20
C ILE A 1046 -72.81 3.02 -15.67
N MET A 1047 -73.27 3.17 -14.43
CA MET A 1047 -74.08 2.15 -13.79
C MET A 1047 -75.56 2.29 -14.15
N ASN A 1048 -75.89 3.33 -14.89
CA ASN A 1048 -77.28 3.67 -15.18
C ASN A 1048 -78.05 2.59 -15.94
N PHE A 1049 -77.34 1.81 -16.76
CA PHE A 1049 -78.01 0.80 -17.58
C PHE A 1049 -78.68 -0.30 -16.77
N PHE A 1050 -78.19 -0.55 -15.55
CA PHE A 1050 -78.83 -1.52 -14.68
C PHE A 1050 -80.24 -1.10 -14.27
N LYS A 1051 -80.46 0.20 -14.14
CA LYS A 1051 -81.75 0.72 -13.68
C LYS A 1051 -82.85 0.62 -14.74
N THR A 1052 -84.07 0.31 -14.30
CA THR A 1052 -85.22 0.29 -15.20
C THR A 1052 -85.67 1.70 -15.52
N GLU A 1053 -85.50 2.60 -14.56
CA GLU A 1053 -85.86 4.00 -14.74
C GLU A 1053 -84.99 4.90 -13.87
N ILE A 1054 -84.56 6.02 -14.44
CA ILE A 1054 -83.67 6.93 -13.74
C ILE A 1054 -84.41 8.18 -13.28
N THR A 1055 -84.24 8.51 -12.00
CA THR A 1055 -84.83 9.72 -11.45
C THR A 1055 -83.86 10.91 -11.57
N LEU A 1056 -84.31 11.96 -12.25
CA LEU A 1056 -83.49 13.16 -12.45
C LEU A 1056 -83.57 14.09 -11.25
N ALA A 1057 -82.70 15.11 -11.23
CA ALA A 1057 -82.65 16.05 -10.12
C ALA A 1057 -83.95 16.84 -9.98
N ASN A 1058 -84.63 17.05 -11.11
CA ASN A 1058 -85.93 17.74 -11.11
C ASN A 1058 -87.10 16.81 -10.78
N GLY A 1059 -86.82 15.51 -10.72
CA GLY A 1059 -87.84 14.51 -10.44
C GLY A 1059 -88.42 13.84 -11.68
N GLU A 1060 -88.09 14.34 -12.87
CA GLU A 1060 -88.51 13.69 -14.10
C GLU A 1060 -87.85 12.32 -14.20
N ILE A 1061 -88.55 11.36 -14.80
CA ILE A 1061 -88.05 10.00 -14.88
C ILE A 1061 -87.78 9.54 -16.31
N ARG A 1062 -86.54 9.10 -16.57
CA ARG A 1062 -86.21 8.50 -17.86
C ARG A 1062 -86.33 6.98 -17.80
N LYS A 1063 -87.37 6.45 -18.44
CA LYS A 1063 -87.52 5.00 -18.53
C LYS A 1063 -86.43 4.40 -19.42
N ARG A 1064 -86.02 3.18 -19.11
CA ARG A 1064 -85.03 2.47 -19.90
C ARG A 1064 -85.55 1.08 -20.28
N PRO A 1065 -85.07 0.53 -21.41
CA PRO A 1065 -85.54 -0.76 -21.90
C PRO A 1065 -85.24 -1.88 -20.92
N LEU A 1066 -86.14 -2.86 -20.84
CA LEU A 1066 -86.04 -3.93 -19.88
C LEU A 1066 -84.78 -4.78 -20.10
N ILE A 1067 -84.33 -4.85 -21.36
CA ILE A 1067 -83.13 -5.60 -21.68
C ILE A 1067 -82.05 -4.70 -22.28
N GLU A 1068 -80.98 -4.48 -21.52
CA GLU A 1068 -79.85 -3.68 -22.01
C GLU A 1068 -78.89 -4.51 -22.85
N THR A 1069 -78.41 -3.89 -23.93
CA THR A 1069 -77.61 -4.58 -24.92
C THR A 1069 -76.66 -3.61 -25.63
N ASN A 1070 -75.53 -4.14 -26.11
CA ASN A 1070 -74.57 -3.34 -26.84
C ASN A 1070 -74.99 -3.17 -28.30
N GLY A 1071 -74.99 -1.93 -28.79
CA GLY A 1071 -75.42 -1.67 -30.15
C GLY A 1071 -74.42 -2.12 -31.21
N GLU A 1072 -73.13 -2.01 -30.89
CA GLU A 1072 -72.09 -2.31 -31.87
C GLU A 1072 -71.97 -3.81 -32.13
N THR A 1073 -72.05 -4.60 -31.07
CA THR A 1073 -71.88 -6.05 -31.18
C THR A 1073 -73.22 -6.77 -31.25
N GLY A 1074 -74.26 -6.16 -30.70
CA GLY A 1074 -75.58 -6.77 -30.66
C GLY A 1074 -75.74 -7.70 -29.47
N GLU A 1075 -74.68 -7.84 -28.68
CA GLU A 1075 -74.68 -8.71 -27.52
C GLU A 1075 -75.59 -8.19 -26.40
N ILE A 1076 -76.35 -9.10 -25.79
CA ILE A 1076 -77.14 -8.77 -24.62
C ILE A 1076 -76.22 -8.61 -23.41
N VAL A 1077 -76.45 -7.58 -22.60
CA VAL A 1077 -75.61 -7.37 -21.43
C VAL A 1077 -76.38 -7.50 -20.12
N TRP A 1078 -77.67 -7.19 -20.13
CA TRP A 1078 -78.46 -7.27 -18.90
C TRP A 1078 -79.95 -7.49 -19.13
N ASP A 1079 -80.57 -8.28 -18.27
CA ASP A 1079 -82.00 -8.54 -18.34
C ASP A 1079 -82.63 -8.25 -16.98
N LYS A 1080 -83.27 -7.11 -16.86
CA LYS A 1080 -83.74 -6.61 -15.58
C LYS A 1080 -84.79 -7.49 -14.90
N GLY A 1081 -85.56 -8.23 -15.69
CA GLY A 1081 -86.57 -9.12 -15.14
C GLY A 1081 -86.08 -10.49 -14.72
N ARG A 1082 -84.88 -10.87 -15.15
CA ARG A 1082 -84.40 -12.24 -14.94
C ARG A 1082 -83.08 -12.26 -14.16
N ASP A 1083 -82.14 -11.45 -14.61
CA ASP A 1083 -80.82 -11.41 -14.00
C ASP A 1083 -80.82 -10.91 -12.56
N PHE A 1084 -81.69 -9.96 -12.24
CA PHE A 1084 -81.80 -9.50 -10.86
C PHE A 1084 -82.33 -10.62 -9.97
N ALA A 1085 -83.23 -11.40 -10.54
CA ALA A 1085 -83.76 -12.53 -9.82
C ALA A 1085 -82.63 -13.53 -9.58
N THR A 1086 -81.78 -13.73 -10.58
CA THR A 1086 -80.66 -14.66 -10.42
C THR A 1086 -79.68 -14.15 -9.36
N VAL A 1087 -79.53 -12.83 -9.25
CA VAL A 1087 -78.64 -12.26 -8.24
C VAL A 1087 -79.18 -12.48 -6.83
N ARG A 1088 -80.47 -12.22 -6.65
CA ARG A 1088 -81.09 -12.46 -5.34
C ARG A 1088 -81.03 -13.94 -4.98
N LYS A 1089 -81.18 -14.80 -5.99
CA LYS A 1089 -81.10 -16.24 -5.77
C LYS A 1089 -79.70 -16.67 -5.36
N VAL A 1090 -78.69 -16.07 -5.98
CA VAL A 1090 -77.30 -16.42 -5.66
C VAL A 1090 -76.95 -15.97 -4.25
N LEU A 1091 -77.36 -14.76 -3.88
CA LEU A 1091 -77.12 -14.29 -2.52
C LEU A 1091 -77.88 -15.12 -1.49
N SER A 1092 -79.08 -15.59 -1.87
CA SER A 1092 -79.94 -16.32 -0.95
C SER A 1092 -79.53 -17.74 -0.59
N MET A 1093 -78.78 -18.41 -1.45
CA MET A 1093 -78.47 -19.83 -1.23
C MET A 1093 -77.50 -20.06 -0.06
N PRO A 1094 -77.92 -20.89 0.91
CA PRO A 1094 -77.22 -21.22 2.16
C PRO A 1094 -75.84 -21.85 1.99
N GLN A 1095 -75.64 -22.62 0.92
CA GLN A 1095 -74.37 -23.33 0.71
C GLN A 1095 -73.28 -22.45 0.07
N VAL A 1096 -72.25 -22.17 0.87
CA VAL A 1096 -71.10 -21.39 0.42
C VAL A 1096 -69.85 -21.98 1.06
N ASN A 1097 -68.78 -22.11 0.29
CA ASN A 1097 -67.55 -22.75 0.78
C ASN A 1097 -66.64 -21.81 1.56
N ILE A 1098 -66.83 -21.75 2.88
CA ILE A 1098 -65.95 -20.97 3.75
C ILE A 1098 -64.78 -21.83 4.23
N VAL A 1099 -63.56 -21.43 3.92
CA VAL A 1099 -62.39 -22.21 4.34
C VAL A 1099 -61.41 -21.40 5.18
N LYS A 1100 -61.32 -21.72 6.47
CA LYS A 1100 -60.30 -21.13 7.32
C LYS A 1100 -59.01 -21.89 7.08
N LYS A 1101 -58.04 -21.22 6.48
CA LYS A 1101 -56.84 -21.89 5.99
C LYS A 1101 -56.05 -22.50 7.15
N THR A 1102 -55.64 -23.75 6.98
CA THR A 1102 -54.80 -24.40 7.98
C THR A 1102 -53.37 -23.93 7.80
N GLU A 1103 -52.62 -23.83 8.89
CA GLU A 1103 -51.27 -23.31 8.82
C GLU A 1103 -50.31 -23.95 9.80
N VAL A 1104 -49.04 -24.01 9.40
CA VAL A 1104 -47.99 -24.59 10.22
C VAL A 1104 -47.00 -23.52 10.63
N GLN A 1105 -46.93 -23.26 11.94
CA GLN A 1105 -46.08 -22.20 12.48
C GLN A 1105 -44.60 -22.52 12.25
N THR A 1106 -43.80 -21.48 11.99
CA THR A 1106 -42.35 -21.64 11.85
C THR A 1106 -41.62 -20.62 12.71
N PRO A 1141 -41.38 -22.58 22.78
CA PRO A 1141 -42.71 -22.89 23.32
C PRO A 1141 -43.81 -22.68 22.29
N THR A 1142 -43.49 -22.86 21.01
CA THR A 1142 -44.49 -22.72 19.95
C THR A 1142 -44.59 -24.00 19.13
N VAL A 1143 -45.79 -24.54 19.01
CA VAL A 1143 -46.00 -25.76 18.23
C VAL A 1143 -46.33 -25.48 16.78
N ALA A 1144 -45.65 -26.20 15.88
CA ALA A 1144 -45.89 -26.08 14.45
C ALA A 1144 -47.17 -26.79 14.03
N TYR A 1145 -47.36 -28.00 14.55
CA TYR A 1145 -48.54 -28.80 14.24
C TYR A 1145 -48.75 -29.90 15.27
N SER A 1146 -49.97 -30.40 15.37
CA SER A 1146 -50.29 -31.45 16.33
C SER A 1146 -50.58 -32.78 15.64
N VAL A 1147 -49.67 -33.74 15.76
CA VAL A 1147 -49.85 -35.05 15.15
C VAL A 1147 -50.67 -35.97 16.04
N LEU A 1148 -51.66 -36.65 15.46
CA LEU A 1148 -52.39 -37.68 16.16
C LEU A 1148 -51.47 -38.88 16.40
N VAL A 1149 -51.57 -39.48 17.59
CA VAL A 1149 -50.66 -40.56 17.98
C VAL A 1149 -51.42 -41.81 18.42
N VAL A 1150 -51.01 -42.96 17.89
CA VAL A 1150 -51.57 -44.24 18.30
C VAL A 1150 -50.46 -45.26 18.60
N SER A 1163 -50.29 -47.02 22.01
CA SER A 1163 -51.05 -47.58 23.12
C SER A 1163 -52.53 -47.18 23.04
N VAL A 1164 -52.78 -45.88 23.01
CA VAL A 1164 -54.15 -45.34 22.95
C VAL A 1164 -54.16 -44.05 22.13
N LYS A 1165 -55.32 -43.67 21.61
CA LYS A 1165 -55.45 -42.42 20.85
C LYS A 1165 -55.22 -41.19 21.71
N GLU A 1166 -54.44 -40.26 21.19
CA GLU A 1166 -54.19 -38.97 21.85
C GLU A 1166 -53.51 -37.98 20.91
N LEU A 1167 -53.64 -36.69 21.21
CA LEU A 1167 -52.98 -35.64 20.45
C LEU A 1167 -51.69 -35.18 21.14
N LEU A 1168 -50.68 -34.84 20.35
CA LEU A 1168 -49.44 -34.31 20.90
C LEU A 1168 -48.88 -33.17 20.06
N GLY A 1169 -48.49 -32.09 20.72
CA GLY A 1169 -47.89 -30.95 20.03
C GLY A 1169 -46.48 -31.23 19.58
N ILE A 1170 -46.04 -30.51 18.55
CA ILE A 1170 -44.70 -30.66 18.01
C ILE A 1170 -44.04 -29.30 17.81
N THR A 1171 -43.11 -28.96 18.69
CA THR A 1171 -42.40 -27.69 18.58
C THR A 1171 -41.45 -27.71 17.39
N ILE A 1172 -41.12 -26.52 16.88
CA ILE A 1172 -40.23 -26.38 15.73
C ILE A 1172 -38.85 -26.96 16.03
N MET A 1173 -38.43 -26.88 17.28
CA MET A 1173 -37.16 -27.47 17.69
C MET A 1173 -37.22 -29.00 17.62
N GLU A 1174 -38.32 -29.58 18.08
CA GLU A 1174 -38.52 -31.02 18.01
C GLU A 1174 -38.71 -31.54 16.59
N ARG A 1175 -39.24 -30.70 15.71
CA ARG A 1175 -39.78 -31.16 14.42
C ARG A 1175 -38.74 -31.74 13.46
N SER A 1176 -37.50 -31.29 13.52
CA SER A 1176 -36.48 -31.77 12.59
C SER A 1176 -36.09 -33.22 12.91
N SER A 1177 -35.76 -33.45 14.18
CA SER A 1177 -35.45 -34.79 14.65
C SER A 1177 -36.69 -35.67 14.56
N PHE A 1178 -37.86 -35.05 14.64
CA PHE A 1178 -39.10 -35.77 14.43
C PHE A 1178 -39.21 -36.27 12.99
N GLU A 1179 -38.89 -35.41 12.03
CA GLU A 1179 -38.92 -35.80 10.61
C GLU A 1179 -37.87 -36.85 10.30
N LYS A 1180 -36.74 -36.79 11.00
CA LYS A 1180 -35.64 -37.70 10.71
C LYS A 1180 -35.94 -39.14 11.14
N ASN A 1181 -36.25 -39.32 12.42
CA ASN A 1181 -36.60 -40.62 12.96
C ASN A 1181 -37.81 -40.55 13.87
N PRO A 1182 -39.01 -40.40 13.28
CA PRO A 1182 -40.24 -40.19 14.06
C PRO A 1182 -40.53 -41.30 15.05
N ILE A 1183 -40.20 -42.53 14.68
CA ILE A 1183 -40.53 -43.67 15.52
C ILE A 1183 -39.76 -43.65 16.83
N ASP A 1184 -38.46 -43.37 16.77
CA ASP A 1184 -37.64 -43.31 17.98
C ASP A 1184 -38.01 -42.14 18.88
N PHE A 1185 -38.55 -41.09 18.27
CA PHE A 1185 -38.98 -39.90 18.99
C PHE A 1185 -40.25 -40.22 19.76
N LEU A 1186 -41.20 -40.84 19.07
CA LEU A 1186 -42.46 -41.23 19.69
C LEU A 1186 -42.20 -42.25 20.78
N GLU A 1187 -41.22 -43.12 20.56
CA GLU A 1187 -40.80 -44.09 21.57
C GLU A 1187 -40.14 -43.37 22.74
N ALA A 1188 -39.44 -42.28 22.46
CA ALA A 1188 -38.82 -41.49 23.52
C ALA A 1188 -39.90 -40.85 24.39
N LYS A 1189 -41.01 -40.47 23.76
CA LYS A 1189 -42.16 -39.96 24.52
C LYS A 1189 -42.87 -41.05 25.31
N GLY A 1190 -42.75 -42.28 24.84
CA GLY A 1190 -43.41 -43.41 25.50
C GLY A 1190 -43.54 -44.64 24.62
N LYS A 1196 -48.52 -46.82 14.66
CA LYS A 1196 -47.32 -46.52 13.88
C LYS A 1196 -47.65 -46.43 12.39
N ASP A 1197 -48.64 -47.21 11.97
CA ASP A 1197 -49.05 -47.24 10.57
C ASP A 1197 -49.63 -45.90 10.09
N LEU A 1198 -50.23 -45.15 11.01
CA LEU A 1198 -50.89 -43.90 10.67
C LEU A 1198 -50.12 -42.66 11.11
N ILE A 1199 -49.66 -41.89 10.13
CA ILE A 1199 -49.04 -40.59 10.41
C ILE A 1199 -49.96 -39.47 9.97
N ILE A 1200 -50.63 -38.85 10.94
CA ILE A 1200 -51.53 -37.74 10.63
C ILE A 1200 -51.15 -36.47 11.37
N LYS A 1201 -50.47 -35.57 10.66
CA LYS A 1201 -50.14 -34.26 11.19
C LYS A 1201 -51.34 -33.35 11.02
N LEU A 1202 -51.76 -32.70 12.11
CA LEU A 1202 -52.88 -31.78 12.05
C LEU A 1202 -52.42 -30.34 12.22
N PRO A 1203 -52.49 -29.57 11.12
CA PRO A 1203 -52.17 -28.14 11.10
C PRO A 1203 -53.17 -27.36 11.93
N LYS A 1204 -52.75 -26.20 12.44
CA LYS A 1204 -53.66 -25.35 13.21
C LYS A 1204 -54.89 -25.01 12.38
N TYR A 1205 -56.03 -24.92 13.05
CA TYR A 1205 -57.35 -24.76 12.40
C TYR A 1205 -57.79 -25.96 11.58
N SER A 1206 -57.30 -27.15 11.93
CA SER A 1206 -57.76 -28.36 11.27
C SER A 1206 -59.23 -28.56 11.56
N LEU A 1207 -59.98 -29.00 10.55
CA LEU A 1207 -61.43 -29.10 10.65
C LEU A 1207 -61.91 -30.50 11.05
N PHE A 1208 -62.89 -30.55 11.94
CA PHE A 1208 -63.49 -31.81 12.37
C PHE A 1208 -65.00 -31.65 12.46
N GLU A 1209 -65.73 -32.71 12.16
CA GLU A 1209 -67.18 -32.68 12.24
C GLU A 1209 -67.67 -33.75 13.19
N LEU A 1210 -68.76 -33.44 13.90
CA LEU A 1210 -69.37 -34.37 14.81
C LEU A 1210 -70.85 -34.02 15.00
N GLU A 1211 -71.66 -35.06 15.16
CA GLU A 1211 -73.09 -34.99 15.44
C GLU A 1211 -73.89 -34.12 14.48
N ASN A 1212 -74.78 -33.30 15.05
CA ASN A 1212 -75.79 -32.66 14.22
C ASN A 1212 -75.25 -31.48 13.43
N GLY A 1213 -74.34 -31.79 12.51
CA GLY A 1213 -73.81 -30.79 11.60
C GLY A 1213 -72.78 -29.88 12.24
N ARG A 1214 -72.41 -30.20 13.47
CA ARG A 1214 -71.47 -29.40 14.24
C ARG A 1214 -70.04 -29.53 13.75
N LYS A 1215 -69.29 -28.43 13.79
CA LYS A 1215 -67.90 -28.45 13.39
C LYS A 1215 -66.98 -27.80 14.43
N ARG A 1216 -65.74 -28.24 14.47
CA ARG A 1216 -64.75 -27.72 15.40
C ARG A 1216 -63.37 -27.64 14.76
N MET A 1217 -62.64 -26.56 15.05
CA MET A 1217 -61.28 -26.39 14.54
C MET A 1217 -60.25 -26.57 15.64
N LEU A 1218 -59.10 -27.16 15.30
CA LEU A 1218 -58.06 -27.41 16.28
C LEU A 1218 -57.09 -26.23 16.39
N ALA A 1219 -57.43 -25.26 17.25
CA ALA A 1219 -56.55 -24.12 17.48
C ALA A 1219 -55.23 -24.57 18.13
N SER A 1220 -55.33 -25.60 18.96
CA SER A 1220 -54.17 -26.19 19.60
C SER A 1220 -54.59 -27.54 20.16
N ALA A 1221 -53.63 -28.32 20.64
CA ALA A 1221 -53.93 -29.60 21.26
C ALA A 1221 -54.77 -29.40 22.52
N GLY A 1222 -54.68 -28.20 23.09
CA GLY A 1222 -55.43 -27.87 24.29
C GLY A 1222 -56.73 -27.10 24.10
N GLU A 1223 -57.07 -26.70 22.88
CA GLU A 1223 -58.27 -25.87 22.69
C GLU A 1223 -58.89 -25.98 21.29
N LEU A 1224 -60.21 -25.78 21.24
CA LEU A 1224 -60.98 -25.85 19.99
C LEU A 1224 -61.72 -24.54 19.69
N GLN A 1225 -61.88 -24.24 18.40
CA GLN A 1225 -62.66 -23.09 17.96
C GLN A 1225 -63.94 -23.53 17.24
N LYS A 1226 -64.94 -22.66 17.23
CA LYS A 1226 -66.19 -22.95 16.54
C LYS A 1226 -65.96 -23.10 15.03
N GLY A 1227 -66.51 -24.16 14.46
CA GLY A 1227 -66.34 -24.43 13.04
C GLY A 1227 -67.54 -24.14 12.15
N ASN A 1228 -68.61 -23.65 12.75
CA ASN A 1228 -69.87 -23.46 12.02
C ASN A 1228 -70.14 -22.04 11.52
N GLU A 1229 -70.77 -21.96 10.35
CA GLU A 1229 -71.18 -20.70 9.76
C GLU A 1229 -72.71 -20.58 9.77
N LEU A 1230 -73.25 -19.78 10.69
CA LEU A 1230 -74.68 -19.56 10.72
C LEU A 1230 -75.13 -18.85 9.45
N ALA A 1231 -76.04 -19.48 8.71
CA ALA A 1231 -76.63 -18.86 7.54
C ALA A 1231 -77.96 -18.26 7.95
N LEU A 1232 -78.29 -17.10 7.36
CA LEU A 1232 -79.59 -16.51 7.61
C LEU A 1232 -80.32 -16.30 6.30
N PRO A 1233 -81.65 -16.44 6.34
CA PRO A 1233 -82.47 -16.11 5.18
C PRO A 1233 -82.30 -14.63 4.85
N SER A 1234 -82.32 -14.31 3.57
CA SER A 1234 -82.02 -12.96 3.12
C SER A 1234 -83.00 -11.92 3.65
N LYS A 1235 -84.24 -12.36 3.93
CA LYS A 1235 -85.24 -11.46 4.47
C LYS A 1235 -84.81 -10.93 5.84
N TYR A 1236 -84.26 -11.81 6.66
CA TYR A 1236 -83.76 -11.42 7.98
C TYR A 1236 -82.55 -10.50 7.87
N VAL A 1237 -81.73 -10.72 6.84
CA VAL A 1237 -80.52 -9.94 6.66
C VAL A 1237 -80.88 -8.52 6.25
N ASN A 1238 -81.72 -8.40 5.24
CA ASN A 1238 -82.16 -7.10 4.76
C ASN A 1238 -82.97 -6.38 5.84
N PHE A 1239 -83.70 -7.15 6.64
CA PHE A 1239 -84.45 -6.56 7.74
C PHE A 1239 -83.52 -6.01 8.81
N LEU A 1240 -82.42 -6.73 9.08
CA LEU A 1240 -81.45 -6.27 10.07
C LEU A 1240 -80.72 -5.02 9.57
N TYR A 1241 -80.45 -4.98 8.27
CA TYR A 1241 -79.78 -3.83 7.71
C TYR A 1241 -80.70 -2.62 7.80
N LEU A 1242 -81.94 -2.80 7.37
CA LEU A 1242 -82.92 -1.72 7.37
C LEU A 1242 -83.28 -1.24 8.78
N ALA A 1243 -83.26 -2.15 9.75
CA ALA A 1243 -83.61 -1.79 11.12
C ALA A 1243 -82.46 -1.09 11.81
N SER A 1244 -81.25 -1.61 11.64
CA SER A 1244 -80.06 -1.00 12.22
C SER A 1244 -79.76 0.37 11.62
N HIS A 1245 -80.17 0.55 10.37
CA HIS A 1245 -79.91 1.79 9.64
C HIS A 1245 -81.12 2.72 9.65
N TYR A 1246 -82.05 2.45 10.58
CA TYR A 1246 -83.30 3.21 10.72
C TYR A 1246 -83.13 4.73 10.57
N VAL A 1263 -90.44 -0.14 7.73
CA VAL A 1263 -91.43 -1.19 7.91
C VAL A 1263 -91.51 -1.67 9.35
N GLU A 1264 -92.24 -0.93 10.17
CA GLU A 1264 -92.46 -1.28 11.58
C GLU A 1264 -93.29 -2.54 11.75
N GLN A 1265 -94.09 -2.86 10.73
CA GLN A 1265 -95.00 -4.01 10.79
C GLN A 1265 -94.25 -5.34 10.88
N HIS A 1266 -93.00 -5.33 10.45
CA HIS A 1266 -92.18 -6.54 10.44
C HIS A 1266 -91.40 -6.70 11.74
N LYS A 1267 -92.00 -6.28 12.85
CA LYS A 1267 -91.36 -6.31 14.16
C LYS A 1267 -91.15 -7.73 14.71
N HIS A 1268 -91.97 -8.68 14.28
CA HIS A 1268 -91.89 -10.06 14.78
C HIS A 1268 -90.61 -10.77 14.32
N TYR A 1269 -90.01 -10.23 13.28
CA TYR A 1269 -88.78 -10.78 12.73
C TYR A 1269 -87.64 -10.73 13.73
N LEU A 1270 -87.74 -9.83 14.70
CA LEU A 1270 -86.77 -9.79 15.80
C LEU A 1270 -86.84 -11.10 16.58
N ASP A 1271 -88.05 -11.48 16.98
CA ASP A 1271 -88.24 -12.71 17.74
C ASP A 1271 -87.88 -13.92 16.89
N GLU A 1272 -88.18 -13.87 15.59
CA GLU A 1272 -87.83 -14.99 14.72
C GLU A 1272 -86.32 -15.16 14.58
N ILE A 1273 -85.62 -14.03 14.52
CA ILE A 1273 -84.17 -14.04 14.41
C ILE A 1273 -83.52 -14.56 15.68
N ILE A 1274 -84.03 -14.10 16.83
CA ILE A 1274 -83.51 -14.58 18.10
C ILE A 1274 -83.79 -16.08 18.26
N GLU A 1275 -84.93 -16.53 17.76
CA GLU A 1275 -85.25 -17.95 17.79
C GLU A 1275 -84.27 -18.74 16.91
N GLN A 1276 -83.87 -18.15 15.78
CA GLN A 1276 -82.95 -18.83 14.88
C GLN A 1276 -81.53 -18.90 15.46
N ILE A 1277 -81.10 -17.80 16.08
CA ILE A 1277 -79.80 -17.75 16.74
C ILE A 1277 -79.76 -18.71 17.92
N SER A 1278 -80.88 -18.87 18.61
CA SER A 1278 -80.93 -19.78 19.75
C SER A 1278 -80.92 -21.25 19.30
N GLU A 1279 -81.68 -21.55 18.25
CA GLU A 1279 -81.70 -22.91 17.73
C GLU A 1279 -80.31 -23.29 17.21
N PHE A 1280 -79.64 -22.31 16.60
CA PHE A 1280 -78.30 -22.54 16.09
C PHE A 1280 -77.32 -22.75 17.24
N SER A 1281 -77.44 -21.90 18.26
CA SER A 1281 -76.53 -21.94 19.40
C SER A 1281 -76.67 -23.22 20.18
N LYS A 1282 -77.88 -23.77 20.22
CA LYS A 1282 -78.11 -25.03 20.90
C LYS A 1282 -77.65 -26.21 20.05
N ARG A 1283 -77.82 -26.09 18.74
CA ARG A 1283 -77.36 -27.15 17.85
C ARG A 1283 -75.84 -27.31 17.81
N VAL A 1284 -75.10 -26.21 17.91
CA VAL A 1284 -73.65 -26.25 17.69
C VAL A 1284 -72.76 -25.46 18.66
N ILE A 1285 -73.18 -24.26 19.06
CA ILE A 1285 -72.36 -23.42 19.93
C ILE A 1285 -72.15 -24.02 21.33
N LEU A 1286 -73.18 -24.71 21.84
CA LEU A 1286 -73.12 -25.39 23.14
C LEU A 1286 -72.69 -24.50 24.31
N ALA A 1287 -73.24 -23.29 24.39
CA ALA A 1287 -72.97 -22.40 25.50
C ALA A 1287 -74.29 -21.93 26.11
N ASP A 1288 -75.05 -22.88 26.68
CA ASP A 1288 -76.40 -22.62 27.17
C ASP A 1288 -76.48 -21.61 28.30
N ALA A 1289 -75.45 -21.60 29.14
CA ALA A 1289 -75.41 -20.71 30.29
C ALA A 1289 -75.36 -19.24 29.86
N ASN A 1290 -74.75 -18.99 28.71
CA ASN A 1290 -74.69 -17.64 28.16
C ASN A 1290 -75.95 -17.33 27.38
N LEU A 1291 -76.47 -18.33 26.68
CA LEU A 1291 -77.67 -18.15 25.88
C LEU A 1291 -78.87 -17.80 26.75
N ASP A 1292 -78.91 -18.34 27.97
CA ASP A 1292 -79.98 -18.00 28.90
C ASP A 1292 -79.93 -16.53 29.28
N LYS A 1293 -78.73 -16.03 29.52
CA LYS A 1293 -78.52 -14.62 29.83
C LYS A 1293 -78.89 -13.75 28.65
N VAL A 1294 -78.64 -14.26 27.45
CA VAL A 1294 -78.93 -13.49 26.24
C VAL A 1294 -80.43 -13.36 26.02
N LEU A 1295 -81.14 -14.48 26.14
CA LEU A 1295 -82.59 -14.47 25.96
C LEU A 1295 -83.26 -13.65 27.06
N SER A 1296 -82.70 -13.73 28.27
CA SER A 1296 -83.25 -12.99 29.40
C SER A 1296 -83.08 -11.49 29.16
N ALA A 1297 -81.89 -11.11 28.71
CA ALA A 1297 -81.64 -9.71 28.40
C ALA A 1297 -82.48 -9.23 27.22
N TYR A 1298 -82.81 -10.13 26.29
CA TYR A 1298 -83.69 -9.79 25.18
C TYR A 1298 -85.09 -9.50 25.66
N ASN A 1299 -85.54 -10.27 26.65
CA ASN A 1299 -86.80 -9.97 27.31
C ASN A 1299 -86.77 -8.70 28.13
N LYS A 1300 -85.58 -8.35 28.63
CA LYS A 1300 -85.42 -7.14 29.45
C LYS A 1300 -85.62 -5.83 28.69
N HIS A 1301 -85.31 -5.81 27.40
CA HIS A 1301 -85.31 -4.55 26.65
C HIS A 1301 -86.16 -4.58 25.39
N ARG A 1302 -87.28 -5.29 25.44
CA ARG A 1302 -88.23 -5.31 24.32
C ARG A 1302 -88.85 -3.92 24.15
N ASP A 1303 -88.87 -3.16 25.23
CA ASP A 1303 -89.41 -1.80 25.23
C ASP A 1303 -88.60 -0.85 24.35
N LYS A 1304 -87.32 -1.16 24.18
CA LYS A 1304 -86.39 -0.31 23.44
C LYS A 1304 -86.79 -0.25 21.96
N PRO A 1305 -86.51 0.87 21.29
CA PRO A 1305 -86.85 1.06 19.88
C PRO A 1305 -86.16 0.06 18.96
N ILE A 1306 -86.82 -0.30 17.87
CA ILE A 1306 -86.39 -1.41 17.03
C ILE A 1306 -84.97 -1.23 16.48
N ARG A 1307 -84.54 0.01 16.31
CA ARG A 1307 -83.19 0.28 15.81
C ARG A 1307 -82.12 -0.30 16.74
N GLU A 1308 -82.17 0.10 18.01
CA GLU A 1308 -81.19 -0.34 19.00
C GLU A 1308 -81.30 -1.85 19.25
N GLN A 1309 -82.52 -2.37 19.15
CA GLN A 1309 -82.74 -3.80 19.31
C GLN A 1309 -82.01 -4.56 18.22
N ALA A 1310 -82.17 -4.10 16.99
CA ALA A 1310 -81.50 -4.72 15.85
C ALA A 1310 -79.99 -4.58 15.93
N GLU A 1311 -79.52 -3.47 16.49
CA GLU A 1311 -78.08 -3.29 16.64
C GLU A 1311 -77.50 -4.29 17.63
N ASN A 1312 -78.19 -4.47 18.76
CA ASN A 1312 -77.75 -5.46 19.74
C ASN A 1312 -77.90 -6.92 19.28
N ILE A 1313 -78.91 -7.18 18.46
CA ILE A 1313 -79.03 -8.49 17.83
C ILE A 1313 -77.86 -8.70 16.88
N ILE A 1314 -77.41 -7.61 16.26
CA ILE A 1314 -76.22 -7.64 15.43
C ILE A 1314 -74.97 -7.94 16.28
N HIS A 1315 -74.96 -7.44 17.50
CA HIS A 1315 -73.88 -7.79 18.44
C HIS A 1315 -73.93 -9.25 18.85
N LEU A 1316 -75.13 -9.83 18.84
CA LEU A 1316 -75.33 -11.21 19.27
C LEU A 1316 -74.58 -12.20 18.40
N PHE A 1317 -74.34 -11.83 17.14
CA PHE A 1317 -73.80 -12.76 16.16
C PHE A 1317 -72.37 -13.23 16.46
N THR A 1318 -71.64 -12.48 17.28
CA THR A 1318 -70.28 -12.88 17.64
C THR A 1318 -70.26 -14.18 18.43
N LEU A 1319 -71.36 -14.47 19.12
CA LEU A 1319 -71.53 -15.74 19.80
C LEU A 1319 -71.56 -16.90 18.81
N THR A 1320 -72.20 -16.67 17.67
CA THR A 1320 -72.35 -17.69 16.64
C THR A 1320 -71.22 -17.70 15.62
N ASN A 1321 -70.32 -16.71 15.71
CA ASN A 1321 -69.27 -16.55 14.71
C ASN A 1321 -68.27 -17.70 14.65
N LEU A 1322 -67.85 -18.04 13.44
CA LEU A 1322 -66.79 -19.02 13.22
C LEU A 1322 -65.48 -18.50 13.80
N GLY A 1323 -64.65 -19.39 14.31
CA GLY A 1323 -63.37 -18.99 14.89
C GLY A 1323 -63.42 -18.87 16.40
N ALA A 1324 -62.39 -18.25 16.98
CA ALA A 1324 -62.25 -18.18 18.43
C ALA A 1324 -63.35 -17.37 19.09
N PRO A 1325 -63.91 -17.90 20.18
CA PRO A 1325 -64.98 -17.24 20.95
C PRO A 1325 -64.49 -15.91 21.52
N ALA A 1326 -65.37 -14.92 21.58
CA ALA A 1326 -65.01 -13.62 22.09
C ALA A 1326 -66.15 -13.00 22.90
N ALA A 1327 -65.79 -12.22 23.91
CA ALA A 1327 -66.76 -11.53 24.74
C ALA A 1327 -67.52 -10.49 23.94
N PHE A 1328 -68.81 -10.33 24.23
CA PHE A 1328 -69.62 -9.36 23.49
C PHE A 1328 -70.73 -8.77 24.35
N LYS A 1329 -70.98 -7.47 24.18
CA LYS A 1329 -71.97 -6.78 24.99
C LYS A 1329 -73.33 -6.75 24.30
N TYR A 1330 -74.36 -7.18 25.03
CA TYR A 1330 -75.73 -7.07 24.57
C TYR A 1330 -76.51 -6.19 25.53
N PHE A 1331 -76.80 -4.96 25.10
CA PHE A 1331 -77.38 -3.94 25.98
C PHE A 1331 -76.54 -3.76 27.24
N ASP A 1332 -77.19 -3.77 28.40
CA ASP A 1332 -76.50 -3.65 29.67
C ASP A 1332 -75.60 -4.85 29.95
N THR A 1333 -76.10 -6.04 29.58
CA THR A 1333 -75.40 -7.29 29.83
C THR A 1333 -74.16 -7.48 28.95
N THR A 1334 -73.10 -8.04 29.53
CA THR A 1334 -71.97 -8.50 28.73
C THR A 1334 -71.85 -10.02 28.84
N ILE A 1335 -71.59 -10.66 27.70
CA ILE A 1335 -71.44 -12.11 27.66
C ILE A 1335 -69.97 -12.48 27.48
N ASP A 1336 -69.43 -13.21 28.46
CA ASP A 1336 -68.04 -13.66 28.42
C ASP A 1336 -67.86 -14.82 27.45
N ARG A 1337 -66.66 -14.91 26.88
CA ARG A 1337 -66.34 -15.97 25.94
C ARG A 1337 -66.25 -17.34 26.60
N LYS A 1338 -66.69 -18.36 25.87
CA LYS A 1338 -66.64 -19.74 26.34
C LYS A 1338 -65.67 -20.56 25.50
N ARG A 1339 -64.54 -20.92 26.11
CA ARG A 1339 -63.53 -21.72 25.44
C ARG A 1339 -63.83 -23.21 25.45
N TYR A 1340 -63.55 -23.86 24.33
CA TYR A 1340 -63.65 -25.31 24.25
C TYR A 1340 -62.29 -25.92 24.57
N THR A 1341 -61.97 -26.01 25.85
CA THR A 1341 -60.66 -26.43 26.31
C THR A 1341 -60.41 -27.94 26.24
N SER A 1342 -61.47 -28.72 26.05
CA SER A 1342 -61.31 -30.14 25.86
C SER A 1342 -61.33 -30.49 24.38
N THR A 1343 -60.27 -31.14 23.91
CA THR A 1343 -60.18 -31.56 22.52
C THR A 1343 -60.46 -33.05 22.39
N LYS A 1344 -60.93 -33.67 23.47
CA LYS A 1344 -61.13 -35.11 23.48
C LYS A 1344 -62.19 -35.56 22.49
N GLU A 1345 -63.20 -34.72 22.26
CA GLU A 1345 -64.29 -35.09 21.35
C GLU A 1345 -63.83 -35.20 19.90
N VAL A 1346 -62.76 -34.48 19.57
CA VAL A 1346 -62.20 -34.48 18.22
C VAL A 1346 -61.65 -35.87 17.84
N LEU A 1347 -61.21 -36.61 18.85
CA LEU A 1347 -60.55 -37.89 18.62
C LEU A 1347 -61.46 -38.93 17.95
N ASP A 1348 -62.76 -38.84 18.19
CA ASP A 1348 -63.73 -39.73 17.55
C ASP A 1348 -64.53 -39.02 16.46
N ALA A 1349 -64.19 -37.76 16.21
CA ALA A 1349 -64.85 -36.93 15.20
C ALA A 1349 -64.32 -37.24 13.80
N THR A 1350 -65.08 -36.87 12.78
CA THR A 1350 -64.60 -37.04 11.41
C THR A 1350 -63.84 -35.82 10.86
N LEU A 1351 -62.53 -35.98 10.72
CA LEU A 1351 -61.67 -34.95 10.17
C LEU A 1351 -62.02 -34.63 8.72
N ILE A 1352 -62.02 -33.34 8.37
CA ILE A 1352 -62.28 -32.92 7.01
C ILE A 1352 -61.11 -32.11 6.47
N HIS A 1353 -60.27 -32.74 5.65
CA HIS A 1353 -59.22 -31.98 4.98
C HIS A 1353 -59.81 -31.23 3.80
N GLN A 1354 -59.56 -29.93 3.75
CA GLN A 1354 -60.14 -29.08 2.73
C GLN A 1354 -59.14 -28.63 1.68
N SER A 1355 -59.65 -28.52 0.46
CA SER A 1355 -58.98 -27.85 -0.64
C SER A 1355 -58.97 -26.36 -0.33
N ILE A 1356 -58.09 -25.60 -0.96
CA ILE A 1356 -58.03 -24.17 -0.69
C ILE A 1356 -59.38 -23.50 -1.03
N THR A 1357 -60.07 -24.01 -2.05
CA THR A 1357 -61.42 -23.58 -2.36
C THR A 1357 -62.42 -24.30 -1.48
N GLY A 1358 -62.02 -25.46 -0.98
CA GLY A 1358 -62.87 -26.30 -0.17
C GLY A 1358 -63.72 -27.26 -0.99
N LEU A 1359 -63.63 -27.14 -2.31
CA LEU A 1359 -64.38 -28.02 -3.20
C LEU A 1359 -63.91 -29.49 -3.14
N TYR A 1360 -62.61 -29.69 -2.90
CA TYR A 1360 -62.06 -31.03 -2.82
C TYR A 1360 -61.81 -31.45 -1.37
N GLU A 1361 -62.72 -32.24 -0.81
CA GLU A 1361 -62.60 -32.71 0.56
C GLU A 1361 -62.05 -34.12 0.67
N THR A 1362 -61.31 -34.39 1.75
CA THR A 1362 -60.97 -35.76 2.11
C THR A 1362 -61.32 -35.95 3.58
N ARG A 1363 -62.32 -36.80 3.83
CA ARG A 1363 -62.89 -36.93 5.17
C ARG A 1363 -62.45 -38.20 5.90
N ILE A 1364 -61.49 -38.06 6.80
CA ILE A 1364 -60.97 -39.18 7.57
C ILE A 1364 -61.70 -39.36 8.91
N ASP A 1365 -62.51 -40.41 9.01
CA ASP A 1365 -63.18 -40.73 10.26
C ASP A 1365 -62.53 -41.92 10.95
N LEU A 1366 -62.07 -41.73 12.17
CA LEU A 1366 -61.52 -42.82 12.95
C LEU A 1366 -62.08 -42.80 14.37
N SER A 1367 -62.65 -43.93 14.78
CA SER A 1367 -63.34 -44.00 16.06
C SER A 1367 -63.54 -45.45 16.48
N LYS B 8 66.75 17.59 23.02
CA LYS B 8 67.31 16.30 23.38
C LYS B 8 67.56 15.47 22.12
N TYR B 9 66.47 15.07 21.46
CA TYR B 9 66.59 14.29 20.23
C TYR B 9 65.47 14.58 19.25
N SER B 10 65.75 14.37 17.96
CA SER B 10 64.78 14.60 16.90
C SER B 10 64.79 13.43 15.93
N ILE B 11 63.62 13.05 15.44
CA ILE B 11 63.50 11.93 14.50
C ILE B 11 63.51 12.41 13.05
N GLY B 12 64.22 11.68 12.20
CA GLY B 12 64.18 11.91 10.77
C GLY B 12 63.63 10.70 10.05
N LEU B 13 62.73 10.95 9.10
CA LEU B 13 62.04 9.87 8.40
C LEU B 13 62.09 10.04 6.87
N ASP B 14 62.40 8.93 6.19
CA ASP B 14 62.34 8.88 4.73
C ASP B 14 61.31 7.85 4.30
N ILE B 15 60.04 8.25 4.27
CA ILE B 15 58.95 7.36 3.89
C ILE B 15 58.96 7.01 2.41
N GLY B 16 58.65 5.75 2.11
CA GLY B 16 58.65 5.27 0.73
C GLY B 16 57.69 4.11 0.56
N THR B 17 57.43 3.73 -0.69
CA THR B 17 56.41 2.73 -0.98
C THR B 17 56.73 1.34 -0.47
N ASN B 18 58.02 1.01 -0.36
CA ASN B 18 58.44 -0.29 0.12
C ASN B 18 59.58 -0.21 1.13
N SER B 19 59.82 0.99 1.65
CA SER B 19 60.86 1.19 2.63
C SER B 19 60.54 2.37 3.53
N VAL B 20 61.11 2.35 4.74
CA VAL B 20 61.00 3.49 5.66
C VAL B 20 62.37 3.78 6.26
N GLY B 21 63.01 4.84 5.78
CA GLY B 21 64.24 5.31 6.40
C GLY B 21 63.94 5.94 7.75
N TRP B 22 64.79 5.69 8.74
CA TRP B 22 64.64 6.33 10.05
C TRP B 22 65.98 6.61 10.70
N ALA B 23 66.08 7.75 11.38
CA ALA B 23 67.31 8.12 12.07
C ALA B 23 67.02 9.00 13.27
N VAL B 24 67.85 8.90 14.31
CA VAL B 24 67.71 9.76 15.47
C VAL B 24 68.89 10.72 15.55
N ILE B 25 68.63 11.99 15.86
CA ILE B 25 69.70 12.97 15.95
C ILE B 25 69.68 13.76 17.27
N THR B 26 70.86 14.08 17.77
CA THR B 26 71.01 14.94 18.94
C THR B 26 70.98 16.39 18.48
N ASP B 27 71.07 17.32 19.41
CA ASP B 27 71.07 18.74 19.07
C ASP B 27 72.26 19.08 18.19
N GLU B 28 73.28 18.23 18.26
CA GLU B 28 74.52 18.48 17.55
C GLU B 28 74.59 17.68 16.25
N TYR B 29 73.47 17.07 15.90
CA TYR B 29 73.33 16.26 14.68
C TYR B 29 74.20 15.01 14.71
N LYS B 30 74.62 14.60 15.89
CA LYS B 30 75.22 13.29 16.06
C LYS B 30 74.11 12.24 16.12
N VAL B 31 74.42 11.02 15.68
CA VAL B 31 73.48 9.92 15.86
C VAL B 31 73.89 9.05 17.03
N PRO B 32 73.05 8.98 18.06
CA PRO B 32 73.37 8.26 19.31
C PRO B 32 73.57 6.75 19.12
N SER B 33 74.47 6.19 19.91
CA SER B 33 74.59 4.74 20.04
C SER B 33 73.88 4.34 21.32
N LYS B 34 73.42 3.09 21.38
CA LYS B 34 72.78 2.62 22.60
C LYS B 34 72.88 1.09 22.72
N LYS B 35 73.07 0.62 23.95
CA LYS B 35 73.13 -0.82 24.20
C LYS B 35 71.73 -1.39 24.35
N PHE B 36 71.51 -2.56 23.76
CA PHE B 36 70.21 -3.22 23.85
C PHE B 36 70.39 -4.68 24.26
N LYS B 37 69.58 -5.12 25.20
CA LYS B 37 69.62 -6.51 25.67
C LYS B 37 69.16 -7.49 24.58
N VAL B 38 69.82 -8.64 24.54
CA VAL B 38 69.46 -9.70 23.60
C VAL B 38 68.75 -10.85 24.32
N LEU B 39 67.45 -10.97 24.08
CA LEU B 39 66.62 -12.01 24.69
C LEU B 39 66.91 -13.39 24.08
N GLY B 40 66.49 -14.42 24.79
CA GLY B 40 66.63 -15.79 24.30
C GLY B 40 67.83 -16.52 24.86
N ASN B 41 68.02 -17.75 24.37
CA ASN B 41 69.01 -18.67 24.91
C ASN B 41 70.48 -18.33 24.66
N THR B 42 70.75 -17.47 23.68
CA THR B 42 72.13 -17.10 23.32
C THR B 42 72.87 -16.37 24.44
N ASP B 43 74.17 -16.63 24.54
CA ASP B 43 75.00 -16.12 25.63
C ASP B 43 75.20 -14.60 25.69
N ARG B 44 75.19 -13.94 24.53
CA ARG B 44 75.65 -12.56 24.44
C ARG B 44 74.82 -11.55 25.24
N HIS B 45 73.51 -11.68 25.18
CA HIS B 45 72.59 -10.87 25.98
C HIS B 45 72.73 -9.34 25.84
N SER B 46 73.57 -8.89 24.90
CA SER B 46 73.76 -7.45 24.70
C SER B 46 74.42 -7.10 23.37
N ILE B 47 73.95 -6.02 22.74
CA ILE B 47 74.55 -5.49 21.54
C ILE B 47 74.42 -3.97 21.50
N LYS B 48 75.53 -3.27 21.29
CA LYS B 48 75.45 -1.84 20.98
C LYS B 48 74.94 -1.64 19.55
N LYS B 49 74.13 -0.59 19.36
CA LYS B 49 73.57 -0.30 18.04
C LYS B 49 73.34 1.19 17.86
N ASN B 50 73.68 1.69 16.67
CA ASN B 50 73.44 3.08 16.32
C ASN B 50 71.96 3.33 16.00
N LEU B 51 71.48 4.53 16.32
CA LEU B 51 70.09 4.86 16.09
C LEU B 51 69.88 5.35 14.66
N ILE B 52 70.11 4.45 13.71
CA ILE B 52 69.90 4.73 12.29
C ILE B 52 69.52 3.42 11.61
N GLY B 53 68.70 3.50 10.57
CA GLY B 53 68.28 2.28 9.89
C GLY B 53 67.17 2.44 8.88
N ALA B 54 66.71 1.33 8.34
CA ALA B 54 65.64 1.33 7.37
C ALA B 54 64.78 0.08 7.51
N LEU B 55 63.49 0.23 7.28
CA LEU B 55 62.56 -0.90 7.32
C LEU B 55 62.02 -1.21 5.92
N LEU B 56 62.56 -2.26 5.30
CA LEU B 56 62.08 -2.73 4.03
C LEU B 56 60.85 -3.62 4.22
N PHE B 57 59.92 -3.59 3.27
CA PHE B 57 58.71 -4.40 3.37
C PHE B 57 58.08 -4.72 2.02
N ASP B 58 57.51 -5.92 1.91
CA ASP B 58 56.73 -6.31 0.75
C ASP B 58 55.34 -5.69 0.80
N SER B 59 54.74 -5.51 -0.37
CA SER B 59 53.33 -5.14 -0.44
C SER B 59 52.55 -6.28 -1.10
N GLY B 60 51.92 -7.12 -0.27
CA GLY B 60 51.10 -8.21 -0.76
C GLY B 60 49.93 -8.41 0.19
N GLU B 61 49.09 -9.40 -0.10
CA GLU B 61 47.95 -9.67 0.76
C GLU B 61 48.40 -10.08 2.16
N THR B 62 47.77 -9.49 3.17
CA THR B 62 48.15 -9.67 4.56
C THR B 62 46.95 -9.18 5.38
N ALA B 63 46.85 -9.62 6.63
CA ALA B 63 45.80 -9.10 7.50
C ALA B 63 46.01 -7.60 7.72
N GLU B 64 47.28 -7.20 7.78
CA GLU B 64 47.61 -5.79 7.90
C GLU B 64 47.22 -5.03 6.63
N ALA B 65 47.29 -5.71 5.49
CA ALA B 65 46.94 -5.08 4.22
C ALA B 65 45.42 -4.94 4.10
N THR B 66 44.69 -5.98 4.50
CA THR B 66 43.24 -5.95 4.50
C THR B 66 42.70 -4.95 5.52
N ARG B 67 43.45 -4.72 6.60
CA ARG B 67 43.07 -3.71 7.58
C ARG B 67 43.15 -2.31 6.98
N LEU B 68 44.05 -2.14 6.01
CA LEU B 68 44.25 -0.85 5.35
C LEU B 68 43.30 -0.61 4.19
N LYS B 69 42.50 -1.62 3.85
CA LYS B 69 41.50 -1.48 2.81
C LYS B 69 40.15 -0.98 3.37
N ARG B 70 39.45 -0.19 2.57
CA ARG B 70 38.11 0.26 2.91
C ARG B 70 37.10 -0.89 2.90
N THR B 71 36.14 -0.84 3.81
CA THR B 71 35.07 -1.83 3.87
C THR B 71 33.76 -1.15 4.20
N ALA B 72 32.65 -1.69 3.69
CA ALA B 72 31.35 -1.12 3.99
C ALA B 72 30.98 -1.27 5.47
N ARG B 73 31.43 -2.36 6.09
CA ARG B 73 31.05 -2.67 7.46
C ARG B 73 31.62 -1.69 8.48
N ARG B 74 32.88 -1.31 8.30
CA ARG B 74 33.52 -0.35 9.19
C ARG B 74 32.85 1.00 9.10
N ARG B 75 32.41 1.35 7.90
CA ARG B 75 31.67 2.59 7.67
C ARG B 75 30.32 2.52 8.36
N TYR B 76 29.70 1.35 8.30
CA TYR B 76 28.41 1.12 8.91
C TYR B 76 28.50 1.31 10.41
N THR B 77 29.50 0.67 11.02
CA THR B 77 29.68 0.77 12.47
C THR B 77 30.06 2.20 12.86
N ARG B 78 30.74 2.91 11.97
CA ARG B 78 31.11 4.29 12.24
C ARG B 78 29.86 5.18 12.34
N ARG B 79 29.02 5.10 11.31
CA ARG B 79 27.80 5.89 11.28
C ARG B 79 26.86 5.51 12.43
N LYS B 80 26.81 4.21 12.73
CA LYS B 80 25.97 3.73 13.82
C LYS B 80 26.47 4.30 15.13
N ASN B 81 27.79 4.42 15.26
CA ASN B 81 28.37 5.01 16.45
C ASN B 81 28.06 6.48 16.60
N ARG B 82 27.96 7.21 15.47
CA ARG B 82 27.53 8.61 15.56
C ARG B 82 26.05 8.71 15.98
N ILE B 83 25.24 7.83 15.41
CA ILE B 83 23.81 7.81 15.72
C ILE B 83 23.55 7.46 17.18
N CYS B 84 24.40 6.61 17.76
CA CYS B 84 24.23 6.25 19.18
C CYS B 84 24.41 7.44 20.11
N TYR B 85 25.42 8.26 19.83
CA TYR B 85 25.65 9.47 20.60
C TYR B 85 24.48 10.42 20.42
N LEU B 86 24.03 10.56 19.16
CA LEU B 86 22.91 11.47 18.91
C LEU B 86 21.64 11.02 19.64
N GLN B 87 21.47 9.70 19.79
CA GLN B 87 20.32 9.16 20.50
C GLN B 87 20.42 9.37 22.00
N GLU B 88 21.60 9.12 22.57
CA GLU B 88 21.80 9.32 24.00
C GLU B 88 21.61 10.77 24.40
N ILE B 89 22.00 11.70 23.52
CA ILE B 89 21.76 13.10 23.81
C ILE B 89 20.26 13.42 23.81
N PHE B 90 19.51 12.74 22.95
CA PHE B 90 18.07 12.96 22.83
C PHE B 90 17.23 12.09 23.77
N SER B 91 17.89 11.18 24.49
CA SER B 91 17.21 10.02 25.09
C SER B 91 16.08 10.31 26.09
N ASN B 92 16.34 11.18 27.06
CA ASN B 92 15.36 11.40 28.12
C ASN B 92 14.10 12.12 27.66
N GLU B 93 14.29 13.23 26.96
CA GLU B 93 13.15 14.01 26.49
C GLU B 93 12.35 13.20 25.48
N MET B 94 13.05 12.37 24.70
CA MET B 94 12.38 11.46 23.79
C MET B 94 11.59 10.42 24.58
N ALA B 95 12.11 10.05 25.75
CA ALA B 95 11.38 9.14 26.61
C ALA B 95 10.08 9.80 27.07
N LYS B 96 10.13 11.12 27.26
CA LYS B 96 8.90 11.84 27.57
C LYS B 96 7.93 11.89 26.37
N VAL B 97 8.46 12.12 25.17
CA VAL B 97 7.61 12.26 23.98
C VAL B 97 7.14 10.93 23.39
N ASP B 98 8.06 9.99 23.24
CA ASP B 98 7.76 8.70 22.64
C ASP B 98 8.75 7.66 23.15
N ASP B 99 8.28 6.83 24.08
CA ASP B 99 9.13 5.91 24.81
C ASP B 99 9.82 4.88 23.90
N SER B 100 9.16 4.54 22.81
CA SER B 100 9.64 3.45 21.94
C SER B 100 10.25 3.94 20.63
N PHE B 101 10.42 5.25 20.49
CA PHE B 101 10.75 5.84 19.20
C PHE B 101 12.10 5.39 18.63
N PHE B 102 13.08 5.17 19.49
CA PHE B 102 14.40 4.77 19.01
C PHE B 102 14.47 3.28 18.67
N HIS B 103 13.82 2.45 19.49
CA HIS B 103 13.74 1.03 19.20
C HIS B 103 12.94 0.75 17.94
N ARG B 104 11.92 1.57 17.71
CA ARG B 104 11.07 1.42 16.55
C ARG B 104 11.83 1.72 15.27
N LEU B 105 12.83 2.59 15.39
CA LEU B 105 13.58 3.06 14.23
C LEU B 105 14.37 1.95 13.56
N GLU B 106 14.36 1.96 12.23
CA GLU B 106 15.04 0.94 11.45
C GLU B 106 16.06 1.59 10.52
N GLU B 107 17.33 1.35 10.79
CA GLU B 107 18.40 2.01 10.05
C GLU B 107 19.43 1.01 9.53
N HIS B 120 9.52 0.27 7.06
CA HIS B 120 9.30 0.13 8.50
C HIS B 120 8.77 1.44 9.08
N PRO B 121 7.73 1.35 9.93
CA PRO B 121 7.08 2.54 10.48
C PRO B 121 8.02 3.37 11.34
N ILE B 122 7.87 4.69 11.29
CA ILE B 122 8.64 5.57 12.14
C ILE B 122 7.87 5.84 13.44
N PHE B 123 6.55 5.91 13.32
CA PHE B 123 5.69 6.21 14.45
C PHE B 123 4.94 4.99 14.97
N GLY B 124 4.47 5.07 16.22
CA GLY B 124 3.74 3.97 16.83
C GLY B 124 2.28 3.91 16.44
N ASN B 125 1.81 4.93 15.74
CA ASN B 125 0.43 4.97 15.28
C ASN B 125 0.32 5.48 13.86
N ILE B 126 -0.66 4.94 13.12
CA ILE B 126 -0.78 5.19 11.70
C ILE B 126 -1.09 6.65 11.34
N VAL B 127 -1.79 7.36 12.22
CA VAL B 127 -2.15 8.74 11.92
C VAL B 127 -0.93 9.64 11.79
N ASP B 128 -0.03 9.57 12.77
CA ASP B 128 1.20 10.36 12.73
C ASP B 128 2.10 9.96 11.57
N GLU B 129 2.06 8.68 11.21
CA GLU B 129 2.89 8.15 10.14
C GLU B 129 2.42 8.67 8.78
N VAL B 130 1.13 8.54 8.51
CA VAL B 130 0.57 9.00 7.25
C VAL B 130 0.71 10.51 7.13
N ALA B 131 0.44 11.22 8.22
CA ALA B 131 0.55 12.68 8.20
C ALA B 131 2.00 13.13 7.96
N TYR B 132 2.94 12.39 8.55
CA TYR B 132 4.34 12.73 8.39
C TYR B 132 4.78 12.52 6.96
N HIS B 133 4.45 11.36 6.40
CA HIS B 133 4.88 11.06 5.04
C HIS B 133 4.22 11.96 4.01
N GLU B 134 3.00 12.40 4.30
CA GLU B 134 2.31 13.30 3.38
C GLU B 134 2.97 14.69 3.43
N LYS B 135 3.26 15.16 4.64
CA LYS B 135 3.89 16.47 4.82
C LYS B 135 5.34 16.53 4.33
N TYR B 136 6.05 15.41 4.38
CA TYR B 136 7.47 15.40 4.06
C TYR B 136 7.87 14.28 3.09
N PRO B 137 7.57 14.48 1.80
CA PRO B 137 7.81 13.48 0.76
C PRO B 137 9.28 13.07 0.67
N THR B 138 10.18 14.01 0.97
CA THR B 138 11.60 13.71 1.01
C THR B 138 12.17 14.24 2.32
N ILE B 139 13.30 13.65 2.75
CA ILE B 139 13.93 14.05 4.00
C ILE B 139 14.37 15.50 3.93
N TYR B 140 14.66 15.96 2.71
CA TYR B 140 15.05 17.35 2.47
C TYR B 140 13.91 18.35 2.71
N HIS B 141 12.67 17.89 2.55
CA HIS B 141 11.52 18.73 2.86
C HIS B 141 11.49 19.03 4.35
N LEU B 142 11.62 17.96 5.15
CA LEU B 142 11.64 18.10 6.59
C LEU B 142 12.85 18.90 7.01
N ARG B 143 13.95 18.74 6.27
CA ARG B 143 15.19 19.44 6.57
C ARG B 143 15.00 20.94 6.40
N LYS B 144 14.47 21.34 5.25
CA LYS B 144 14.29 22.75 4.97
C LYS B 144 13.26 23.38 5.90
N LYS B 145 12.19 22.63 6.20
CA LYS B 145 11.17 23.18 7.09
C LYS B 145 11.71 23.36 8.50
N LEU B 146 12.54 22.42 8.96
CA LEU B 146 13.16 22.55 10.27
C LEU B 146 14.19 23.67 10.30
N VAL B 147 14.81 23.94 9.16
CA VAL B 147 15.77 25.04 9.09
C VAL B 147 15.10 26.40 9.09
N ASP B 148 14.04 26.55 8.30
CA ASP B 148 13.43 27.87 8.11
C ASP B 148 12.29 28.26 9.08
N SER B 149 11.43 27.31 9.43
CA SER B 149 10.28 27.62 10.28
C SER B 149 10.65 28.03 11.71
N THR B 150 9.97 29.05 12.22
CA THR B 150 10.17 29.49 13.61
C THR B 150 9.30 28.76 14.61
N ASP B 151 8.35 27.96 14.12
CA ASP B 151 7.44 27.22 14.98
C ASP B 151 8.16 26.11 15.74
N LYS B 152 7.65 25.79 16.92
CA LYS B 152 8.10 24.60 17.64
C LYS B 152 7.75 23.36 16.82
N ALA B 153 8.66 22.39 16.81
CA ALA B 153 8.44 21.16 16.06
C ALA B 153 8.59 19.96 16.99
N ASP B 154 7.97 18.84 16.61
CA ASP B 154 8.06 17.63 17.41
C ASP B 154 9.52 17.23 17.48
N LEU B 155 9.95 16.75 18.64
CA LEU B 155 11.35 16.43 18.85
C LEU B 155 11.78 15.31 17.91
N ARG B 156 10.83 14.46 17.55
CA ARG B 156 11.11 13.35 16.65
C ARG B 156 11.50 13.82 15.23
N LEU B 157 10.91 14.92 14.78
CA LEU B 157 11.23 15.43 13.45
C LEU B 157 12.64 16.00 13.45
N ILE B 158 12.96 16.74 14.51
CA ILE B 158 14.28 17.34 14.65
C ILE B 158 15.31 16.24 14.68
N TYR B 159 14.99 15.17 15.40
CA TYR B 159 15.89 14.04 15.43
C TYR B 159 16.05 13.43 14.05
N LEU B 160 14.97 13.32 13.28
CA LEU B 160 15.09 12.67 11.98
C LEU B 160 15.98 13.46 11.03
N ALA B 161 15.85 14.79 11.07
CA ALA B 161 16.70 15.63 10.23
C ALA B 161 18.15 15.56 10.67
N LEU B 162 18.39 15.78 11.97
CA LEU B 162 19.76 15.78 12.48
C LEU B 162 20.43 14.42 12.27
N ALA B 163 19.65 13.35 12.38
CA ALA B 163 20.19 12.01 12.22
C ALA B 163 20.52 11.76 10.76
N HIS B 164 19.68 12.24 9.86
CA HIS B 164 19.98 12.09 8.44
C HIS B 164 21.25 12.84 8.07
N MET B 165 21.46 13.97 8.74
CA MET B 165 22.63 14.80 8.44
C MET B 165 23.93 14.23 9.01
N ILE B 166 23.88 13.78 10.26
CA ILE B 166 25.02 13.16 10.92
C ILE B 166 25.39 11.82 10.29
N LYS B 167 24.39 11.11 9.76
CA LYS B 167 24.63 9.82 9.14
C LYS B 167 25.43 9.97 7.85
N PHE B 168 25.08 10.97 7.05
CA PHE B 168 25.73 11.20 5.77
C PHE B 168 26.36 12.59 5.75
N ARG B 169 27.37 12.77 6.59
CA ARG B 169 28.00 14.07 6.77
C ARG B 169 28.71 14.60 5.53
N GLY B 170 29.21 13.70 4.69
CA GLY B 170 29.99 14.12 3.53
C GLY B 170 31.47 14.29 3.82
N HIS B 171 32.23 14.67 2.81
CA HIS B 171 33.69 14.70 2.86
C HIS B 171 34.31 15.84 3.67
N PHE B 172 35.55 15.65 4.10
CA PHE B 172 36.28 16.68 4.85
C PHE B 172 37.45 17.32 4.09
N LEU B 173 37.44 17.23 2.77
CA LEU B 173 38.55 17.69 1.96
C LEU B 173 38.85 19.19 2.10
N ILE B 174 37.81 19.97 2.38
CA ILE B 174 38.01 21.39 2.67
C ILE B 174 38.19 21.60 4.17
N GLU B 175 39.27 22.27 4.54
CA GLU B 175 39.52 22.56 5.96
C GLU B 175 38.95 23.92 6.37
N GLY B 176 38.36 23.96 7.56
CA GLY B 176 37.84 25.20 8.10
C GLY B 176 36.47 25.58 7.57
N ASP B 177 36.02 26.77 7.93
CA ASP B 177 34.73 27.29 7.48
C ASP B 177 34.68 27.49 5.98
N LEU B 178 33.52 27.24 5.39
CA LEU B 178 33.33 27.53 3.97
C LEU B 178 33.42 29.02 3.71
N ASN B 179 34.16 29.37 2.66
CA ASN B 179 34.40 30.76 2.27
C ASN B 179 34.18 30.89 0.77
N PRO B 180 33.95 32.12 0.28
CA PRO B 180 33.62 32.31 -1.14
C PRO B 180 34.69 31.76 -2.09
N ASP B 181 35.95 31.73 -1.67
CA ASP B 181 37.01 31.12 -2.47
C ASP B 181 36.73 29.65 -2.77
N ASN B 182 36.12 28.95 -1.83
CA ASN B 182 35.74 27.55 -2.03
C ASN B 182 34.66 27.34 -3.09
N SER B 183 33.77 28.32 -3.23
CA SER B 183 32.69 28.25 -4.20
C SER B 183 33.10 28.77 -5.57
N ASP B 184 34.31 29.33 -5.66
CA ASP B 184 34.78 29.94 -6.90
C ASP B 184 35.33 28.88 -7.85
N VAL B 185 34.68 28.71 -9.00
CA VAL B 185 35.12 27.72 -9.99
C VAL B 185 36.47 28.06 -10.62
N ASP B 186 36.73 29.35 -10.81
CA ASP B 186 37.94 29.77 -11.52
C ASP B 186 39.20 29.44 -10.72
N LYS B 187 39.17 29.69 -9.42
CA LYS B 187 40.34 29.47 -8.58
C LYS B 187 40.72 28.00 -8.47
N LEU B 188 39.71 27.14 -8.48
CA LEU B 188 39.94 25.70 -8.37
C LEU B 188 40.30 25.08 -9.73
N PHE B 189 39.77 25.66 -10.81
CA PHE B 189 40.22 25.27 -12.13
C PHE B 189 41.70 25.61 -12.30
N ILE B 190 42.07 26.81 -11.86
CA ILE B 190 43.46 27.25 -11.92
C ILE B 190 44.32 26.37 -11.03
N GLN B 191 43.76 25.91 -9.91
CA GLN B 191 44.49 24.98 -9.05
C GLN B 191 44.74 23.65 -9.75
N LEU B 192 43.77 23.21 -10.54
CA LEU B 192 43.93 21.96 -11.29
C LEU B 192 45.01 22.13 -12.35
N VAL B 193 44.97 23.27 -13.03
CA VAL B 193 45.95 23.59 -14.06
C VAL B 193 47.34 23.68 -13.45
N GLN B 194 47.41 24.18 -12.22
CA GLN B 194 48.68 24.36 -11.55
C GLN B 194 49.28 23.03 -11.12
N THR B 195 48.47 22.16 -10.52
CA THR B 195 48.98 20.85 -10.12
C THR B 195 49.37 20.03 -11.36
N TYR B 196 48.63 20.22 -12.44
CA TYR B 196 48.97 19.54 -13.68
C TYR B 196 50.29 20.05 -14.23
N ASN B 197 50.52 21.35 -14.15
CA ASN B 197 51.77 21.93 -14.61
C ASN B 197 52.95 21.50 -13.74
N GLN B 198 52.69 21.32 -12.45
CA GLN B 198 53.71 20.82 -11.53
C GLN B 198 54.07 19.38 -11.88
N LEU B 199 53.08 18.63 -12.37
CA LEU B 199 53.34 17.24 -12.74
C LEU B 199 53.90 17.06 -14.15
N PHE B 200 53.84 18.11 -14.96
CA PHE B 200 54.31 18.04 -16.34
C PHE B 200 55.01 19.34 -16.72
N GLU B 201 56.21 19.54 -16.19
CA GLU B 201 56.93 20.80 -16.36
C GLU B 201 57.25 21.08 -17.82
N GLU B 202 57.53 20.03 -18.58
CA GLU B 202 57.92 20.18 -19.98
C GLU B 202 56.78 20.71 -20.86
N ASN B 203 55.55 20.35 -20.55
CA ASN B 203 54.41 20.75 -21.37
C ASN B 203 53.26 21.33 -20.54
N PRO B 204 53.46 22.53 -20.00
CA PRO B 204 52.40 23.20 -19.23
C PRO B 204 51.18 23.53 -20.09
N ILE B 205 50.01 23.47 -19.48
CA ILE B 205 48.80 24.00 -20.11
C ILE B 205 48.58 25.41 -19.57
N ASN B 206 48.18 26.33 -20.44
CA ASN B 206 47.95 27.71 -20.03
C ASN B 206 46.52 27.96 -19.57
N ALA B 207 46.36 28.33 -18.30
CA ALA B 207 45.05 28.73 -17.81
C ALA B 207 44.60 30.00 -18.53
N SER B 208 45.58 30.82 -18.91
CA SER B 208 45.35 32.06 -19.66
C SER B 208 44.18 32.90 -19.14
N GLY B 209 43.37 33.39 -20.07
CA GLY B 209 42.18 34.15 -19.73
C GLY B 209 40.90 33.35 -19.85
N VAL B 210 41.02 32.02 -19.87
CA VAL B 210 39.86 31.15 -20.06
C VAL B 210 38.85 31.41 -18.95
N ASP B 211 37.59 31.56 -19.34
CA ASP B 211 36.50 31.80 -18.39
C ASP B 211 35.97 30.46 -17.92
N ALA B 212 36.67 29.83 -16.99
CA ALA B 212 36.31 28.50 -16.54
C ALA B 212 34.93 28.48 -15.89
N LYS B 213 34.57 29.56 -15.20
CA LYS B 213 33.30 29.60 -14.51
C LYS B 213 32.12 29.63 -15.48
N ALA B 214 32.24 30.46 -16.52
CA ALA B 214 31.19 30.58 -17.52
C ALA B 214 31.01 29.30 -18.35
N ILE B 215 32.10 28.57 -18.53
CA ILE B 215 32.08 27.37 -19.34
C ILE B 215 31.65 26.12 -18.57
N LEU B 216 32.21 25.94 -17.38
CA LEU B 216 31.95 24.75 -16.57
C LEU B 216 30.56 24.76 -15.90
N SER B 217 30.08 25.94 -15.52
CA SER B 217 28.80 26.05 -14.82
C SER B 217 27.65 26.52 -15.72
N ALA B 218 27.89 26.52 -17.03
CA ALA B 218 26.86 26.87 -18.01
C ALA B 218 25.73 25.83 -18.01
N ARG B 219 24.52 26.28 -18.31
CA ARG B 219 23.36 25.40 -18.36
C ARG B 219 23.37 24.57 -19.64
N LEU B 220 24.26 23.59 -19.70
CA LEU B 220 24.41 22.73 -20.88
C LEU B 220 24.86 21.34 -20.47
N SER B 221 24.85 20.41 -21.42
CA SER B 221 25.27 19.03 -21.15
C SER B 221 26.75 18.96 -20.80
N LYS B 222 27.13 17.95 -20.03
CA LYS B 222 28.51 17.80 -19.60
C LYS B 222 29.47 17.63 -20.77
N SER B 223 29.01 16.95 -21.82
CA SER B 223 29.85 16.72 -22.99
C SER B 223 30.09 18.04 -23.71
N ARG B 224 29.03 18.82 -23.86
CA ARG B 224 29.13 20.10 -24.54
C ARG B 224 30.03 21.06 -23.78
N ARG B 225 29.92 21.06 -22.45
CA ARG B 225 30.77 21.89 -21.61
C ARG B 225 32.22 21.43 -21.69
N LEU B 226 32.40 20.12 -21.84
CA LEU B 226 33.74 19.57 -22.00
C LEU B 226 34.35 20.07 -23.30
N GLU B 227 33.57 20.05 -24.37
CA GLU B 227 34.04 20.53 -25.66
C GLU B 227 34.32 22.03 -25.60
N ASN B 228 33.49 22.76 -24.87
CA ASN B 228 33.67 24.21 -24.72
C ASN B 228 34.90 24.58 -23.92
N LEU B 229 35.29 23.72 -22.98
CA LEU B 229 36.42 24.05 -22.11
C LEU B 229 37.76 23.94 -22.82
N ILE B 230 37.98 22.84 -23.53
CA ILE B 230 39.25 22.63 -24.20
C ILE B 230 39.32 23.31 -25.57
N ALA B 231 38.19 23.86 -26.00
CA ALA B 231 38.16 24.68 -27.19
C ALA B 231 38.99 25.93 -26.94
N GLN B 232 39.07 26.31 -25.67
CA GLN B 232 39.89 27.44 -25.24
C GLN B 232 41.36 27.07 -25.06
N LEU B 233 41.67 25.78 -25.14
CA LEU B 233 43.04 25.32 -24.91
C LEU B 233 43.61 24.65 -26.15
N PRO B 234 44.42 25.40 -26.93
CA PRO B 234 44.99 24.91 -28.18
C PRO B 234 45.94 23.73 -27.95
N GLY B 235 45.94 22.78 -28.88
CA GLY B 235 46.85 21.66 -28.81
C GLY B 235 46.38 20.60 -27.83
N GLU B 236 45.18 20.78 -27.29
CA GLU B 236 44.63 19.85 -26.31
C GLU B 236 43.46 19.05 -26.88
N LYS B 237 43.40 17.78 -26.54
CA LYS B 237 42.35 16.90 -27.03
C LYS B 237 41.44 16.40 -25.90
N LYS B 238 40.23 15.96 -26.28
CA LYS B 238 39.29 15.43 -25.30
C LYS B 238 39.83 14.17 -24.64
N ASN B 239 40.62 13.41 -25.39
CA ASN B 239 41.18 12.16 -24.90
C ASN B 239 42.40 12.40 -24.00
N GLY B 240 42.87 13.65 -23.98
CA GLY B 240 44.05 14.00 -23.23
C GLY B 240 43.82 13.95 -21.74
N LEU B 241 44.90 13.88 -20.98
CA LEU B 241 44.80 13.69 -19.53
C LEU B 241 44.04 14.84 -18.87
N PHE B 242 44.31 16.06 -19.29
CA PHE B 242 43.61 17.21 -18.74
C PHE B 242 42.13 17.20 -19.12
N GLY B 243 41.85 16.69 -20.31
CA GLY B 243 40.47 16.59 -20.75
C GLY B 243 39.71 15.54 -19.98
N ASN B 244 40.40 14.44 -19.67
CA ASN B 244 39.82 13.41 -18.81
C ASN B 244 39.61 13.89 -17.37
N LEU B 245 40.47 14.79 -16.91
CA LEU B 245 40.33 15.36 -15.58
C LEU B 245 39.15 16.32 -15.52
N ILE B 246 39.04 17.18 -16.52
CA ILE B 246 37.90 18.09 -16.61
C ILE B 246 36.60 17.29 -16.75
N ALA B 247 36.66 16.22 -17.53
CA ALA B 247 35.51 15.35 -17.71
C ALA B 247 35.14 14.67 -16.40
N LEU B 248 36.15 14.37 -15.61
CA LEU B 248 35.91 13.76 -14.30
C LEU B 248 35.20 14.76 -13.41
N SER B 249 35.63 16.01 -13.48
CA SER B 249 35.01 17.08 -12.69
C SER B 249 33.58 17.37 -13.11
N LEU B 250 33.29 17.19 -14.40
CA LEU B 250 31.98 17.51 -14.93
C LEU B 250 30.91 16.47 -14.58
N GLY B 251 31.35 15.30 -14.13
CA GLY B 251 30.43 14.22 -13.82
C GLY B 251 30.38 13.12 -14.86
N LEU B 252 31.23 13.23 -15.87
CA LEU B 252 31.35 12.19 -16.88
C LEU B 252 32.16 11.02 -16.34
N THR B 253 32.40 10.01 -17.18
CA THR B 253 33.11 8.82 -16.74
C THR B 253 34.27 8.49 -17.69
N PRO B 254 35.35 9.29 -17.62
CA PRO B 254 36.54 9.14 -18.46
C PRO B 254 37.28 7.83 -18.21
N ASN B 255 37.88 7.26 -19.25
CA ASN B 255 38.77 6.13 -19.08
C ASN B 255 40.22 6.61 -19.13
N PHE B 256 40.99 6.26 -18.11
CA PHE B 256 42.38 6.71 -18.02
C PHE B 256 43.40 5.72 -18.59
N LYS B 257 42.92 4.61 -19.13
CA LYS B 257 43.79 3.55 -19.61
C LYS B 257 44.72 4.01 -20.73
N SER B 258 44.22 4.87 -21.59
CA SER B 258 44.99 5.36 -22.73
C SER B 258 46.08 6.35 -22.29
N ASN B 259 45.75 7.18 -21.30
CA ASN B 259 46.66 8.22 -20.84
C ASN B 259 47.92 7.71 -20.16
N PHE B 260 47.83 6.54 -19.54
CA PHE B 260 48.96 5.97 -18.80
C PHE B 260 49.44 4.65 -19.39
N ASP B 261 48.96 4.31 -20.58
CA ASP B 261 49.35 3.08 -21.27
C ASP B 261 49.11 1.83 -20.43
N LEU B 262 48.07 1.87 -19.61
CA LEU B 262 47.72 0.77 -18.72
C LEU B 262 47.27 -0.46 -19.51
N ALA B 263 47.64 -1.63 -19.02
CA ALA B 263 47.12 -2.87 -19.58
C ALA B 263 45.66 -3.03 -19.19
N GLU B 264 45.34 -2.68 -17.95
CA GLU B 264 43.98 -2.73 -17.43
C GLU B 264 43.13 -1.55 -17.88
N ASP B 265 41.83 -1.77 -18.02
CA ASP B 265 40.87 -0.68 -18.20
C ASP B 265 40.68 0.06 -16.87
N ALA B 266 40.59 1.39 -16.91
CA ALA B 266 40.54 2.17 -15.67
C ALA B 266 39.64 3.40 -15.73
N LYS B 267 38.33 3.17 -15.79
CA LYS B 267 37.35 4.25 -15.78
C LYS B 267 37.16 4.84 -14.38
N LEU B 268 36.78 6.12 -14.32
CA LEU B 268 36.53 6.77 -13.05
C LEU B 268 35.26 7.62 -13.09
N GLN B 269 34.55 7.67 -11.97
CA GLN B 269 33.34 8.46 -11.86
C GLN B 269 33.12 8.87 -10.41
N LEU B 270 33.11 10.17 -10.13
CA LEU B 270 33.08 10.68 -8.76
C LEU B 270 31.82 10.25 -8.00
N SER B 271 30.69 10.18 -8.71
CA SER B 271 29.42 9.82 -8.09
C SER B 271 29.39 8.37 -7.63
N LYS B 272 30.15 7.53 -8.31
CA LYS B 272 30.15 6.09 -8.04
C LYS B 272 30.65 5.80 -6.63
N ASP B 273 29.99 4.86 -5.96
CA ASP B 273 30.35 4.50 -4.59
C ASP B 273 31.72 3.85 -4.45
N THR B 274 32.18 3.22 -5.54
CA THR B 274 33.46 2.53 -5.55
C THR B 274 34.63 3.44 -5.94
N TYR B 275 34.35 4.71 -6.21
CA TYR B 275 35.33 5.59 -6.83
C TYR B 275 36.61 5.77 -6.04
N ASP B 276 36.51 5.81 -4.72
CA ASP B 276 37.71 6.02 -3.92
C ASP B 276 38.66 4.83 -4.04
N ASP B 277 38.09 3.63 -3.99
CA ASP B 277 38.88 2.41 -4.18
C ASP B 277 39.45 2.32 -5.58
N ASP B 278 38.67 2.79 -6.56
CA ASP B 278 39.11 2.76 -7.95
C ASP B 278 40.28 3.70 -8.16
N LEU B 279 40.22 4.85 -7.50
CA LEU B 279 41.30 5.82 -7.58
C LEU B 279 42.52 5.27 -6.90
N ASP B 280 42.32 4.56 -5.79
CA ASP B 280 43.46 3.98 -5.08
C ASP B 280 44.15 2.91 -5.91
N ASN B 281 43.36 2.10 -6.62
CA ASN B 281 43.94 1.10 -7.50
C ASN B 281 44.66 1.74 -8.68
N LEU B 282 44.10 2.82 -9.20
CA LEU B 282 44.72 3.53 -10.31
C LEU B 282 46.05 4.12 -9.87
N LEU B 283 46.08 4.65 -8.65
CA LEU B 283 47.30 5.18 -8.07
C LEU B 283 48.30 4.06 -7.84
N ALA B 284 47.80 2.88 -7.53
CA ALA B 284 48.66 1.72 -7.38
C ALA B 284 49.30 1.36 -8.71
N GLN B 285 48.60 1.64 -9.81
CA GLN B 285 49.15 1.38 -11.13
C GLN B 285 50.08 2.49 -11.66
N ILE B 286 49.66 3.74 -11.52
CA ILE B 286 50.39 4.86 -12.13
C ILE B 286 51.32 5.61 -11.17
N GLY B 287 51.30 5.24 -9.90
CA GLY B 287 52.11 5.93 -8.89
C GLY B 287 51.32 7.00 -8.17
N ASP B 288 51.77 7.34 -6.97
CA ASP B 288 51.03 8.24 -6.09
C ASP B 288 51.26 9.72 -6.39
N GLN B 289 52.19 10.01 -7.30
CA GLN B 289 52.46 11.41 -7.66
C GLN B 289 51.26 12.05 -8.35
N TYR B 290 50.42 11.22 -8.96
CA TYR B 290 49.25 11.71 -9.69
C TYR B 290 48.02 11.96 -8.84
N ALA B 291 48.07 11.60 -7.56
CA ALA B 291 46.88 11.67 -6.70
C ALA B 291 46.35 13.09 -6.54
N ASP B 292 47.26 14.06 -6.48
CA ASP B 292 46.86 15.45 -6.27
C ASP B 292 46.08 16.02 -7.45
N LEU B 293 46.32 15.48 -8.63
CA LEU B 293 45.54 15.84 -9.81
C LEU B 293 44.08 15.48 -9.62
N PHE B 294 43.84 14.24 -9.22
CA PHE B 294 42.49 13.74 -9.03
C PHE B 294 41.81 14.43 -7.84
N LEU B 295 42.58 14.77 -6.83
CA LEU B 295 42.03 15.55 -5.73
C LEU B 295 41.62 16.93 -6.24
N ALA B 296 42.42 17.49 -7.15
CA ALA B 296 42.14 18.81 -7.71
C ALA B 296 40.86 18.77 -8.54
N ALA B 297 40.66 17.66 -9.25
CA ALA B 297 39.46 17.48 -10.05
C ALA B 297 38.23 17.36 -9.16
N LYS B 298 38.40 16.65 -8.05
CA LYS B 298 37.28 16.47 -7.12
C LYS B 298 36.90 17.81 -6.52
N ASN B 299 37.92 18.62 -6.18
CA ASN B 299 37.66 19.93 -5.63
C ASN B 299 36.99 20.85 -6.66
N LEU B 300 37.33 20.66 -7.93
CA LEU B 300 36.70 21.44 -8.99
C LEU B 300 35.21 21.10 -9.12
N SER B 301 34.91 19.81 -9.04
CA SER B 301 33.53 19.35 -9.11
C SER B 301 32.74 19.87 -7.91
N ASP B 302 33.40 19.91 -6.75
CA ASP B 302 32.77 20.46 -5.56
C ASP B 302 32.51 21.95 -5.74
N ALA B 303 33.40 22.63 -6.46
CA ALA B 303 33.22 24.06 -6.73
C ALA B 303 32.02 24.28 -7.63
N ILE B 304 31.83 23.38 -8.60
CA ILE B 304 30.71 23.50 -9.51
C ILE B 304 29.39 23.28 -8.77
N LEU B 305 29.31 22.18 -8.03
CA LEU B 305 28.08 21.85 -7.32
C LEU B 305 27.75 22.88 -6.25
N LEU B 306 28.78 23.37 -5.55
CA LEU B 306 28.59 24.39 -4.53
C LEU B 306 28.16 25.70 -5.15
N SER B 307 28.67 26.00 -6.34
CA SER B 307 28.27 27.21 -7.05
C SER B 307 26.80 27.10 -7.45
N ASP B 308 26.36 25.87 -7.71
CA ASP B 308 24.97 25.66 -8.09
C ASP B 308 24.01 25.76 -6.90
N ILE B 309 24.33 25.08 -5.80
CA ILE B 309 23.42 25.05 -4.66
C ILE B 309 23.49 26.27 -3.74
N LEU B 310 24.69 26.77 -3.47
CA LEU B 310 24.88 27.87 -2.54
C LEU B 310 24.25 29.15 -3.05
N ARG B 311 24.21 29.28 -4.38
CA ARG B 311 23.69 30.49 -5.00
C ARG B 311 22.24 30.31 -5.46
N VAL B 312 21.31 30.80 -4.64
CA VAL B 312 19.88 30.69 -4.92
C VAL B 312 19.20 32.05 -5.01
N THR B 314 21.32 34.79 2.02
CA THR B 314 20.18 34.81 1.12
C THR B 314 18.87 34.91 1.89
N GLU B 315 18.01 35.84 1.47
CA GLU B 315 16.73 36.05 2.14
C GLU B 315 15.78 34.87 2.05
N ILE B 316 15.86 34.15 0.94
CA ILE B 316 14.90 33.08 0.66
C ILE B 316 14.99 31.88 1.62
N THR B 317 16.22 31.52 2.02
CA THR B 317 16.43 30.38 2.92
C THR B 317 17.87 30.27 3.41
N LYS B 318 18.05 29.57 4.53
CA LYS B 318 19.38 29.25 5.04
C LYS B 318 19.67 27.75 4.92
N ALA B 319 18.90 27.07 4.07
CA ALA B 319 19.18 25.67 3.74
C ALA B 319 19.16 25.49 2.23
N PRO B 320 20.20 26.00 1.54
CA PRO B 320 20.30 25.94 0.08
C PRO B 320 20.26 24.53 -0.49
N LEU B 321 20.84 23.56 0.20
CA LEU B 321 20.94 22.20 -0.32
C LEU B 321 19.57 21.53 -0.34
N SER B 322 18.90 21.57 0.80
CA SER B 322 17.59 20.94 0.93
C SER B 322 16.62 21.63 -0.01
N ALA B 323 16.74 22.95 -0.11
CA ALA B 323 15.88 23.73 -0.99
C ALA B 323 16.12 23.38 -2.44
N SER B 324 17.37 23.08 -2.79
CA SER B 324 17.70 22.69 -4.15
C SER B 324 17.12 21.32 -4.45
N MET B 325 17.14 20.43 -3.46
CA MET B 325 16.55 19.11 -3.64
C MET B 325 15.05 19.21 -3.84
N ILE B 326 14.42 20.07 -3.04
CA ILE B 326 12.98 20.30 -3.19
C ILE B 326 12.67 20.93 -4.54
N LYS B 327 13.59 21.76 -5.04
CA LYS B 327 13.40 22.39 -6.34
C LYS B 327 13.43 21.34 -7.43
N ARG B 328 14.38 20.41 -7.34
CA ARG B 328 14.46 19.32 -8.30
C ARG B 328 13.21 18.45 -8.21
N TYR B 329 12.69 18.29 -7.01
CA TYR B 329 11.50 17.46 -6.79
C TYR B 329 10.28 18.09 -7.45
N ASP B 330 10.08 19.38 -7.18
CA ASP B 330 8.93 20.11 -7.71
C ASP B 330 8.99 20.19 -9.22
N GLU B 331 10.18 20.48 -9.76
CA GLU B 331 10.34 20.55 -11.20
C GLU B 331 10.10 19.17 -11.82
N HIS B 332 10.47 18.13 -11.09
CA HIS B 332 10.28 16.78 -11.59
C HIS B 332 8.80 16.47 -11.72
N HIS B 333 8.05 16.68 -10.65
CA HIS B 333 6.62 16.37 -10.71
C HIS B 333 5.83 17.28 -11.63
N GLN B 334 6.31 18.51 -11.80
CA GLN B 334 5.69 19.46 -12.70
C GLN B 334 5.86 19.01 -14.14
N ASP B 335 7.10 18.69 -14.49
CA ASP B 335 7.41 18.19 -15.82
C ASP B 335 6.71 16.86 -16.08
N LEU B 336 6.52 16.07 -15.02
CA LEU B 336 5.82 14.79 -15.16
C LEU B 336 4.34 15.00 -15.43
N THR B 337 3.74 15.97 -14.76
CA THR B 337 2.33 16.27 -14.99
C THR B 337 2.15 16.77 -16.42
N LEU B 338 3.10 17.58 -16.87
CA LEU B 338 3.04 18.12 -18.23
C LEU B 338 3.20 17.02 -19.27
N LEU B 339 4.17 16.14 -19.06
CA LEU B 339 4.42 15.05 -19.99
C LEU B 339 3.24 14.10 -20.03
N LYS B 340 2.60 13.90 -18.89
CA LYS B 340 1.43 13.03 -18.84
C LYS B 340 0.28 13.64 -19.63
N ALA B 341 0.05 14.93 -19.42
CA ALA B 341 -1.03 15.61 -20.12
C ALA B 341 -0.79 15.64 -21.63
N LEU B 342 0.45 15.87 -22.02
CA LEU B 342 0.80 15.93 -23.44
C LEU B 342 0.63 14.57 -24.09
N VAL B 343 1.10 13.52 -23.43
CA VAL B 343 0.96 12.17 -23.96
C VAL B 343 -0.50 11.73 -24.00
N ARG B 344 -1.30 12.23 -23.06
CA ARG B 344 -2.73 11.97 -23.08
C ARG B 344 -3.32 12.58 -24.34
N GLN B 345 -3.01 13.85 -24.57
CA GLN B 345 -3.57 14.60 -25.68
C GLN B 345 -3.13 14.12 -27.07
N GLN B 346 -1.92 13.59 -27.16
CA GLN B 346 -1.30 13.43 -28.48
C GLN B 346 -0.88 12.00 -28.85
N LEU B 347 -0.41 11.23 -27.89
CA LEU B 347 -0.09 9.82 -28.15
C LEU B 347 -0.68 8.89 -27.09
N PRO B 348 -2.02 8.73 -27.08
CA PRO B 348 -2.70 7.92 -26.07
C PRO B 348 -2.24 6.47 -26.05
N GLU B 349 -1.90 5.91 -27.20
CA GLU B 349 -1.44 4.53 -27.27
C GLU B 349 -0.12 4.34 -26.54
N LYS B 350 0.72 5.36 -26.58
CA LYS B 350 2.03 5.33 -25.94
C LYS B 350 1.96 5.41 -24.42
N TYR B 351 0.87 5.95 -23.90
CA TYR B 351 0.79 6.36 -22.49
C TYR B 351 1.02 5.19 -21.53
N LYS B 352 0.41 4.06 -21.83
CA LYS B 352 0.50 2.89 -20.96
C LYS B 352 1.92 2.33 -20.91
N GLU B 353 2.63 2.47 -22.03
CA GLU B 353 4.01 2.01 -22.11
C GLU B 353 4.95 2.97 -21.41
N ILE B 354 4.77 4.26 -21.66
CA ILE B 354 5.63 5.29 -21.08
C ILE B 354 5.48 5.41 -19.56
N PHE B 355 4.28 5.19 -19.04
CA PHE B 355 4.03 5.52 -17.63
C PHE B 355 3.76 4.36 -16.66
N PHE B 356 3.58 3.14 -17.17
CA PHE B 356 3.17 2.04 -16.30
C PHE B 356 4.01 0.76 -16.40
N ASP B 357 4.71 0.60 -17.52
CA ASP B 357 5.48 -0.63 -17.76
C ASP B 357 6.96 -0.49 -17.40
N GLN B 358 7.39 -1.23 -16.38
CA GLN B 358 8.80 -1.24 -15.97
C GLN B 358 9.71 -1.83 -17.05
N SER B 359 9.21 -2.83 -17.77
CA SER B 359 10.01 -3.59 -18.73
C SER B 359 10.44 -2.78 -19.97
N LYS B 360 9.64 -1.78 -20.31
CA LYS B 360 9.76 -1.11 -21.61
C LYS B 360 10.76 0.04 -21.68
N ASN B 361 11.47 0.28 -20.59
CA ASN B 361 12.42 1.41 -20.50
C ASN B 361 11.76 2.78 -20.73
N GLY B 362 10.52 2.92 -20.28
CA GLY B 362 9.83 4.20 -20.27
C GLY B 362 10.08 4.88 -18.94
N TYR B 363 9.27 5.88 -18.61
CA TYR B 363 9.42 6.58 -17.34
C TYR B 363 9.19 5.62 -16.17
N ALA B 364 8.28 4.68 -16.37
CA ALA B 364 8.05 3.64 -15.37
C ALA B 364 9.29 2.76 -15.21
N GLY B 365 10.01 2.55 -16.31
CA GLY B 365 11.25 1.80 -16.26
C GLY B 365 12.38 2.65 -15.70
N TYR B 366 12.30 3.95 -15.96
CA TYR B 366 13.30 4.88 -15.43
C TYR B 366 13.20 4.98 -13.91
N ILE B 367 12.00 4.75 -13.38
CA ILE B 367 11.78 4.79 -11.94
C ILE B 367 11.81 3.38 -11.32
N ASP B 368 10.70 2.66 -11.47
CA ASP B 368 10.56 1.31 -10.91
C ASP B 368 11.49 0.27 -11.55
N GLY B 369 11.81 0.45 -12.83
CA GLY B 369 12.65 -0.48 -13.54
C GLY B 369 14.14 -0.18 -13.39
N GLY B 370 14.97 -0.97 -14.07
CA GLY B 370 16.41 -0.81 -13.98
C GLY B 370 16.98 0.16 -14.99
N ALA B 371 16.11 0.81 -15.76
CA ALA B 371 16.54 1.64 -16.89
C ALA B 371 17.43 2.81 -16.46
N SER B 372 18.49 3.03 -17.24
CA SER B 372 19.41 4.14 -17.03
C SER B 372 18.81 5.45 -17.51
N GLN B 373 19.30 6.56 -16.97
CA GLN B 373 18.86 7.87 -17.42
C GLN B 373 19.18 8.05 -18.90
N GLU B 374 20.28 7.45 -19.34
CA GLU B 374 20.64 7.47 -20.75
C GLU B 374 19.66 6.63 -21.60
N GLU B 375 19.27 5.48 -21.07
CA GLU B 375 18.34 4.61 -21.78
C GLU B 375 16.96 5.23 -21.87
N PHE B 376 16.52 5.83 -20.76
CA PHE B 376 15.23 6.48 -20.70
C PHE B 376 15.19 7.72 -21.60
N TYR B 377 16.26 8.51 -21.54
CA TYR B 377 16.33 9.68 -22.39
C TYR B 377 16.35 9.28 -23.86
N LYS B 378 17.02 8.16 -24.15
CA LYS B 378 17.05 7.64 -25.52
C LYS B 378 15.67 7.17 -25.95
N PHE B 379 14.87 6.69 -24.99
CA PHE B 379 13.53 6.24 -25.29
C PHE B 379 12.59 7.41 -25.60
N ILE B 380 12.62 8.44 -24.76
CA ILE B 380 11.72 9.58 -24.96
C ILE B 380 12.22 10.59 -25.99
N LYS B 381 13.49 10.48 -26.38
CA LYS B 381 14.06 11.45 -27.31
C LYS B 381 13.29 11.54 -28.63
N PRO B 382 13.06 10.39 -29.32
CA PRO B 382 12.14 10.52 -30.46
C PRO B 382 10.75 10.99 -30.05
N ILE B 383 10.27 10.52 -28.91
CA ILE B 383 8.87 10.74 -28.54
C ILE B 383 8.56 12.21 -28.29
N LEU B 384 9.51 12.93 -27.72
CA LEU B 384 9.29 14.34 -27.44
C LEU B 384 9.32 15.17 -28.72
N GLU B 385 10.29 14.90 -29.58
CA GLU B 385 10.37 15.62 -30.85
C GLU B 385 9.26 15.27 -31.84
N LYS B 386 8.84 14.00 -31.87
CA LYS B 386 7.77 13.59 -32.77
C LYS B 386 6.42 14.20 -32.38
N MET B 387 6.22 14.40 -31.07
CA MET B 387 4.94 14.87 -30.57
C MET B 387 4.56 16.29 -30.96
N ASP B 388 5.56 17.15 -31.12
CA ASP B 388 5.33 18.56 -31.41
C ASP B 388 4.42 19.24 -30.38
N GLY B 389 4.47 18.76 -29.15
CA GLY B 389 3.63 19.29 -28.08
C GLY B 389 4.35 20.38 -27.29
N THR B 390 5.58 20.09 -26.89
CA THR B 390 6.39 21.04 -26.13
C THR B 390 7.88 20.74 -26.33
N GLU B 391 8.66 21.78 -26.59
CA GLU B 391 10.09 21.63 -26.89
C GLU B 391 10.98 21.89 -25.66
N GLU B 392 10.42 22.57 -24.66
CA GLU B 392 11.18 22.93 -23.47
C GLU B 392 11.63 21.68 -22.73
N LEU B 393 10.81 20.64 -22.79
CA LEU B 393 11.18 19.35 -22.23
C LEU B 393 12.36 18.74 -22.97
N LEU B 394 12.42 18.97 -24.29
CA LEU B 394 13.58 18.56 -25.07
C LEU B 394 14.82 19.35 -24.68
N VAL B 395 14.62 20.61 -24.31
CA VAL B 395 15.73 21.44 -23.86
C VAL B 395 16.27 20.93 -22.52
N LYS B 396 15.36 20.56 -21.62
CA LYS B 396 15.77 19.96 -20.36
C LYS B 396 16.44 18.63 -20.62
N LEU B 397 16.01 17.96 -21.68
CA LEU B 397 16.61 16.69 -22.09
C LEU B 397 18.06 16.92 -22.50
N ASN B 398 18.32 18.07 -23.13
CA ASN B 398 19.69 18.43 -23.48
C ASN B 398 20.59 18.71 -22.28
N ARG B 399 20.00 19.25 -21.23
CA ARG B 399 20.73 19.63 -20.03
C ARG B 399 20.90 18.44 -19.08
N GLU B 400 20.29 17.32 -19.44
CA GLU B 400 20.18 16.16 -18.55
C GLU B 400 19.49 16.58 -17.25
N ASP B 401 18.56 17.51 -17.37
CA ASP B 401 17.89 18.11 -16.21
C ASP B 401 16.40 17.82 -16.22
N LEU B 402 15.98 16.90 -17.09
CA LEU B 402 14.56 16.65 -17.30
C LEU B 402 13.83 16.10 -16.07
N LEU B 403 14.15 14.87 -15.70
CA LEU B 403 13.46 14.23 -14.58
C LEU B 403 14.45 13.58 -13.62
N ARG B 404 15.35 14.39 -13.08
CA ARG B 404 16.39 13.89 -12.19
C ARG B 404 15.79 13.24 -10.95
N LYS B 405 16.30 12.07 -10.60
CA LYS B 405 15.89 11.38 -9.38
C LYS B 405 16.55 12.04 -8.18
N GLN B 406 15.85 12.05 -7.04
CA GLN B 406 16.45 12.53 -5.80
C GLN B 406 17.57 11.59 -5.34
N ARG B 407 17.36 10.30 -5.62
CA ARG B 407 18.29 9.25 -5.20
C ARG B 407 19.63 9.35 -5.91
N THR B 408 19.61 9.82 -7.16
CA THR B 408 20.83 9.93 -7.96
C THR B 408 21.46 11.32 -7.85
N PHE B 409 22.05 11.59 -6.68
CA PHE B 409 22.69 12.88 -6.44
C PHE B 409 23.98 12.98 -7.26
N ASN B 411 29.63 15.22 -9.45
CA ASN B 411 30.10 15.18 -8.07
C ASN B 411 29.43 14.07 -7.28
N GLY B 412 30.14 13.55 -6.28
CA GLY B 412 29.61 12.48 -5.46
C GLY B 412 29.19 12.97 -4.08
N SER B 413 30.14 12.96 -3.13
CA SER B 413 29.86 13.44 -1.80
C SER B 413 30.09 14.94 -1.68
N ILE B 414 29.11 15.63 -1.10
CA ILE B 414 29.21 17.06 -0.83
C ILE B 414 30.04 17.34 0.41
N PRO B 415 30.64 18.54 0.50
CA PRO B 415 31.38 18.92 1.70
C PRO B 415 30.48 18.97 2.94
N HIS B 416 31.03 18.58 4.08
CA HIS B 416 30.25 18.46 5.31
C HIS B 416 29.75 19.78 5.86
N GLN B 417 30.45 20.87 5.52
CA GLN B 417 30.12 22.17 6.09
C GLN B 417 28.72 22.63 5.68
N ILE B 418 28.29 22.24 4.49
CA ILE B 418 26.96 22.62 4.03
C ILE B 418 25.86 21.92 4.85
N HIS B 419 26.14 20.72 5.34
CA HIS B 419 25.22 20.03 6.24
C HIS B 419 25.28 20.72 7.59
N LEU B 420 26.50 21.01 8.03
CA LEU B 420 26.70 21.57 9.36
C LEU B 420 25.99 22.92 9.50
N GLY B 421 25.86 23.66 8.40
CA GLY B 421 25.16 24.93 8.47
C GLY B 421 23.69 24.71 8.77
N GLU B 422 23.10 23.69 8.12
CA GLU B 422 21.72 23.33 8.38
C GLU B 422 21.51 22.77 9.78
N LEU B 423 22.53 22.08 10.30
CA LEU B 423 22.44 21.52 11.65
C LEU B 423 22.44 22.63 12.66
N HIS B 424 23.36 23.57 12.48
CA HIS B 424 23.47 24.71 13.36
C HIS B 424 22.20 25.55 13.26
N ALA B 425 21.59 25.55 12.07
CA ALA B 425 20.36 26.31 11.86
C ALA B 425 19.18 25.70 12.61
N ILE B 426 19.04 24.38 12.50
CA ILE B 426 17.95 23.67 13.17
C ILE B 426 18.11 23.77 14.67
N LEU B 427 19.34 23.62 15.16
CA LEU B 427 19.59 23.77 16.59
C LEU B 427 19.33 25.20 17.06
N ARG B 428 19.66 26.18 16.22
CA ARG B 428 19.42 27.57 16.57
C ARG B 428 17.93 27.87 16.64
N ARG B 429 17.16 27.18 15.80
CA ARG B 429 15.72 27.41 15.72
C ARG B 429 14.95 26.88 16.91
N GLN B 430 15.33 25.70 17.39
CA GLN B 430 14.54 25.00 18.39
C GLN B 430 15.15 25.02 19.79
N GLU B 431 16.30 25.67 19.94
CA GLU B 431 17.01 25.65 21.22
C GLU B 431 16.25 26.30 22.37
N ASP B 432 15.41 27.29 22.05
CA ASP B 432 14.62 27.93 23.09
C ASP B 432 13.45 27.05 23.56
N PHE B 433 12.79 26.40 22.61
CA PHE B 433 11.72 25.46 22.91
C PHE B 433 12.23 24.20 23.63
N TYR B 434 13.46 23.81 23.32
CA TYR B 434 14.12 22.68 23.99
C TYR B 434 15.48 23.10 24.52
N PRO B 435 15.55 23.47 25.81
CA PRO B 435 16.80 23.97 26.40
C PRO B 435 17.97 22.99 26.30
N PHE B 436 17.67 21.69 26.36
CA PHE B 436 18.70 20.67 26.26
C PHE B 436 19.40 20.69 24.90
N LEU B 437 18.68 21.10 23.85
CA LEU B 437 19.29 21.29 22.55
C LEU B 437 20.30 22.44 22.58
N LYS B 438 20.01 23.47 23.36
CA LYS B 438 20.92 24.60 23.50
C LYS B 438 22.16 24.16 24.25
N ASP B 439 21.96 23.36 25.30
CA ASP B 439 23.07 22.89 26.12
C ASP B 439 23.99 21.93 25.38
N ASN B 440 23.44 21.18 24.44
CA ASN B 440 24.21 20.14 23.75
C ASN B 440 24.61 20.47 22.31
N ARG B 441 24.40 21.72 21.91
CA ARG B 441 24.62 22.12 20.52
C ARG B 441 26.05 21.88 20.05
N GLU B 442 27.02 22.29 20.88
CA GLU B 442 28.42 22.09 20.54
C GLU B 442 28.75 20.60 20.49
N LYS B 443 28.11 19.82 21.36
CA LYS B 443 28.34 18.36 21.38
C LYS B 443 27.80 17.69 20.13
N ILE B 444 26.69 18.20 19.61
CA ILE B 444 26.07 17.64 18.43
C ILE B 444 26.90 17.97 17.19
N GLU B 445 27.31 19.24 17.09
CA GLU B 445 28.15 19.65 15.99
C GLU B 445 29.47 18.88 16.05
N LYS B 446 29.92 18.60 17.27
CA LYS B 446 31.10 17.76 17.47
C LYS B 446 30.86 16.32 17.03
N ILE B 447 29.61 15.86 17.16
CA ILE B 447 29.28 14.52 16.69
C ILE B 447 29.41 14.48 15.17
N LEU B 448 28.95 15.52 14.49
CA LEU B 448 29.08 15.55 13.04
C LEU B 448 30.54 15.67 12.57
N THR B 449 31.35 16.39 13.33
CA THR B 449 32.73 16.70 12.93
C THR B 449 33.76 15.65 13.32
N PHE B 450 33.32 14.63 14.05
CA PHE B 450 34.24 13.64 14.59
C PHE B 450 34.98 12.91 13.47
N ARG B 451 36.28 12.72 13.64
CA ARG B 451 37.11 12.13 12.59
C ARG B 451 38.42 11.59 13.17
N LEU B 506 27.34 -2.61 29.27
CA LEU B 506 26.45 -1.95 28.32
C LEU B 506 27.14 -1.75 26.97
N PRO B 507 27.01 -2.73 26.06
CA PRO B 507 27.60 -2.68 24.72
C PRO B 507 26.80 -1.80 23.75
N ASN B 508 27.07 -1.98 22.46
CA ASN B 508 26.41 -1.23 21.40
C ASN B 508 24.92 -1.56 21.18
N GLU B 509 24.52 -2.77 21.57
CA GLU B 509 23.17 -3.27 21.27
C GLU B 509 22.02 -2.59 22.02
N LYS B 510 20.85 -2.54 21.37
CA LYS B 510 19.64 -1.99 21.96
C LYS B 510 19.01 -2.92 23.02
N VAL B 511 18.38 -2.32 24.03
CA VAL B 511 17.83 -3.07 25.16
C VAL B 511 16.56 -3.85 24.84
N LEU B 512 16.35 -4.93 25.60
CA LEU B 512 15.13 -5.72 25.54
C LEU B 512 13.96 -4.97 26.16
N PRO B 513 12.73 -5.28 25.73
CA PRO B 513 11.56 -4.69 26.38
C PRO B 513 11.53 -5.12 27.84
N LYS B 514 11.08 -4.23 28.73
CA LYS B 514 11.06 -4.53 30.16
C LYS B 514 10.15 -5.72 30.44
N HIS B 515 9.14 -5.89 29.60
CA HIS B 515 8.18 -6.96 29.78
C HIS B 515 8.48 -8.20 28.93
N SER B 516 9.63 -8.22 28.26
CA SER B 516 10.04 -9.39 27.48
C SER B 516 10.28 -10.59 28.39
N LEU B 517 9.96 -11.78 27.90
CA LEU B 517 10.05 -12.98 28.73
C LEU B 517 11.47 -13.26 29.20
N LEU B 518 12.44 -13.05 28.33
CA LEU B 518 13.83 -13.34 28.63
C LEU B 518 14.36 -12.42 29.72
N TYR B 519 13.86 -11.19 29.74
CA TYR B 519 14.31 -10.19 30.70
C TYR B 519 13.75 -10.47 32.09
N GLU B 520 12.47 -10.80 32.15
CA GLU B 520 11.85 -11.18 33.42
C GLU B 520 12.42 -12.48 33.94
N TYR B 521 12.78 -13.38 33.02
CA TYR B 521 13.40 -14.65 33.37
C TYR B 521 14.76 -14.38 33.98
N PHE B 522 15.44 -13.39 33.40
CA PHE B 522 16.75 -12.97 33.86
C PHE B 522 16.67 -12.39 35.27
N THR B 523 15.74 -11.48 35.47
CA THR B 523 15.58 -10.83 36.77
C THR B 523 15.12 -11.83 37.84
N VAL B 524 14.37 -12.85 37.41
CA VAL B 524 13.92 -13.89 38.33
C VAL B 524 15.09 -14.75 38.80
N TYR B 525 15.93 -15.20 37.87
CA TYR B 525 17.09 -15.99 38.27
C TYR B 525 18.09 -15.18 39.10
N ASN B 526 18.32 -13.94 38.70
CA ASN B 526 19.23 -13.06 39.42
C ASN B 526 18.74 -12.75 40.83
N GLU B 527 17.43 -12.64 40.99
CA GLU B 527 16.85 -12.53 42.32
C GLU B 527 17.01 -13.83 43.09
N LEU B 528 16.96 -14.95 42.37
CA LEU B 528 17.04 -16.27 43.00
C LEU B 528 18.39 -16.61 43.59
N THR B 529 19.47 -16.24 42.91
CA THR B 529 20.80 -16.63 43.39
C THR B 529 21.15 -15.99 44.74
N LYS B 530 20.63 -14.81 44.99
CA LYS B 530 20.99 -14.05 46.18
C LYS B 530 20.36 -14.55 47.49
N VAL B 531 19.30 -15.35 47.39
CA VAL B 531 18.46 -15.64 48.55
C VAL B 531 19.17 -16.35 49.72
N LYS B 532 18.80 -15.94 50.94
CA LYS B 532 19.38 -16.53 52.14
C LYS B 532 18.47 -16.39 53.36
N TYR B 533 17.39 -15.60 53.21
CA TYR B 533 16.47 -15.32 54.31
C TYR B 533 15.75 -16.58 54.81
N VAL B 534 15.52 -17.53 53.91
CA VAL B 534 14.82 -18.76 54.25
C VAL B 534 15.71 -19.67 55.11
N THR B 535 15.10 -20.39 56.04
CA THR B 535 15.84 -21.30 56.92
C THR B 535 15.11 -22.64 57.09
N PHE B 543 22.25 -19.62 47.84
CA PHE B 543 22.96 -20.87 48.11
C PHE B 543 22.22 -22.06 47.56
N LEU B 544 21.12 -21.80 46.84
CA LEU B 544 20.29 -22.86 46.27
C LEU B 544 21.05 -23.66 45.21
N SER B 545 20.78 -24.97 45.16
CA SER B 545 21.42 -25.84 44.18
C SER B 545 20.97 -25.44 42.77
N GLY B 546 21.83 -25.68 41.78
CA GLY B 546 21.54 -25.26 40.42
C GLY B 546 20.34 -25.97 39.83
N GLU B 547 20.20 -27.26 40.15
CA GLU B 547 18.99 -28.00 39.77
C GLU B 547 17.77 -27.48 40.53
N GLN B 548 17.99 -27.07 41.77
CA GLN B 548 16.92 -26.56 42.62
C GLN B 548 16.34 -25.25 42.13
N LYS B 549 17.15 -24.47 41.43
CA LYS B 549 16.68 -23.20 40.89
C LYS B 549 15.71 -23.42 39.74
N LYS B 550 16.10 -24.27 38.79
CA LYS B 550 15.24 -24.59 37.66
C LYS B 550 14.00 -25.32 38.15
N ALA B 551 14.17 -26.12 39.21
CA ALA B 551 13.05 -26.82 39.81
C ALA B 551 12.07 -25.83 40.42
N ILE B 552 12.59 -24.84 41.14
CA ILE B 552 11.76 -23.81 41.75
C ILE B 552 11.04 -22.97 40.71
N VAL B 553 11.71 -22.72 39.58
CA VAL B 553 11.11 -21.92 38.53
C VAL B 553 9.97 -22.67 37.86
N ASP B 554 10.25 -23.90 37.43
CA ASP B 554 9.23 -24.72 36.76
C ASP B 554 8.07 -25.13 37.66
N LEU B 555 8.34 -25.31 38.95
CA LEU B 555 7.32 -25.75 39.89
C LEU B 555 6.54 -24.60 40.53
N LEU B 556 7.11 -23.40 40.51
CA LEU B 556 6.46 -22.26 41.13
C LEU B 556 6.23 -21.07 40.20
N PHE B 557 7.31 -20.52 39.65
CA PHE B 557 7.19 -19.33 38.82
C PHE B 557 6.41 -19.57 37.54
N LYS B 558 6.47 -20.80 37.04
CA LYS B 558 5.73 -21.19 35.85
C LYS B 558 4.30 -21.59 36.16
N THR B 559 3.98 -21.66 37.46
CA THR B 559 2.62 -22.00 37.90
C THR B 559 1.88 -20.80 38.49
N ASN B 560 2.56 -20.04 39.33
CA ASN B 560 1.96 -18.82 39.90
C ASN B 560 2.60 -17.55 39.34
N ARG B 561 1.78 -16.54 39.07
CA ARG B 561 2.30 -15.26 38.60
C ARG B 561 3.20 -14.62 39.64
N LYS B 562 2.88 -14.82 40.92
CA LYS B 562 3.63 -14.22 42.02
C LYS B 562 3.92 -15.22 43.13
N VAL B 563 5.20 -15.52 43.33
CA VAL B 563 5.61 -16.48 44.34
C VAL B 563 5.91 -15.81 45.69
N THR B 564 5.23 -16.28 46.74
CA THR B 564 5.45 -15.79 48.09
C THR B 564 6.42 -16.69 48.87
N VAL B 565 6.98 -16.17 49.95
CA VAL B 565 8.01 -16.88 50.71
C VAL B 565 7.51 -18.13 51.42
N LYS B 566 6.41 -18.00 52.15
CA LYS B 566 5.85 -19.14 52.89
C LYS B 566 5.37 -20.24 51.95
N GLN B 567 4.82 -19.84 50.81
CA GLN B 567 4.41 -20.77 49.78
C GLN B 567 5.64 -21.48 49.21
N LEU B 568 6.74 -20.75 49.13
CA LEU B 568 7.99 -21.32 48.64
C LEU B 568 8.53 -22.37 49.60
N LYS B 569 8.49 -22.07 50.89
CA LYS B 569 8.98 -23.01 51.89
C LYS B 569 8.09 -24.25 51.96
N GLU B 570 6.78 -24.05 51.93
CA GLU B 570 5.84 -25.15 52.00
C GLU B 570 5.90 -26.05 50.77
N ASP B 571 5.99 -25.44 49.59
CA ASP B 571 6.15 -26.21 48.36
C ASP B 571 7.51 -26.93 48.29
N TYR B 572 8.54 -26.32 48.86
CA TYR B 572 9.86 -26.94 48.91
C TYR B 572 9.88 -28.15 49.84
N PHE B 573 9.15 -28.05 50.95
CA PHE B 573 9.03 -29.16 51.90
C PHE B 573 8.28 -30.34 51.28
N LYS B 574 7.41 -30.03 50.32
CA LYS B 574 6.63 -31.06 49.62
C LYS B 574 7.49 -31.83 48.63
N PHE B 591 8.88 -12.50 47.07
CA PHE B 591 9.60 -12.33 45.81
C PHE B 591 8.98 -11.24 44.94
N ASN B 592 9.56 -10.05 44.99
CA ASN B 592 9.04 -8.91 44.24
C ASN B 592 9.09 -9.01 42.70
N ALA B 593 10.11 -9.69 42.17
CA ALA B 593 10.16 -9.96 40.73
C ALA B 593 9.24 -11.13 40.39
N SER B 594 8.76 -11.16 39.15
CA SER B 594 7.83 -12.20 38.72
C SER B 594 7.81 -12.36 37.20
N LEU B 595 7.39 -13.53 36.75
CA LEU B 595 7.26 -13.83 35.33
C LEU B 595 5.85 -13.59 34.82
N GLY B 596 5.42 -12.33 34.83
CA GLY B 596 4.05 -11.99 34.48
C GLY B 596 3.70 -12.17 33.02
N THR B 597 4.64 -11.87 32.12
CA THR B 597 4.39 -11.99 30.70
C THR B 597 4.16 -13.44 30.30
N TYR B 598 4.85 -14.35 30.99
CA TYR B 598 4.72 -15.77 30.73
C TYR B 598 3.31 -16.25 31.06
N HIS B 599 2.79 -15.81 32.21
CA HIS B 599 1.43 -16.13 32.61
C HIS B 599 0.37 -15.43 31.77
N ASP B 600 0.71 -14.26 31.22
CA ASP B 600 -0.21 -13.55 30.35
C ASP B 600 -0.38 -14.32 29.05
N LEU B 601 0.75 -14.69 28.46
CA LEU B 601 0.72 -15.46 27.22
C LEU B 601 0.14 -16.85 27.44
N LEU B 602 0.35 -17.39 28.64
CA LEU B 602 -0.26 -18.67 29.01
C LEU B 602 -1.78 -18.53 29.11
N LYS B 603 -2.24 -17.38 29.61
CA LYS B 603 -3.67 -17.11 29.66
C LYS B 603 -4.27 -16.97 28.28
N ILE B 604 -3.47 -16.44 27.35
CA ILE B 604 -3.97 -16.24 25.98
C ILE B 604 -3.98 -17.52 25.13
N ILE B 605 -3.00 -18.40 25.34
CA ILE B 605 -2.89 -19.63 24.56
C ILE B 605 -3.04 -20.87 25.42
N LYS B 606 -3.81 -21.85 24.96
CA LYS B 606 -4.02 -23.10 25.68
C LYS B 606 -2.75 -23.94 25.79
N ASP B 607 -1.85 -23.78 24.82
CA ASP B 607 -0.69 -24.66 24.71
C ASP B 607 0.52 -24.17 25.52
N LYS B 608 0.67 -24.69 26.74
CA LYS B 608 1.84 -24.38 27.55
C LYS B 608 3.13 -24.97 26.96
N ASP B 609 3.00 -26.11 26.28
CA ASP B 609 4.16 -26.75 25.67
C ASP B 609 4.78 -25.87 24.58
N PHE B 610 3.94 -25.08 23.92
CA PHE B 610 4.44 -24.08 22.98
C PHE B 610 5.26 -23.00 23.68
N LEU B 611 4.86 -22.67 24.90
CA LEU B 611 5.54 -21.61 25.66
C LEU B 611 6.89 -22.07 26.21
N ASP B 612 6.91 -23.26 26.79
CA ASP B 612 8.13 -23.80 27.39
C ASP B 612 9.21 -24.20 26.37
N ASN B 613 8.80 -24.45 25.13
CA ASN B 613 9.73 -24.86 24.09
C ASN B 613 10.78 -23.81 23.81
N GLU B 614 12.05 -24.24 23.76
CA GLU B 614 13.16 -23.34 23.48
C GLU B 614 13.13 -22.77 22.06
N GLU B 615 12.60 -23.55 21.12
CA GLU B 615 12.58 -23.13 19.72
C GLU B 615 11.68 -21.94 19.44
N ASN B 616 10.63 -21.78 20.25
CA ASN B 616 9.65 -20.73 20.05
C ASN B 616 10.01 -19.37 20.66
N GLU B 617 11.10 -19.34 21.43
CA GLU B 617 11.44 -18.17 22.23
C GLU B 617 11.73 -16.93 21.39
N ASP B 618 12.32 -17.12 20.21
CA ASP B 618 12.60 -15.99 19.33
C ASP B 618 11.31 -15.36 18.83
N ILE B 619 10.34 -16.23 18.54
CA ILE B 619 9.05 -15.78 18.03
C ILE B 619 8.27 -15.04 19.12
N LEU B 620 8.28 -15.61 20.31
CA LEU B 620 7.60 -14.98 21.45
C LEU B 620 8.21 -13.64 21.81
N GLU B 621 9.54 -13.55 21.73
CA GLU B 621 10.23 -12.30 21.97
C GLU B 621 9.86 -11.28 20.91
N ASP B 622 9.69 -11.75 19.67
CA ASP B 622 9.29 -10.86 18.60
C ASP B 622 7.87 -10.35 18.81
N ILE B 623 7.02 -11.18 19.43
CA ILE B 623 5.64 -10.78 19.70
C ILE B 623 5.55 -9.74 20.81
N VAL B 624 6.26 -9.98 21.92
CA VAL B 624 6.27 -9.01 23.00
C VAL B 624 6.93 -7.71 22.55
N LEU B 625 7.93 -7.83 21.68
CA LEU B 625 8.56 -6.65 21.08
C LEU B 625 7.53 -5.90 20.25
N THR B 626 6.69 -6.65 19.54
CA THR B 626 5.67 -6.06 18.69
C THR B 626 4.66 -5.29 19.53
N LEU B 627 4.33 -5.85 20.69
CA LEU B 627 3.36 -5.21 21.58
C LEU B 627 3.94 -3.94 22.21
N THR B 628 5.21 -3.99 22.59
CA THR B 628 5.86 -2.80 23.14
C THR B 628 6.06 -1.70 22.10
N LEU B 629 6.24 -2.10 20.85
CA LEU B 629 6.63 -1.19 19.78
C LEU B 629 5.55 -0.26 19.25
N PHE B 630 4.30 -0.74 19.20
CA PHE B 630 3.26 0.00 18.51
C PHE B 630 2.04 0.35 19.36
N GLU B 631 1.75 1.64 19.45
CA GLU B 631 0.58 2.15 20.14
C GLU B 631 -0.72 1.75 19.43
N ASP B 632 -0.65 1.60 18.11
CA ASP B 632 -1.83 1.43 17.26
C ASP B 632 -2.11 -0.04 16.93
N ARG B 633 -3.35 -0.49 17.19
CA ARG B 633 -3.71 -1.89 16.96
C ARG B 633 -3.70 -2.34 15.50
N GLU B 634 -4.03 -1.42 14.60
CA GLU B 634 -4.02 -1.74 13.17
C GLU B 634 -2.60 -2.01 12.69
N MET B 635 -1.64 -1.32 13.31
CA MET B 635 -0.22 -1.56 13.04
C MET B 635 0.21 -2.91 13.63
N ILE B 636 -0.29 -3.21 14.82
CA ILE B 636 0.06 -4.45 15.49
C ILE B 636 -0.45 -5.67 14.73
N GLU B 637 -1.62 -5.54 14.09
CA GLU B 637 -2.22 -6.67 13.40
C GLU B 637 -1.36 -7.15 12.24
N GLU B 638 -0.71 -6.22 11.55
CA GLU B 638 0.15 -6.59 10.43
C GLU B 638 1.37 -7.41 10.84
N ARG B 639 1.93 -7.06 12.00
CA ARG B 639 3.14 -7.71 12.48
C ARG B 639 2.90 -9.16 12.88
N LEU B 640 1.67 -9.45 13.28
CA LEU B 640 1.28 -10.79 13.71
C LEU B 640 0.85 -11.70 12.56
N LYS B 641 0.81 -11.15 11.35
CA LYS B 641 0.32 -11.88 10.19
C LYS B 641 1.16 -13.11 9.84
N THR B 642 2.45 -13.04 10.08
CA THR B 642 3.35 -14.16 9.78
C THR B 642 3.04 -15.35 10.68
N TYR B 643 2.53 -15.06 11.87
CA TYR B 643 2.26 -16.10 12.87
C TYR B 643 0.85 -16.66 12.76
N ALA B 644 0.08 -16.16 11.80
CA ALA B 644 -1.37 -16.43 11.76
C ALA B 644 -1.73 -17.91 11.63
N HIS B 645 -0.90 -18.67 10.91
CA HIS B 645 -1.12 -20.11 10.77
C HIS B 645 -0.95 -20.88 12.08
N LEU B 646 -0.04 -20.42 12.92
CA LEU B 646 0.29 -21.11 14.17
C LEU B 646 -0.83 -21.10 15.21
N PHE B 647 -1.64 -20.06 15.22
CA PHE B 647 -2.62 -19.89 16.29
C PHE B 647 -4.06 -19.78 15.78
N ASP B 648 -5.00 -20.16 16.65
CA ASP B 648 -6.42 -20.04 16.35
C ASP B 648 -6.81 -18.57 16.32
N ASP B 649 -7.88 -18.25 15.59
CA ASP B 649 -8.28 -16.87 15.40
C ASP B 649 -8.64 -16.17 16.72
N LYS B 650 -9.21 -16.91 17.66
CA LYS B 650 -9.56 -16.34 18.95
C LYS B 650 -8.31 -15.92 19.72
N VAL B 651 -7.25 -16.71 19.58
CA VAL B 651 -5.99 -16.41 20.25
C VAL B 651 -5.39 -15.14 19.67
N MET B 652 -5.53 -14.99 18.35
CA MET B 652 -5.06 -13.79 17.66
C MET B 652 -5.84 -12.56 18.08
N LYS B 653 -7.12 -12.75 18.33
CA LYS B 653 -7.97 -11.65 18.77
C LYS B 653 -7.57 -11.22 20.17
N GLN B 654 -7.31 -12.20 21.04
CA GLN B 654 -6.87 -11.89 22.40
C GLN B 654 -5.48 -11.26 22.44
N LEU B 655 -4.61 -11.64 21.50
CA LEU B 655 -3.22 -11.19 21.53
C LEU B 655 -3.02 -9.69 21.34
N LYS B 656 -3.84 -9.06 20.50
CA LYS B 656 -3.73 -7.64 20.23
C LYS B 656 -4.07 -6.81 21.47
N ARG B 657 -4.94 -7.36 22.31
CA ARG B 657 -5.42 -6.63 23.48
C ARG B 657 -4.29 -6.31 24.45
N ARG B 658 -3.29 -7.19 24.50
CA ARG B 658 -2.15 -6.96 25.37
C ARG B 658 -1.33 -5.76 24.90
N ARG B 659 -0.80 -5.00 25.85
CA ARG B 659 0.03 -3.86 25.53
C ARG B 659 1.09 -3.71 26.61
N TYR B 660 2.30 -3.33 26.22
CA TYR B 660 3.38 -3.16 27.17
C TYR B 660 4.02 -1.80 26.98
N THR B 661 4.42 -1.18 28.08
CA THR B 661 4.89 0.19 28.06
C THR B 661 6.16 0.35 28.88
N GLY B 662 7.18 -0.47 28.59
CA GLY B 662 8.44 -0.36 29.28
C GLY B 662 9.61 -0.94 28.51
N TRP B 663 10.82 -0.53 28.88
CA TRP B 663 12.03 -1.06 28.26
C TRP B 663 13.03 -1.49 29.33
N GLY B 664 13.75 -2.58 29.07
CA GLY B 664 14.69 -3.12 30.02
C GLY B 664 15.99 -2.33 30.06
N ARG B 665 16.83 -2.62 31.05
CA ARG B 665 18.11 -1.95 31.16
C ARG B 665 19.22 -2.57 30.30
N LEU B 666 18.94 -3.73 29.71
CA LEU B 666 20.00 -4.50 29.04
C LEU B 666 19.57 -5.23 27.75
N SER B 667 20.54 -5.43 26.87
CA SER B 667 20.34 -6.13 25.61
C SER B 667 20.23 -7.64 25.76
N ARG B 668 19.54 -8.28 24.81
CA ARG B 668 19.40 -9.73 24.82
C ARG B 668 20.75 -10.44 24.64
N LYS B 669 21.63 -9.82 23.88
CA LYS B 669 22.94 -10.43 23.59
C LYS B 669 23.79 -10.54 24.85
N LEU B 670 23.64 -9.60 25.77
CA LEU B 670 24.42 -9.63 27.00
C LEU B 670 23.89 -10.72 27.94
N ILE B 671 22.58 -10.79 28.07
CA ILE B 671 21.95 -11.77 28.94
C ILE B 671 22.17 -13.22 28.46
N ASN B 672 22.28 -13.42 27.15
CA ASN B 672 22.35 -14.79 26.62
C ASN B 672 23.34 -15.05 25.50
N GLY B 673 23.67 -14.03 24.71
CA GLY B 673 24.54 -14.24 23.56
C GLY B 673 26.02 -14.45 23.88
N ILE B 674 26.51 -13.78 24.91
CA ILE B 674 27.93 -13.87 25.29
C ILE B 674 28.26 -15.22 25.92
N ARG B 675 29.45 -15.74 25.64
CA ARG B 675 29.91 -17.00 26.22
C ARG B 675 31.15 -16.81 27.09
N ASP B 676 31.54 -17.85 27.81
CA ASP B 676 32.70 -17.78 28.69
C ASP B 676 33.63 -18.99 28.57
N LYS B 677 34.94 -18.74 28.63
CA LYS B 677 35.95 -19.78 28.54
C LYS B 677 35.81 -20.63 27.27
N GLY B 680 31.88 -22.33 28.09
CA GLY B 680 30.97 -21.89 27.05
C GLY B 680 29.67 -21.34 27.60
N LYS B 681 29.64 -21.08 28.91
CA LYS B 681 28.46 -20.57 29.60
C LYS B 681 28.11 -19.13 29.27
N THR B 682 26.81 -18.83 29.26
CA THR B 682 26.33 -17.45 29.13
C THR B 682 26.07 -16.85 30.51
N ILE B 683 25.78 -15.56 30.57
CA ILE B 683 25.50 -14.90 31.84
C ILE B 683 24.29 -15.52 32.53
N LEU B 684 23.27 -15.82 31.72
CA LEU B 684 22.07 -16.46 32.23
C LEU B 684 22.39 -17.87 32.71
N ASP B 685 23.37 -18.51 32.08
CA ASP B 685 23.79 -19.85 32.52
C ASP B 685 24.43 -19.80 33.89
N PHE B 686 25.25 -18.78 34.13
CA PHE B 686 25.85 -18.58 35.45
C PHE B 686 24.78 -18.23 36.48
N LEU B 687 23.72 -17.56 36.03
CA LEU B 687 22.61 -17.25 36.93
C LEU B 687 21.81 -18.50 37.29
N LYS B 688 21.56 -19.37 36.31
CA LYS B 688 20.83 -20.62 36.53
C LYS B 688 21.62 -21.59 37.40
N SER B 689 22.94 -21.56 37.29
CA SER B 689 23.79 -22.46 38.05
C SER B 689 25.20 -21.92 38.21
N ASP B 690 25.76 -22.12 39.39
CA ASP B 690 27.14 -21.73 39.66
C ASP B 690 27.64 -22.58 40.81
N GLY B 691 28.80 -23.20 40.64
CA GLY B 691 29.38 -24.02 41.68
C GLY B 691 29.84 -23.14 42.83
N PHE B 692 29.90 -23.74 44.02
CA PHE B 692 30.18 -23.02 45.27
C PHE B 692 29.32 -21.75 45.40
N ALA B 693 29.97 -20.60 45.38
CA ALA B 693 29.28 -19.32 45.46
C ALA B 693 28.40 -19.08 44.24
N ASN B 694 27.18 -18.60 44.45
CA ASN B 694 26.31 -18.21 43.36
C ASN B 694 26.54 -16.75 43.00
N ARG B 695 27.47 -16.51 42.08
CA ARG B 695 27.88 -15.16 41.75
C ARG B 695 26.74 -14.32 41.19
N ASN B 696 26.66 -13.08 41.67
CA ASN B 696 25.67 -12.11 41.23
C ASN B 696 25.99 -11.58 39.84
N PHE B 697 24.97 -11.09 39.14
CA PHE B 697 25.16 -10.54 37.79
C PHE B 697 26.19 -9.42 37.75
N MET B 698 26.09 -8.47 38.67
CA MET B 698 27.06 -7.38 38.72
C MET B 698 28.43 -7.94 39.05
N GLN B 699 28.46 -8.97 39.89
CA GLN B 699 29.69 -9.68 40.17
C GLN B 699 30.18 -10.46 38.97
N LEU B 700 29.24 -10.91 38.13
CA LEU B 700 29.58 -11.64 36.92
C LEU B 700 30.31 -10.72 35.95
N ILE B 701 29.82 -9.49 35.85
CA ILE B 701 30.38 -8.52 34.92
C ILE B 701 31.81 -8.10 35.28
N HIS B 702 32.10 -8.07 36.57
CA HIS B 702 33.38 -7.57 37.05
C HIS B 702 34.41 -8.66 37.38
N ASP B 703 34.08 -9.90 37.05
CA ASP B 703 34.98 -11.01 37.33
C ASP B 703 36.13 -11.08 36.31
N ASP B 704 37.34 -10.82 36.77
CA ASP B 704 38.51 -10.86 35.88
C ASP B 704 38.84 -12.25 35.37
N SER B 705 38.58 -13.27 36.18
CA SER B 705 38.80 -14.65 35.74
C SER B 705 37.83 -15.04 34.62
N LEU B 706 36.62 -14.47 34.66
CA LEU B 706 35.68 -14.61 33.55
C LEU B 706 36.00 -13.65 32.41
N THR B 707 35.64 -14.07 31.20
CA THR B 707 35.91 -13.27 30.00
C THR B 707 34.85 -12.23 29.67
N PHE B 708 33.78 -12.18 30.47
CA PHE B 708 32.69 -11.24 30.20
C PHE B 708 33.15 -9.78 30.25
N LYS B 709 34.02 -9.48 31.20
CA LYS B 709 34.48 -8.10 31.40
C LYS B 709 35.33 -7.64 30.23
N GLU B 710 36.24 -8.50 29.79
CA GLU B 710 37.11 -8.18 28.67
C GLU B 710 36.32 -8.04 27.38
N ASP B 711 35.32 -8.91 27.18
CA ASP B 711 34.49 -8.83 25.98
C ASP B 711 33.64 -7.56 25.97
N ILE B 712 33.15 -7.15 27.15
CA ILE B 712 32.36 -5.93 27.24
C ILE B 712 33.22 -4.69 26.99
N GLN B 713 34.41 -4.66 27.59
CA GLN B 713 35.31 -3.55 27.37
C GLN B 713 35.81 -3.48 25.92
N LYS B 714 36.01 -4.63 25.30
CA LYS B 714 36.42 -4.68 23.89
C LYS B 714 35.29 -4.21 22.99
N ALA B 715 34.06 -4.57 23.34
CA ALA B 715 32.90 -4.12 22.60
C ALA B 715 32.67 -2.61 22.77
N GLN B 716 33.07 -2.09 23.92
CA GLN B 716 32.84 -0.69 24.26
C GLN B 716 33.58 0.28 23.34
N VAL B 717 34.76 -0.15 22.87
CA VAL B 717 35.56 0.69 21.97
C VAL B 717 36.13 -0.15 20.83
N ASP B 722 41.93 -0.44 15.44
CA ASP B 722 41.60 -0.43 14.03
C ASP B 722 41.36 0.98 13.51
N SER B 723 41.09 1.91 14.43
CA SER B 723 40.76 3.27 14.05
C SER B 723 41.89 3.98 13.31
N LEU B 724 43.13 3.63 13.64
CA LEU B 724 44.27 4.18 12.91
C LEU B 724 44.32 3.61 11.49
N HIS B 725 44.12 2.30 11.39
CA HIS B 725 44.08 1.63 10.10
C HIS B 725 42.89 2.12 9.30
N GLU B 726 41.79 2.37 10.00
CA GLU B 726 40.56 2.88 9.40
C GLU B 726 40.77 4.29 8.87
N HIS B 727 41.62 5.06 9.56
CA HIS B 727 41.92 6.42 9.15
C HIS B 727 42.85 6.43 7.95
N ILE B 728 43.90 5.62 8.01
CA ILE B 728 44.87 5.53 6.91
C ILE B 728 44.21 4.96 5.65
N ALA B 729 43.23 4.09 5.84
CA ALA B 729 42.55 3.45 4.72
C ALA B 729 41.82 4.45 3.83
N ASN B 730 41.33 5.53 4.44
CA ASN B 730 40.51 6.50 3.72
C ASN B 730 41.30 7.59 2.97
N LEU B 731 42.61 7.64 3.19
CA LEU B 731 43.47 8.56 2.46
C LEU B 731 43.53 8.14 1.00
N ALA B 732 43.72 9.11 0.10
CA ALA B 732 43.87 8.79 -1.31
C ALA B 732 45.31 8.35 -1.59
N GLY B 733 45.46 7.10 -2.01
CA GLY B 733 46.78 6.58 -2.31
C GLY B 733 46.83 5.08 -2.53
N SER B 734 47.98 4.59 -2.99
CA SER B 734 48.19 3.19 -3.22
C SER B 734 48.23 2.44 -1.90
N PRO B 735 47.87 1.15 -1.91
CA PRO B 735 47.98 0.35 -0.69
C PRO B 735 49.41 0.32 -0.14
N ALA B 736 50.41 0.35 -1.02
CA ALA B 736 51.81 0.30 -0.58
C ALA B 736 52.23 1.52 0.22
N ILE B 737 51.83 2.70 -0.25
CA ILE B 737 52.18 3.93 0.46
C ILE B 737 51.46 4.03 1.81
N LYS B 738 50.24 3.48 1.89
CA LYS B 738 49.53 3.41 3.16
C LYS B 738 50.23 2.44 4.09
N LYS B 739 50.75 1.36 3.52
CA LYS B 739 51.50 0.36 4.28
C LYS B 739 52.73 1.04 4.86
N GLY B 740 53.30 1.94 4.08
CA GLY B 740 54.47 2.68 4.50
C GLY B 740 54.13 3.67 5.59
N ILE B 741 52.92 4.22 5.53
CA ILE B 741 52.46 5.13 6.57
C ILE B 741 52.29 4.38 7.90
N LEU B 742 51.70 3.20 7.83
CA LEU B 742 51.53 2.40 9.03
C LEU B 742 52.88 2.00 9.62
N GLN B 743 53.82 1.63 8.75
CA GLN B 743 55.14 1.24 9.22
C GLN B 743 55.88 2.41 9.85
N THR B 744 55.77 3.60 9.25
CA THR B 744 56.43 4.77 9.85
C THR B 744 55.78 5.14 11.19
N VAL B 745 54.50 4.85 11.33
CA VAL B 745 53.84 5.06 12.62
C VAL B 745 54.38 4.11 13.71
N LYS B 746 54.50 2.84 13.35
CA LYS B 746 55.02 1.85 14.29
C LYS B 746 56.47 2.18 14.65
N VAL B 747 57.23 2.65 13.67
CA VAL B 747 58.62 3.01 13.87
C VAL B 747 58.75 4.22 14.78
N VAL B 748 57.83 5.18 14.65
CA VAL B 748 57.86 6.35 15.52
C VAL B 748 57.54 5.95 16.97
N ASP B 749 56.59 5.03 17.12
CA ASP B 749 56.24 4.54 18.45
C ASP B 749 57.41 3.82 19.13
N GLU B 750 58.03 2.89 18.40
CA GLU B 750 59.16 2.17 18.97
C GLU B 750 60.36 3.09 19.23
N LEU B 751 60.56 4.08 18.37
CA LEU B 751 61.65 5.02 18.57
C LEU B 751 61.42 5.87 19.81
N VAL B 752 60.16 6.16 20.09
CA VAL B 752 59.83 6.84 21.33
C VAL B 752 60.14 5.93 22.52
N LYS B 753 59.76 4.66 22.41
CA LYS B 753 60.00 3.70 23.50
C LYS B 753 61.49 3.51 23.79
N VAL B 754 62.31 3.60 22.74
CA VAL B 754 63.76 3.45 22.88
C VAL B 754 64.35 4.61 23.69
N MET B 755 63.71 5.78 23.59
CA MET B 755 64.24 6.99 24.20
C MET B 755 63.72 7.22 25.62
N GLY B 756 63.21 6.17 26.25
CA GLY B 756 62.70 6.27 27.60
C GLY B 756 61.36 6.97 27.62
N ARG B 757 60.65 6.85 26.50
CA ARG B 757 59.33 7.46 26.29
C ARG B 757 59.39 8.99 26.24
N HIS B 758 60.59 9.54 26.23
CA HIS B 758 60.72 10.95 25.98
C HIS B 758 60.33 11.26 24.54
N LYS B 759 59.56 12.32 24.34
CA LYS B 759 59.12 12.69 22.98
C LYS B 759 60.12 13.59 22.25
N PRO B 760 60.29 13.37 20.93
CA PRO B 760 61.19 14.18 20.11
C PRO B 760 60.72 15.63 20.05
N GLU B 761 61.66 16.57 20.03
CA GLU B 761 61.29 17.96 19.80
C GLU B 761 60.76 18.13 18.38
N ASN B 762 61.29 17.33 17.46
CA ASN B 762 60.96 17.44 16.05
C ASN B 762 60.88 16.09 15.34
N ILE B 763 59.93 15.96 14.42
CA ILE B 763 59.87 14.79 13.54
C ILE B 763 59.84 15.26 12.09
N VAL B 764 60.97 15.15 11.41
CA VAL B 764 61.06 15.62 10.03
C VAL B 764 60.83 14.52 9.00
N ILE B 765 59.68 14.57 8.32
CA ILE B 765 59.34 13.57 7.32
C ILE B 765 59.66 14.00 5.88
N GLU B 766 60.06 13.04 5.05
CA GLU B 766 60.23 13.27 3.62
C GLU B 766 59.55 12.12 2.89
N MET B 767 58.82 12.43 1.82
CA MET B 767 57.93 11.44 1.24
C MET B 767 57.80 11.49 -0.29
N ALA B 768 58.79 12.05 -0.97
CA ALA B 768 58.77 12.08 -2.44
C ALA B 768 59.07 10.71 -3.03
N ARG B 769 58.59 10.48 -4.24
CA ARG B 769 58.83 9.23 -4.98
C ARG B 769 60.31 9.04 -5.27
N GLU B 770 60.78 7.80 -5.18
CA GLU B 770 62.19 7.48 -5.39
C GLU B 770 62.41 6.57 -6.59
N LYS B 779 59.12 8.99 -23.83
CA LYS B 779 58.01 9.87 -24.18
C LYS B 779 58.40 11.34 -24.11
N ASN B 780 59.18 11.70 -23.09
CA ASN B 780 59.60 13.08 -22.91
C ASN B 780 60.46 13.58 -24.08
N SER B 781 61.26 12.68 -24.64
CA SER B 781 62.08 13.03 -25.79
C SER B 781 61.21 13.34 -27.00
N ARG B 782 60.13 12.58 -27.16
CA ARG B 782 59.18 12.82 -28.23
C ARG B 782 58.44 14.14 -28.04
N GLU B 783 58.20 14.49 -26.78
CA GLU B 783 57.53 15.74 -26.46
C GLU B 783 58.43 16.92 -26.80
N ARG B 784 59.71 16.77 -26.47
CA ARG B 784 60.69 17.79 -26.81
C ARG B 784 60.80 17.91 -28.32
N MET B 785 60.72 16.76 -29.01
CA MET B 785 60.78 16.74 -30.47
C MET B 785 59.58 17.46 -31.09
N LYS B 786 58.43 17.34 -30.43
CA LYS B 786 57.22 17.98 -30.94
C LYS B 786 57.27 19.48 -30.72
N ARG B 787 57.66 19.91 -29.53
CA ARG B 787 57.74 21.33 -29.23
C ARG B 787 58.78 22.01 -30.12
N ILE B 788 59.88 21.31 -30.36
CA ILE B 788 60.91 21.81 -31.27
C ILE B 788 60.43 21.86 -32.71
N GLU B 789 59.63 20.88 -33.10
CA GLU B 789 59.12 20.85 -34.48
C GLU B 789 58.17 22.01 -34.73
N GLU B 790 57.24 22.21 -33.81
CA GLU B 790 56.31 23.33 -33.92
C GLU B 790 57.03 24.67 -33.82
N GLY B 791 58.09 24.71 -33.01
CA GLY B 791 58.85 25.93 -32.84
C GLY B 791 59.67 26.32 -34.05
N ILE B 792 60.23 25.31 -34.74
CA ILE B 792 60.94 25.55 -35.99
C ILE B 792 59.96 25.94 -37.08
N LYS B 793 58.79 25.30 -37.07
CA LYS B 793 57.77 25.61 -38.06
C LYS B 793 57.25 27.03 -37.95
N GLU B 794 57.16 27.52 -36.70
CA GLU B 794 56.72 28.90 -36.48
C GLU B 794 57.75 29.96 -36.86
N LEU B 795 59.03 29.58 -36.86
CA LEU B 795 60.11 30.53 -37.09
C LEU B 795 60.69 30.39 -38.49
N GLU B 802 70.13 23.25 -41.69
CA GLU B 802 69.04 22.32 -41.43
C GLU B 802 69.59 20.94 -41.07
N HIS B 803 69.78 20.72 -39.76
CA HIS B 803 70.27 19.45 -39.26
C HIS B 803 69.18 18.66 -38.55
N PRO B 804 68.81 17.50 -39.12
CA PRO B 804 67.83 16.61 -38.50
C PRO B 804 68.32 16.11 -37.15
N VAL B 805 67.40 15.93 -36.22
CA VAL B 805 67.74 15.57 -34.84
C VAL B 805 67.27 14.17 -34.46
N GLU B 806 68.19 13.37 -33.95
CA GLU B 806 67.77 12.11 -33.36
C GLU B 806 66.95 12.38 -32.10
N ASN B 807 65.93 11.56 -31.89
CA ASN B 807 65.03 11.71 -30.77
C ASN B 807 65.73 11.49 -29.42
N THR B 808 66.70 10.58 -29.42
CA THR B 808 67.50 10.31 -28.22
C THR B 808 68.41 11.49 -27.86
N GLN B 809 68.86 12.22 -28.87
CA GLN B 809 69.87 13.26 -28.66
C GLN B 809 69.39 14.45 -27.84
N LEU B 810 68.08 14.70 -27.85
CA LEU B 810 67.51 15.85 -27.17
C LEU B 810 67.61 15.76 -25.65
N GLN B 811 67.83 14.56 -25.15
CA GLN B 811 67.93 14.30 -23.72
C GLN B 811 69.11 15.02 -23.09
N ASN B 812 70.18 15.22 -23.86
CA ASN B 812 71.27 16.08 -23.44
C ASN B 812 70.74 17.51 -23.34
N GLU B 813 71.05 18.19 -22.26
CA GLU B 813 70.48 19.52 -22.05
C GLU B 813 70.99 20.58 -23.02
N LYS B 814 72.28 20.55 -23.33
CA LYS B 814 72.87 21.58 -24.17
C LYS B 814 72.37 21.55 -25.61
N LEU B 815 72.04 20.36 -26.09
CA LEU B 815 71.56 20.24 -27.45
C LEU B 815 70.10 20.66 -27.56
N TYR B 816 69.31 20.27 -26.57
CA TYR B 816 67.91 20.68 -26.50
C TYR B 816 67.85 22.20 -26.36
N LEU B 817 68.80 22.76 -25.62
CA LEU B 817 68.93 24.21 -25.52
C LEU B 817 69.34 24.81 -26.86
N TYR B 818 70.13 24.07 -27.64
CA TYR B 818 70.51 24.55 -28.96
C TYR B 818 69.29 24.64 -29.87
N TYR B 819 68.38 23.69 -29.73
CA TYR B 819 67.21 23.67 -30.61
C TYR B 819 66.04 24.53 -30.15
N LEU B 820 65.94 24.74 -28.85
CA LEU B 820 64.94 25.65 -28.30
C LEU B 820 65.28 27.10 -28.63
N GLN B 821 66.56 27.35 -28.89
CA GLN B 821 67.04 28.71 -29.16
C GLN B 821 67.34 28.94 -30.64
N ASN B 822 66.86 28.03 -31.49
CA ASN B 822 67.01 28.13 -32.94
C ASN B 822 68.47 28.20 -33.39
N GLY B 823 69.37 27.60 -32.60
CA GLY B 823 70.77 27.54 -32.96
C GLY B 823 71.47 28.87 -32.76
N ARG B 824 70.83 29.76 -32.00
CA ARG B 824 71.34 31.10 -31.79
C ARG B 824 71.67 31.34 -30.32
N ASP B 825 72.70 32.13 -30.06
CA ASP B 825 73.02 32.50 -28.69
C ASP B 825 71.87 33.32 -28.13
N MET B 826 71.48 33.01 -26.90
CA MET B 826 70.37 33.69 -26.26
C MET B 826 70.73 35.12 -25.84
N TYR B 827 72.02 35.38 -25.68
CA TYR B 827 72.48 36.62 -25.06
C TYR B 827 73.06 37.69 -25.99
N VAL B 828 73.80 37.28 -27.03
CA VAL B 828 74.45 38.27 -27.90
C VAL B 828 74.17 38.10 -29.40
N ASP B 829 73.05 37.48 -29.74
CA ASP B 829 72.56 37.43 -31.13
C ASP B 829 73.58 36.92 -32.15
N GLN B 830 74.36 35.91 -31.75
CA GLN B 830 75.32 35.30 -32.66
C GLN B 830 75.00 33.83 -32.87
N GLU B 831 75.28 33.32 -34.06
CA GLU B 831 74.95 31.94 -34.38
C GLU B 831 75.70 30.96 -33.48
N LEU B 832 74.98 29.97 -32.98
CA LEU B 832 75.59 28.87 -32.25
C LEU B 832 75.71 27.68 -33.18
N ASP B 833 76.94 27.30 -33.52
CA ASP B 833 77.13 26.06 -34.27
C ASP B 833 77.01 24.87 -33.31
N ILE B 834 76.53 23.74 -33.82
CA ILE B 834 76.26 22.58 -32.99
C ILE B 834 77.49 21.95 -32.33
N ASN B 835 78.63 22.00 -33.02
CA ASN B 835 79.78 21.21 -32.60
C ASN B 835 80.65 21.81 -31.49
N ARG B 836 80.98 23.09 -31.61
CA ARG B 836 81.93 23.72 -30.71
C ARG B 836 81.32 24.26 -29.42
N LEU B 837 80.16 24.90 -29.56
CA LEU B 837 79.66 25.79 -28.52
C LEU B 837 78.93 25.12 -27.37
N SER B 838 78.74 23.80 -27.46
CA SER B 838 78.17 23.05 -26.36
C SER B 838 79.13 23.07 -25.16
N ASP B 839 80.40 22.76 -25.41
CA ASP B 839 81.39 22.75 -24.35
C ASP B 839 81.81 24.17 -23.96
N VAL B 842 76.53 27.04 -20.46
CA VAL B 842 75.21 26.98 -19.83
C VAL B 842 75.10 27.98 -18.70
N ASP B 843 73.90 28.48 -18.45
CA ASP B 843 73.71 29.56 -17.50
C ASP B 843 72.29 29.60 -16.92
N HIS B 844 72.17 29.98 -15.66
CA HIS B 844 70.88 30.16 -15.01
C HIS B 844 70.33 31.55 -15.29
N ILE B 845 69.05 31.64 -15.66
CA ILE B 845 68.43 32.93 -15.89
C ILE B 845 68.19 33.65 -14.56
N VAL B 846 67.55 32.96 -13.61
CA VAL B 846 67.53 33.44 -12.22
C VAL B 846 68.60 32.68 -11.43
N PRO B 847 69.57 33.43 -10.89
CA PRO B 847 70.84 32.94 -10.36
C PRO B 847 70.70 31.97 -9.20
N GLN B 848 71.66 31.05 -9.12
CA GLN B 848 71.63 29.94 -8.18
C GLN B 848 71.57 30.43 -6.73
N SER B 849 72.17 31.58 -6.45
CA SER B 849 72.16 32.13 -5.10
C SER B 849 70.76 32.50 -4.60
N PHE B 850 69.85 32.82 -5.52
CA PHE B 850 68.49 33.19 -5.14
C PHE B 850 67.58 31.98 -4.96
N LEU B 851 67.68 31.02 -5.88
CA LEU B 851 66.83 29.84 -5.84
C LEU B 851 67.43 28.69 -6.65
N LYS B 852 67.34 27.49 -6.11
CA LYS B 852 67.77 26.29 -6.82
C LYS B 852 66.76 25.94 -7.90
N ASP B 853 67.10 26.28 -9.15
CA ASP B 853 66.24 25.97 -10.29
C ASP B 853 67.08 25.51 -11.46
N ASP B 854 67.25 24.19 -11.58
CA ASP B 854 68.01 23.60 -12.68
C ASP B 854 67.14 23.30 -13.90
N SER B 855 65.85 23.62 -13.82
CA SER B 855 64.93 23.38 -14.92
C SER B 855 65.26 24.23 -16.14
N ILE B 856 64.90 23.74 -17.32
CA ILE B 856 65.16 24.44 -18.58
C ILE B 856 64.38 25.76 -18.66
N ASP B 857 63.32 25.86 -17.87
CA ASP B 857 62.60 27.11 -17.73
C ASP B 857 63.55 28.19 -17.20
N ASN B 858 64.52 27.75 -16.39
CA ASN B 858 65.54 28.66 -15.85
C ASN B 858 66.88 28.56 -16.58
N LYS B 859 67.13 27.44 -17.25
CA LYS B 859 68.36 27.30 -18.03
C LYS B 859 68.34 28.01 -19.38
N VAL B 860 69.53 28.38 -19.85
CA VAL B 860 69.71 28.99 -21.17
C VAL B 860 71.13 28.75 -21.66
N LEU B 861 71.29 28.53 -22.96
CA LEU B 861 72.61 28.21 -23.51
C LEU B 861 73.34 29.42 -24.08
N THR B 862 74.62 29.53 -23.73
CA THR B 862 75.50 30.56 -24.27
C THR B 862 76.94 30.14 -24.05
N ARG B 863 77.86 30.74 -24.80
CA ARG B 863 79.28 30.41 -24.69
C ARG B 863 79.96 31.24 -23.60
N ASN B 867 79.17 34.98 -18.45
CA ASN B 867 79.37 36.39 -18.10
C ASN B 867 79.08 37.34 -19.26
N ARG B 868 79.28 36.86 -20.48
CA ARG B 868 79.18 37.70 -21.67
C ARG B 868 77.79 38.26 -21.89
N GLY B 869 76.77 37.54 -21.45
CA GLY B 869 75.41 38.03 -21.53
C GLY B 869 74.76 38.19 -20.17
N LYS B 870 75.34 37.54 -19.17
CA LYS B 870 74.80 37.55 -17.82
C LYS B 870 75.07 38.87 -17.12
N SER B 871 76.28 39.39 -17.33
CA SER B 871 76.78 40.54 -16.61
C SER B 871 76.78 40.31 -15.10
N ASP B 872 75.89 41.02 -14.38
CA ASP B 872 75.94 41.03 -12.93
C ASP B 872 74.96 40.08 -12.22
N ASN B 873 74.85 40.23 -10.91
CA ASN B 873 74.20 39.25 -10.04
C ASN B 873 72.71 39.01 -10.23
N VAL B 874 71.98 40.02 -10.68
CA VAL B 874 70.53 39.94 -10.87
C VAL B 874 70.20 39.26 -12.21
N PRO B 875 68.91 39.10 -12.56
CA PRO B 875 68.64 38.53 -13.88
C PRO B 875 69.22 39.42 -14.99
N SER B 876 69.64 38.80 -16.09
CA SER B 876 70.57 39.38 -17.06
C SER B 876 70.33 40.85 -17.44
N GLU B 877 71.44 41.56 -17.62
CA GLU B 877 71.48 43.03 -17.65
C GLU B 877 70.62 43.67 -18.72
N GLU B 878 70.14 44.88 -18.43
CA GLU B 878 69.26 45.61 -19.32
C GLU B 878 69.90 45.91 -20.67
N VAL B 879 71.23 46.03 -20.68
CA VAL B 879 71.96 46.23 -21.93
C VAL B 879 71.79 45.00 -22.81
N VAL B 880 71.85 43.83 -22.19
CA VAL B 880 71.66 42.56 -22.89
C VAL B 880 70.20 42.32 -23.28
N LYS B 881 69.27 42.91 -22.53
CA LYS B 881 67.85 42.61 -22.71
C LYS B 881 67.21 43.42 -23.85
N LYS B 882 67.97 44.34 -24.43
CA LYS B 882 67.50 45.13 -25.57
C LYS B 882 67.18 44.19 -26.72
N MET B 883 67.84 43.05 -26.75
CA MET B 883 67.51 41.97 -27.67
C MET B 883 66.37 41.15 -27.07
N LYS B 884 65.20 41.75 -26.94
CA LYS B 884 64.04 41.07 -26.40
C LYS B 884 63.03 40.73 -27.48
N ASN B 885 63.26 41.24 -28.69
CA ASN B 885 62.41 40.91 -29.84
C ASN B 885 62.58 39.44 -30.19
N TYR B 886 63.81 38.97 -30.14
CA TYR B 886 64.11 37.57 -30.43
C TYR B 886 63.49 36.64 -29.40
N TRP B 887 63.45 37.09 -28.15
CA TRP B 887 62.80 36.33 -27.09
C TRP B 887 61.30 36.21 -27.31
N ARG B 888 60.70 37.27 -27.84
CA ARG B 888 59.29 37.23 -28.22
C ARG B 888 59.08 36.27 -29.37
N GLN B 889 60.06 36.22 -30.27
CA GLN B 889 60.01 35.27 -31.38
C GLN B 889 60.11 33.82 -30.91
N LEU B 890 60.92 33.57 -29.89
CA LEU B 890 60.97 32.25 -29.28
C LEU B 890 59.70 31.94 -28.50
N LEU B 891 59.06 32.98 -27.98
CA LEU B 891 57.82 32.80 -27.22
C LEU B 891 56.63 32.45 -28.13
N ASN B 892 56.56 33.06 -29.30
CA ASN B 892 55.47 32.77 -30.22
C ASN B 892 55.50 31.34 -30.74
N ALA B 893 56.70 30.80 -30.85
CA ALA B 893 56.91 29.43 -31.31
C ALA B 893 56.78 28.45 -30.15
N LYS B 894 56.54 29.01 -28.96
CA LYS B 894 56.49 28.24 -27.72
C LYS B 894 57.81 27.51 -27.46
N LEU B 895 58.91 28.09 -27.93
CA LEU B 895 60.24 27.56 -27.64
C LEU B 895 60.73 27.99 -26.27
N ILE B 896 60.04 28.96 -25.67
CA ILE B 896 60.25 29.33 -24.28
C ILE B 896 58.90 29.65 -23.65
N THR B 897 58.78 29.41 -22.35
CA THR B 897 57.55 29.69 -21.63
C THR B 897 57.42 31.18 -21.31
N GLN B 898 56.21 31.59 -20.96
CA GLN B 898 55.96 32.98 -20.58
C GLN B 898 56.78 33.37 -19.36
N ARG B 899 57.01 32.41 -18.47
CA ARG B 899 57.81 32.65 -17.26
C ARG B 899 59.27 32.89 -17.58
N LYS B 900 59.82 32.06 -18.47
CA LYS B 900 61.21 32.18 -18.87
C LYS B 900 61.43 33.51 -19.58
N PHE B 901 60.45 33.89 -20.39
CA PHE B 901 60.48 35.19 -21.06
C PHE B 901 60.38 36.33 -20.07
N ASP B 902 59.62 36.13 -19.01
CA ASP B 902 59.44 37.18 -18.00
C ASP B 902 60.73 37.39 -17.21
N ASN B 903 61.33 36.29 -16.78
CA ASN B 903 62.60 36.36 -16.06
C ASN B 903 63.74 36.89 -16.91
N LEU B 904 63.71 36.56 -18.20
CA LEU B 904 64.71 37.09 -19.14
C LEU B 904 64.58 38.60 -19.33
N THR B 905 63.35 39.10 -19.33
CA THR B 905 63.08 40.53 -19.52
C THR B 905 63.19 41.34 -18.24
N LYS B 906 63.39 40.65 -17.12
CA LYS B 906 63.43 41.30 -15.81
C LYS B 906 64.80 41.95 -15.57
N LEU B 912 64.81 42.23 -9.91
CA LEU B 912 64.16 41.44 -8.87
C LEU B 912 63.21 42.28 -8.02
N SER B 913 62.69 41.69 -6.96
CA SER B 913 61.77 42.37 -6.05
C SER B 913 61.74 41.64 -4.71
N GLU B 914 61.24 42.31 -3.67
CA GLU B 914 61.06 41.63 -2.39
C GLU B 914 60.03 40.52 -2.54
N LEU B 915 59.04 40.76 -3.38
CA LEU B 915 58.01 39.76 -3.68
C LEU B 915 58.56 38.55 -4.42
N ASP B 916 59.57 38.79 -5.26
CA ASP B 916 60.16 37.73 -6.05
C ASP B 916 60.91 36.78 -5.12
N LYS B 917 61.72 37.36 -4.25
CA LYS B 917 62.47 36.59 -3.28
C LYS B 917 61.52 35.90 -2.32
N ALA B 918 60.44 36.58 -1.97
CA ALA B 918 59.45 36.02 -1.05
C ALA B 918 58.79 34.80 -1.68
N GLY B 919 58.56 34.88 -2.98
CA GLY B 919 57.92 33.80 -3.71
C GLY B 919 58.89 32.65 -3.89
N PHE B 920 60.18 32.97 -4.00
CA PHE B 920 61.21 31.95 -4.08
C PHE B 920 61.32 31.18 -2.77
N ILE B 921 61.15 31.89 -1.66
CA ILE B 921 61.18 31.27 -0.34
C ILE B 921 59.95 30.38 -0.13
N LYS B 922 58.79 30.90 -0.54
CA LYS B 922 57.55 30.12 -0.46
C LYS B 922 57.67 28.88 -1.33
N ARG B 923 58.39 29.02 -2.44
CA ARG B 923 58.57 27.93 -3.39
C ARG B 923 59.48 26.85 -2.80
N GLN B 924 60.59 27.26 -2.22
CA GLN B 924 61.53 26.33 -1.62
C GLN B 924 60.98 25.61 -0.39
N LEU B 925 60.10 26.28 0.33
CA LEU B 925 59.63 25.74 1.60
C LEU B 925 58.40 24.84 1.50
N VAL B 926 57.30 25.39 1.00
CA VAL B 926 56.03 24.66 1.00
C VAL B 926 56.10 23.42 0.13
N GLU B 927 55.56 22.31 0.65
CA GLU B 927 55.41 21.09 -0.14
C GLU B 927 53.93 20.80 -0.32
N THR B 928 53.47 20.86 -1.57
CA THR B 928 52.05 20.89 -1.88
C THR B 928 51.35 19.53 -1.86
N ARG B 929 52.13 18.46 -1.74
CA ARG B 929 51.57 17.11 -1.74
C ARG B 929 50.63 16.89 -0.56
N GLN B 930 49.47 16.29 -0.83
CA GLN B 930 48.41 16.18 0.17
C GLN B 930 48.65 15.03 1.15
N ILE B 931 49.14 13.90 0.62
CA ILE B 931 49.35 12.72 1.45
C ILE B 931 50.37 12.99 2.55
N THR B 932 51.35 13.83 2.24
CA THR B 932 52.35 14.19 3.23
C THR B 932 51.72 15.01 4.34
N LYS B 933 50.72 15.82 3.98
CA LYS B 933 50.01 16.62 4.95
C LYS B 933 49.18 15.73 5.86
N HIS B 934 48.55 14.72 5.27
CA HIS B 934 47.77 13.77 6.07
C HIS B 934 48.68 12.98 7.01
N VAL B 935 49.89 12.69 6.55
CA VAL B 935 50.86 11.97 7.37
C VAL B 935 51.30 12.84 8.54
N ALA B 936 51.54 14.11 8.26
CA ALA B 936 51.91 15.05 9.30
C ALA B 936 50.79 15.22 10.33
N GLN B 937 49.54 15.15 9.86
CA GLN B 937 48.41 15.25 10.77
C GLN B 937 48.30 14.03 11.67
N ILE B 938 48.48 12.84 11.09
CA ILE B 938 48.37 11.61 11.88
C ILE B 938 49.47 11.58 12.93
N LEU B 939 50.70 11.84 12.51
CA LEU B 939 51.82 11.83 13.42
C LEU B 939 51.66 12.89 14.50
N ASP B 940 51.19 14.08 14.11
CA ASP B 940 51.00 15.16 15.08
C ASP B 940 49.91 14.83 16.10
N SER B 941 48.89 14.09 15.66
CA SER B 941 47.82 13.68 16.56
C SER B 941 48.31 12.61 17.53
N ARG B 942 49.14 11.69 17.05
CA ARG B 942 49.73 10.68 17.92
C ARG B 942 50.72 11.30 18.92
N MET B 943 51.37 12.39 18.52
CA MET B 943 52.42 13.01 19.33
C MET B 943 51.90 14.05 20.32
N ASN B 944 50.79 14.70 19.99
CA ASN B 944 50.24 15.74 20.86
C ASN B 944 48.78 15.48 21.21
N THR B 945 48.57 14.94 22.41
CA THR B 945 47.23 14.52 22.83
C THR B 945 46.62 15.35 23.96
N LYS B 946 47.38 16.29 24.51
CA LYS B 946 46.90 17.05 25.66
C LYS B 946 46.56 18.52 25.38
N TYR B 947 45.52 19.01 26.06
CA TYR B 947 45.10 20.40 25.97
C TYR B 947 45.28 21.06 27.33
N ASP B 948 45.55 22.38 27.33
CA ASP B 948 45.78 23.10 28.59
C ASP B 948 44.51 23.62 29.26
N GLU B 949 44.68 24.44 30.29
CA GLU B 949 43.58 24.97 31.07
C GLU B 949 42.63 25.83 30.25
N ASN B 950 43.18 26.48 29.22
CA ASN B 950 42.40 27.32 28.33
C ASN B 950 41.79 26.52 27.18
N ASP B 951 42.02 25.21 27.22
CA ASP B 951 41.64 24.26 26.16
C ASP B 951 42.43 24.41 24.85
N LYS B 952 43.46 25.26 24.88
CA LYS B 952 44.40 25.34 23.76
C LYS B 952 45.25 24.08 23.71
N LEU B 953 45.53 23.59 22.50
CA LEU B 953 46.35 22.40 22.32
C LEU B 953 47.79 22.66 22.73
N ILE B 954 48.41 21.70 23.39
CA ILE B 954 49.83 21.79 23.74
C ILE B 954 50.65 20.97 22.76
N ARG B 955 51.33 21.65 21.84
CA ARG B 955 52.14 20.99 20.84
C ARG B 955 53.58 20.75 21.31
N GLU B 956 53.81 19.62 21.98
CA GLU B 956 55.14 19.24 22.43
C GLU B 956 56.07 18.93 21.27
N VAL B 957 55.50 18.46 20.17
CA VAL B 957 56.30 17.97 19.05
C VAL B 957 55.91 18.67 17.75
N LYS B 958 56.92 19.16 17.04
CA LYS B 958 56.70 19.83 15.76
C LYS B 958 56.98 18.90 14.59
N VAL B 959 55.92 18.51 13.88
CA VAL B 959 56.07 17.67 12.69
C VAL B 959 56.44 18.52 11.49
N ILE B 960 57.52 18.16 10.81
CA ILE B 960 58.05 18.98 9.72
C ILE B 960 58.09 18.22 8.39
N THR B 961 57.46 18.78 7.36
CA THR B 961 57.52 18.21 6.02
C THR B 961 58.63 18.85 5.19
N LEU B 962 59.57 18.03 4.73
CA LEU B 962 60.71 18.53 3.97
C LEU B 962 60.53 18.30 2.46
N LYS B 963 60.79 19.33 1.67
CA LYS B 963 60.88 19.15 0.22
C LYS B 963 62.07 18.24 -0.05
N SER B 964 61.89 17.26 -0.92
CA SER B 964 62.98 16.34 -1.24
C SER B 964 64.14 17.05 -1.94
N LYS B 965 63.82 18.11 -2.68
CA LYS B 965 64.84 18.80 -3.46
C LYS B 965 65.88 19.50 -2.59
N LEU B 966 65.50 19.85 -1.36
CA LEU B 966 66.44 20.53 -0.47
C LEU B 966 67.56 19.60 -0.03
N VAL B 967 67.19 18.41 0.44
CA VAL B 967 68.16 17.38 0.79
C VAL B 967 68.90 16.85 -0.45
N SER B 968 68.20 16.78 -1.57
CA SER B 968 68.79 16.30 -2.81
C SER B 968 69.88 17.26 -3.29
N ASP B 969 69.59 18.56 -3.21
CA ASP B 969 70.57 19.58 -3.53
C ASP B 969 71.69 19.59 -2.48
N PHE B 970 71.33 19.24 -1.25
CA PHE B 970 72.29 19.20 -0.17
C PHE B 970 73.35 18.13 -0.42
N ARG B 971 72.93 17.03 -1.02
CA ARG B 971 73.87 15.98 -1.39
C ARG B 971 74.82 16.37 -2.53
N LYS B 972 74.38 17.26 -3.41
CA LYS B 972 75.19 17.64 -4.56
C LYS B 972 76.15 18.78 -4.22
N ASP B 973 75.66 19.74 -3.43
CA ASP B 973 76.46 20.89 -3.04
C ASP B 973 77.57 20.57 -2.05
N PHE B 974 77.43 19.47 -1.33
CA PHE B 974 78.39 19.11 -0.28
C PHE B 974 78.98 17.71 -0.46
N GLN B 975 78.84 17.18 -1.68
CA GLN B 975 79.49 15.93 -2.07
C GLN B 975 79.16 14.71 -1.20
N PHE B 976 77.95 14.67 -0.64
CA PHE B 976 77.49 13.48 0.07
C PHE B 976 76.74 12.55 -0.90
N TYR B 977 77.49 11.95 -1.82
CA TYR B 977 76.91 11.18 -2.92
C TYR B 977 76.17 9.90 -2.52
N LYS B 978 75.12 9.59 -3.27
CA LYS B 978 74.29 8.42 -3.02
C LYS B 978 74.34 7.44 -4.20
N VAL B 979 74.40 6.14 -3.89
CA VAL B 979 74.32 5.09 -4.90
C VAL B 979 73.40 3.98 -4.42
N ARG B 980 72.20 3.91 -4.98
CA ARG B 980 71.17 3.01 -4.47
C ARG B 980 71.53 1.53 -4.57
N GLU B 981 72.29 1.18 -5.61
CA GLU B 981 72.55 -0.21 -5.94
C GLU B 981 73.42 -0.96 -4.92
N ILE B 982 74.27 -0.24 -4.20
CA ILE B 982 75.22 -0.87 -3.28
C ILE B 982 74.53 -1.58 -2.11
N ASN B 983 73.51 -0.94 -1.55
CA ASN B 983 72.78 -1.46 -0.40
C ASN B 983 71.55 -0.60 -0.10
N ASN B 984 70.84 -0.95 0.97
CA ASN B 984 69.67 -0.20 1.39
C ASN B 984 69.99 0.97 2.32
N TYR B 985 71.27 1.20 2.56
CA TYR B 985 71.70 2.22 3.51
C TYR B 985 71.24 3.63 3.11
N HIS B 986 71.05 3.84 1.81
CA HIS B 986 70.71 5.18 1.32
C HIS B 986 69.40 5.70 1.89
N HIS B 987 68.49 4.81 2.25
CA HIS B 987 67.24 5.21 2.88
C HIS B 987 67.48 5.81 4.26
N ALA B 988 68.27 5.12 5.07
CA ALA B 988 68.58 5.60 6.42
C ALA B 988 69.38 6.88 6.35
N HIS B 989 70.30 6.94 5.39
CA HIS B 989 71.11 8.14 5.19
C HIS B 989 70.21 9.30 4.81
N ASP B 990 69.17 8.99 4.05
CA ASP B 990 68.21 9.99 3.62
C ASP B 990 67.43 10.52 4.80
N ALA B 991 66.98 9.62 5.68
CA ALA B 991 66.20 10.04 6.85
C ALA B 991 67.05 10.88 7.79
N TYR B 992 68.34 10.55 7.86
CA TYR B 992 69.27 11.31 8.69
C TYR B 992 69.48 12.71 8.14
N LEU B 993 69.70 12.79 6.83
CA LEU B 993 69.86 14.10 6.19
C LEU B 993 68.58 14.92 6.29
N ASN B 994 67.44 14.23 6.31
CA ASN B 994 66.15 14.90 6.48
C ASN B 994 66.06 15.53 7.86
N ALA B 995 66.44 14.76 8.88
CA ALA B 995 66.38 15.27 10.25
C ALA B 995 67.33 16.45 10.40
N VAL B 996 68.50 16.35 9.76
CA VAL B 996 69.50 17.40 9.89
C VAL B 996 69.02 18.69 9.24
N VAL B 997 68.62 18.60 7.97
CA VAL B 997 68.20 19.77 7.24
C VAL B 997 66.93 20.40 7.84
N GLY B 998 66.03 19.56 8.34
CA GLY B 998 64.79 20.05 8.91
C GLY B 998 64.98 20.76 10.23
N THR B 999 65.70 20.12 11.14
CA THR B 999 65.97 20.75 12.43
C THR B 999 66.82 22.01 12.28
N ALA B 1000 67.78 21.98 11.35
CA ALA B 1000 68.58 23.16 11.07
C ALA B 1000 67.73 24.29 10.51
N LEU B 1001 66.72 23.92 9.72
CA LEU B 1001 65.86 24.90 9.10
C LEU B 1001 64.92 25.58 10.10
N ILE B 1002 64.28 24.80 10.98
CA ILE B 1002 63.47 25.44 12.01
C ILE B 1002 64.31 26.23 13.02
N LYS B 1003 65.53 25.76 13.28
CA LYS B 1003 66.42 26.51 14.15
C LYS B 1003 66.82 27.84 13.52
N LYS B 1004 66.96 27.85 12.20
CA LYS B 1004 67.40 29.06 11.50
C LYS B 1004 66.26 30.07 11.24
N TYR B 1005 65.09 29.56 10.87
CA TYR B 1005 63.97 30.44 10.52
C TYR B 1005 62.66 30.08 11.23
N PRO B 1006 62.54 30.40 12.52
CA PRO B 1006 61.32 30.11 13.29
C PRO B 1006 60.07 30.78 12.73
N LYS B 1007 60.20 31.96 12.13
CA LYS B 1007 59.06 32.69 11.60
C LYS B 1007 58.43 31.98 10.41
N LEU B 1008 59.22 31.19 9.70
CA LEU B 1008 58.77 30.51 8.49
C LEU B 1008 58.11 29.18 8.83
N GLU B 1009 57.88 28.97 10.12
CA GLU B 1009 57.36 27.72 10.65
C GLU B 1009 56.00 27.32 10.08
N SER B 1010 55.16 28.30 9.80
CA SER B 1010 53.82 28.01 9.29
C SER B 1010 53.88 27.37 7.92
N GLU B 1011 54.91 27.73 7.15
CA GLU B 1011 55.07 27.26 5.78
C GLU B 1011 55.37 25.76 5.66
N PHE B 1012 56.04 25.19 6.65
CA PHE B 1012 56.48 23.80 6.55
C PHE B 1012 56.40 23.01 7.86
N VAL B 1013 55.69 23.54 8.85
CA VAL B 1013 55.44 22.81 10.08
C VAL B 1013 53.94 22.76 10.34
N TYR B 1014 53.45 21.57 10.71
CA TYR B 1014 52.02 21.35 10.90
C TYR B 1014 51.46 22.09 12.12
N GLY B 1015 50.26 22.65 11.95
CA GLY B 1015 49.59 23.35 13.04
C GLY B 1015 49.14 24.75 12.69
N ASP B 1016 48.35 25.37 13.55
CA ASP B 1016 47.85 26.72 13.34
C ASP B 1016 48.89 27.75 13.77
N TYR B 1017 49.80 28.10 12.86
CA TYR B 1017 50.83 29.08 13.16
C TYR B 1017 50.59 30.42 12.48
N LYS B 1018 51.11 31.50 13.07
CA LYS B 1018 50.98 32.82 12.48
C LYS B 1018 51.75 32.87 11.16
N VAL B 1019 51.15 33.49 10.16
CA VAL B 1019 51.82 33.67 8.88
C VAL B 1019 52.60 34.98 8.89
N TYR B 1020 53.86 34.91 9.31
CA TYR B 1020 54.70 36.10 9.42
C TYR B 1020 54.88 36.76 8.07
N ASP B 1021 54.89 38.10 8.06
CA ASP B 1021 54.97 38.85 6.81
C ASP B 1021 56.26 38.51 6.10
N VAL B 1022 56.13 37.88 4.93
CA VAL B 1022 57.29 37.41 4.19
C VAL B 1022 58.15 38.54 3.61
N ARG B 1023 57.52 39.66 3.29
CA ARG B 1023 58.26 40.81 2.76
C ARG B 1023 59.19 41.41 3.80
N LYS B 1024 58.79 41.35 5.07
CA LYS B 1024 59.57 41.94 6.15
C LYS B 1024 60.91 41.25 6.38
N MET B 1025 60.95 39.94 6.14
CA MET B 1025 62.17 39.17 6.36
C MET B 1025 63.27 39.53 5.36
N ILE B 1026 62.89 39.79 4.13
CA ILE B 1026 63.84 40.20 3.10
C ILE B 1026 64.33 41.62 3.35
N ALA B 1027 65.61 41.86 3.11
CA ALA B 1027 66.21 43.18 3.36
C ALA B 1027 67.21 43.57 2.30
N LYS B 1028 66.85 44.57 1.50
CA LYS B 1028 67.78 45.13 0.52
C LYS B 1028 68.95 45.79 1.26
N SER B 1029 68.68 46.25 2.47
CA SER B 1029 69.68 46.88 3.32
C SER B 1029 69.34 46.67 4.79
N TYR B 1040 65.81 37.80 6.90
CA TYR B 1040 67.19 37.38 7.12
C TYR B 1040 67.99 37.37 5.83
N PHE B 1041 67.29 37.21 4.70
CA PHE B 1041 67.97 37.02 3.42
C PHE B 1041 67.87 38.20 2.44
N PHE B 1042 69.00 38.51 1.82
CA PHE B 1042 68.99 39.32 0.60
C PHE B 1042 69.00 38.35 -0.57
N TYR B 1043 69.63 37.20 -0.35
CA TYR B 1043 69.61 36.11 -1.31
C TYR B 1043 68.58 35.07 -0.87
N SER B 1044 67.60 34.83 -1.73
CA SER B 1044 66.39 34.11 -1.35
C SER B 1044 66.59 32.65 -0.95
N ASN B 1045 67.67 32.04 -1.44
CA ASN B 1045 67.91 30.62 -1.20
C ASN B 1045 68.06 30.32 0.29
N ILE B 1046 67.13 29.51 0.81
CA ILE B 1046 67.11 29.17 2.23
C ILE B 1046 68.28 28.24 2.58
N MET B 1047 68.80 27.57 1.56
CA MET B 1047 69.86 26.59 1.74
C MET B 1047 71.24 27.27 1.80
N ASN B 1048 71.26 28.57 1.55
CA ASN B 1048 72.52 29.31 1.47
C ASN B 1048 73.32 29.34 2.77
N PHE B 1049 72.64 29.27 3.90
CA PHE B 1049 73.34 29.37 5.18
C PHE B 1049 74.29 28.20 5.44
N PHE B 1050 74.00 27.04 4.85
CA PHE B 1050 74.90 25.90 4.99
C PHE B 1050 76.25 26.15 4.33
N LYS B 1051 76.27 26.91 3.24
CA LYS B 1051 77.48 27.17 2.48
C LYS B 1051 78.52 28.04 3.20
N THR B 1052 79.79 27.66 3.11
CA THR B 1052 80.87 28.51 3.61
C THR B 1052 81.11 29.69 2.69
N GLU B 1053 80.91 29.46 1.39
CA GLU B 1053 81.08 30.50 0.39
C GLU B 1053 79.94 30.44 -0.62
N ILE B 1054 79.46 31.62 -1.01
CA ILE B 1054 78.35 31.72 -1.94
C ILE B 1054 78.82 32.35 -3.24
N THR B 1055 78.95 31.54 -4.28
CA THR B 1055 79.36 32.04 -5.58
C THR B 1055 78.19 32.70 -6.30
N LEU B 1056 78.41 33.91 -6.79
CA LEU B 1056 77.41 34.65 -7.55
C LEU B 1056 77.54 34.37 -9.05
N ALA B 1057 76.59 34.88 -9.84
CA ALA B 1057 76.66 34.74 -11.29
C ALA B 1057 77.88 35.44 -11.88
N ASN B 1058 78.36 36.47 -11.17
CA ASN B 1058 79.56 37.20 -11.56
C ASN B 1058 80.81 36.35 -11.50
N GLY B 1059 80.77 35.33 -10.65
CA GLY B 1059 81.98 34.67 -10.19
C GLY B 1059 82.43 35.33 -8.90
N GLU B 1060 81.70 36.34 -8.47
CA GLU B 1060 81.93 36.98 -7.18
C GLU B 1060 81.69 35.99 -6.05
N ILE B 1061 82.46 36.14 -4.98
CA ILE B 1061 82.34 35.22 -3.84
C ILE B 1061 81.89 35.95 -2.57
N ARG B 1062 80.80 35.46 -1.97
CA ARG B 1062 80.33 35.99 -0.70
C ARG B 1062 80.57 35.02 0.44
N LYS B 1063 81.56 35.33 1.29
CA LYS B 1063 81.89 34.49 2.43
C LYS B 1063 80.80 34.54 3.49
N ARG B 1064 80.68 33.44 4.25
CA ARG B 1064 79.68 33.34 5.32
C ARG B 1064 80.35 32.90 6.62
N PRO B 1065 79.75 33.24 7.78
CA PRO B 1065 80.35 32.93 9.07
C PRO B 1065 80.54 31.43 9.28
N LEU B 1066 81.61 31.05 9.96
CA LEU B 1066 81.91 29.65 10.21
C LEU B 1066 80.81 28.98 11.03
N ILE B 1067 80.13 29.76 11.87
CA ILE B 1067 79.04 29.24 12.69
C ILE B 1067 77.72 29.97 12.41
N GLU B 1068 76.83 29.32 11.66
CA GLU B 1068 75.49 29.84 11.45
C GLU B 1068 74.69 29.83 12.74
N THR B 1069 73.99 30.94 12.98
CA THR B 1069 73.27 31.15 14.23
C THR B 1069 72.06 32.05 13.99
N ASN B 1070 71.06 31.93 14.85
CA ASN B 1070 69.88 32.79 14.78
C ASN B 1070 70.09 34.04 15.63
N GLY B 1071 69.73 35.19 15.09
CA GLY B 1071 69.90 36.45 15.79
C GLY B 1071 68.89 36.70 16.89
N GLU B 1072 67.67 36.24 16.69
CA GLU B 1072 66.60 36.47 17.67
C GLU B 1072 66.82 35.72 18.99
N THR B 1073 67.48 34.57 18.92
CA THR B 1073 67.61 33.72 20.10
C THR B 1073 69.06 33.45 20.47
N GLY B 1074 69.95 33.48 19.48
CA GLY B 1074 71.35 33.17 19.71
C GLY B 1074 71.63 31.69 19.64
N GLU B 1075 70.60 30.91 19.32
CA GLU B 1075 70.75 29.46 19.18
C GLU B 1075 71.67 29.12 18.01
N ILE B 1076 72.55 28.15 18.23
CA ILE B 1076 73.50 27.74 17.21
C ILE B 1076 72.87 26.75 16.24
N VAL B 1077 72.75 27.13 14.97
CA VAL B 1077 72.14 26.24 13.99
C VAL B 1077 73.15 25.42 13.18
N TRP B 1078 74.37 25.93 13.00
CA TRP B 1078 75.33 25.19 12.19
C TRP B 1078 76.80 25.54 12.45
N ASP B 1079 77.66 24.54 12.29
CA ASP B 1079 79.11 24.74 12.38
C ASP B 1079 79.76 24.04 11.20
N LYS B 1080 80.24 24.83 10.24
CA LYS B 1080 80.75 24.28 9.00
C LYS B 1080 81.99 23.39 9.13
N GLY B 1081 82.85 23.71 10.09
CA GLY B 1081 84.05 22.93 10.29
C GLY B 1081 83.82 21.66 11.08
N ARG B 1082 82.64 21.54 11.69
CA ARG B 1082 82.35 20.42 12.58
C ARG B 1082 81.20 19.54 12.10
N ASP B 1083 80.03 20.14 11.95
CA ASP B 1083 78.81 19.41 11.62
C ASP B 1083 78.85 18.69 10.27
N PHE B 1084 79.53 19.27 9.28
CA PHE B 1084 79.69 18.59 8.00
C PHE B 1084 80.50 17.32 8.20
N ALA B 1085 81.50 17.41 9.06
CA ALA B 1085 82.33 16.26 9.38
C ALA B 1085 81.52 15.21 10.13
N THR B 1086 80.61 15.65 10.98
CA THR B 1086 79.78 14.70 11.71
C THR B 1086 78.86 13.97 10.74
N VAL B 1087 78.32 14.70 9.76
CA VAL B 1087 77.48 14.07 8.74
C VAL B 1087 78.30 13.08 7.92
N ARG B 1088 79.56 13.43 7.67
CA ARG B 1088 80.45 12.54 6.94
C ARG B 1088 80.66 11.26 7.72
N LYS B 1089 80.82 11.40 9.03
CA LYS B 1089 81.04 10.24 9.89
C LYS B 1089 79.79 9.37 9.94
N VAL B 1090 78.62 10.00 9.94
CA VAL B 1090 77.37 9.25 10.01
C VAL B 1090 77.12 8.46 8.73
N LEU B 1091 77.42 9.07 7.59
CA LEU B 1091 77.29 8.38 6.31
C LEU B 1091 78.30 7.26 6.18
N SER B 1092 79.43 7.40 6.85
CA SER B 1092 80.54 6.44 6.77
C SER B 1092 80.40 5.23 7.68
N MET B 1093 79.41 5.24 8.57
CA MET B 1093 79.29 4.16 9.54
C MET B 1093 78.93 2.86 8.85
N PRO B 1094 79.75 1.82 9.04
CA PRO B 1094 79.52 0.46 8.53
C PRO B 1094 78.22 -0.14 9.07
N GLN B 1095 77.87 0.20 10.31
CA GLN B 1095 76.70 -0.39 10.94
C GLN B 1095 75.44 0.49 10.81
N VAL B 1096 74.42 -0.08 10.19
CA VAL B 1096 73.12 0.55 10.02
C VAL B 1096 72.07 -0.55 10.16
N ASN B 1097 70.95 -0.23 10.80
CA ASN B 1097 69.92 -1.22 11.09
C ASN B 1097 68.94 -1.46 9.96
N ILE B 1098 69.28 -2.35 9.04
CA ILE B 1098 68.38 -2.71 7.95
C ILE B 1098 67.50 -3.90 8.35
N VAL B 1099 66.19 -3.74 8.24
CA VAL B 1099 65.26 -4.78 8.65
C VAL B 1099 64.20 -5.08 7.60
N LYS B 1100 64.24 -6.27 7.04
CA LYS B 1100 63.17 -6.74 6.17
C LYS B 1100 62.05 -7.24 7.05
N LYS B 1101 60.88 -6.63 6.91
CA LYS B 1101 59.73 -7.00 7.73
C LYS B 1101 59.31 -8.44 7.48
N THR B 1102 59.08 -9.19 8.55
CA THR B 1102 58.51 -10.52 8.42
C THR B 1102 57.03 -10.40 8.11
N GLU B 1103 56.47 -11.37 7.40
CA GLU B 1103 55.08 -11.28 6.97
C GLU B 1103 54.34 -12.62 6.98
N VAL B 1104 53.06 -12.57 7.30
CA VAL B 1104 52.19 -13.74 7.23
C VAL B 1104 51.04 -13.47 6.27
N GLN B 1105 51.18 -13.95 5.04
CA GLN B 1105 50.20 -13.69 3.99
C GLN B 1105 48.84 -14.34 4.24
N THR B 1106 47.77 -13.63 3.87
CA THR B 1106 46.42 -14.13 4.03
C THR B 1106 45.69 -14.14 2.70
N PRO B 1141 46.53 -22.76 -1.95
CA PRO B 1141 47.79 -23.08 -2.65
C PRO B 1141 48.97 -22.30 -2.07
N THR B 1142 48.70 -21.13 -1.50
CA THR B 1142 49.73 -20.29 -0.90
C THR B 1142 50.01 -20.64 0.56
N VAL B 1143 51.23 -20.40 1.01
CA VAL B 1143 51.63 -20.65 2.39
C VAL B 1143 51.61 -19.39 3.25
N ALA B 1144 50.88 -19.44 4.36
CA ALA B 1144 50.81 -18.32 5.30
C ALA B 1144 52.11 -18.18 6.09
N TYR B 1145 52.60 -19.29 6.61
CA TYR B 1145 53.87 -19.33 7.33
C TYR B 1145 54.34 -20.77 7.53
N SER B 1146 55.66 -20.94 7.62
CA SER B 1146 56.22 -22.25 7.92
C SER B 1146 56.10 -22.57 9.40
N VAL B 1147 56.13 -23.84 9.76
CA VAL B 1147 56.19 -24.23 11.17
C VAL B 1147 57.30 -25.25 11.39
N LEU B 1148 58.17 -24.97 12.36
CA LEU B 1148 59.20 -25.92 12.75
C LEU B 1148 58.65 -26.86 13.81
N VAL B 1149 58.56 -28.13 13.45
CA VAL B 1149 58.03 -29.17 14.32
C VAL B 1149 59.06 -30.28 14.47
N VAL B 1150 59.13 -30.88 15.66
CA VAL B 1150 60.02 -32.02 15.90
C VAL B 1150 59.22 -33.23 16.33
N ALA B 1151 59.23 -34.28 15.50
CA ALA B 1151 58.43 -35.47 15.76
C ALA B 1151 59.25 -36.76 15.75
N LYS B 1152 60.47 -36.70 15.22
CA LYS B 1152 61.35 -37.85 15.19
C LYS B 1152 62.81 -37.44 15.11
N VAL B 1164 61.81 -36.29 11.29
CA VAL B 1164 62.95 -35.91 12.10
C VAL B 1164 62.76 -34.50 12.63
N LYS B 1165 63.43 -33.53 11.99
CA LYS B 1165 63.21 -32.13 12.27
C LYS B 1165 63.03 -31.42 10.93
N GLU B 1166 61.88 -30.79 10.74
CA GLU B 1166 61.52 -30.29 9.42
C GLU B 1166 60.58 -29.10 9.48
N LEU B 1167 60.66 -28.23 8.47
CA LEU B 1167 59.70 -27.15 8.28
C LEU B 1167 58.41 -27.70 7.67
N LEU B 1168 57.28 -27.07 7.98
CA LEU B 1168 55.99 -27.49 7.43
C LEU B 1168 55.16 -26.30 6.98
N GLY B 1169 54.98 -26.17 5.68
CA GLY B 1169 54.14 -25.12 5.12
C GLY B 1169 52.71 -25.25 5.57
N ILE B 1170 52.11 -24.12 5.93
CA ILE B 1170 50.72 -24.09 6.37
C ILE B 1170 49.88 -23.25 5.42
N THR B 1171 48.92 -23.89 4.74
CA THR B 1171 47.97 -23.17 3.91
C THR B 1171 47.02 -22.38 4.79
N ILE B 1172 46.52 -21.28 4.26
CA ILE B 1172 45.68 -20.37 5.04
C ILE B 1172 44.38 -21.04 5.50
N MET B 1173 43.85 -21.96 4.69
CA MET B 1173 42.68 -22.73 5.09
C MET B 1173 43.00 -23.62 6.28
N GLU B 1174 44.22 -24.14 6.31
CA GLU B 1174 44.67 -24.98 7.42
C GLU B 1174 45.01 -24.19 8.69
N ARG B 1175 45.34 -22.91 8.51
CA ARG B 1175 45.83 -22.09 9.61
C ARG B 1175 44.80 -21.89 10.72
N SER B 1176 43.54 -21.74 10.33
CA SER B 1176 42.46 -21.54 11.30
C SER B 1176 42.29 -22.79 12.16
N SER B 1177 42.52 -23.95 11.56
CA SER B 1177 42.44 -25.22 12.27
C SER B 1177 43.74 -25.51 13.02
N PHE B 1178 44.79 -24.76 12.68
CA PHE B 1178 46.09 -24.93 13.34
C PHE B 1178 46.16 -24.13 14.63
N GLU B 1179 45.54 -22.95 14.64
CA GLU B 1179 45.63 -22.06 15.80
C GLU B 1179 45.15 -22.75 17.08
N LYS B 1180 43.96 -23.34 17.03
CA LYS B 1180 43.50 -24.20 18.11
C LYS B 1180 43.88 -25.65 17.83
N ASN B 1181 44.13 -26.41 18.90
CA ASN B 1181 44.51 -27.82 18.79
C ASN B 1181 45.63 -28.11 17.77
N PRO B 1182 46.79 -27.46 17.92
CA PRO B 1182 47.89 -27.75 16.99
C PRO B 1182 48.31 -29.23 17.01
N ILE B 1183 48.23 -29.85 18.19
CA ILE B 1183 48.67 -31.22 18.36
C ILE B 1183 47.80 -32.21 17.58
N ASP B 1184 46.51 -31.90 17.45
CA ASP B 1184 45.60 -32.76 16.71
C ASP B 1184 45.86 -32.66 15.21
N PHE B 1185 46.03 -31.42 14.74
CA PHE B 1185 46.29 -31.18 13.33
C PHE B 1185 47.63 -31.78 12.91
N LEU B 1186 48.60 -31.77 13.83
CA LEU B 1186 49.89 -32.39 13.56
C LEU B 1186 49.80 -33.91 13.61
N GLU B 1187 49.04 -34.43 14.57
CA GLU B 1187 48.87 -35.87 14.74
C GLU B 1187 48.12 -36.50 13.58
N ALA B 1188 47.29 -35.70 12.93
CA ALA B 1188 46.55 -36.16 11.75
C ALA B 1188 47.48 -36.52 10.60
N LYS B 1189 48.64 -35.86 10.56
CA LYS B 1189 49.63 -36.14 9.54
C LYS B 1189 50.70 -37.10 10.07
N GLU B 1193 56.80 -38.88 15.51
CA GLU B 1193 55.49 -38.85 14.89
C GLU B 1193 54.46 -38.13 15.77
N VAL B 1194 54.68 -38.13 17.07
CA VAL B 1194 53.84 -37.38 17.99
C VAL B 1194 54.56 -36.11 18.44
N LYS B 1195 53.95 -34.96 18.20
CA LYS B 1195 54.62 -33.67 18.36
C LYS B 1195 55.03 -33.34 19.79
N LYS B 1196 56.26 -32.84 19.93
CA LYS B 1196 56.75 -32.29 21.19
C LYS B 1196 56.10 -30.93 21.42
N ASP B 1197 56.01 -30.51 22.68
CA ASP B 1197 55.34 -29.26 23.01
C ASP B 1197 56.00 -28.03 22.39
N LEU B 1198 57.33 -28.02 22.32
CA LEU B 1198 58.01 -26.94 21.63
C LEU B 1198 57.83 -27.03 20.11
N ILE B 1199 57.57 -25.88 19.50
CA ILE B 1199 57.46 -25.72 18.04
C ILE B 1199 57.71 -24.25 17.76
N ILE B 1200 58.12 -23.92 16.54
CA ILE B 1200 58.31 -22.50 16.23
C ILE B 1200 57.59 -22.05 14.95
N LYS B 1201 56.67 -21.09 15.10
CA LYS B 1201 56.01 -20.51 13.95
C LYS B 1201 56.95 -19.53 13.23
N LEU B 1202 57.16 -19.77 11.95
CA LEU B 1202 58.12 -18.99 11.16
C LEU B 1202 57.46 -18.21 10.02
N PRO B 1203 57.33 -16.88 10.21
CA PRO B 1203 56.86 -15.91 9.22
C PRO B 1203 57.83 -15.79 8.05
N LYS B 1204 57.30 -15.44 6.88
CA LYS B 1204 58.11 -15.21 5.70
C LYS B 1204 59.14 -14.12 5.98
N TYR B 1205 60.34 -14.27 5.40
CA TYR B 1205 61.49 -13.41 5.67
C TYR B 1205 61.98 -13.47 7.11
N SER B 1206 61.81 -14.62 7.75
CA SER B 1206 62.39 -14.84 9.07
C SER B 1206 63.91 -14.82 8.94
N LEU B 1207 64.59 -14.23 9.92
CA LEU B 1207 66.03 -14.08 9.87
C LEU B 1207 66.75 -15.21 10.62
N PHE B 1208 67.84 -15.71 10.04
CA PHE B 1208 68.66 -16.75 10.66
C PHE B 1208 70.12 -16.38 10.51
N GLU B 1209 70.93 -16.65 11.54
CA GLU B 1209 72.36 -16.41 11.40
C GLU B 1209 73.17 -17.70 11.37
N LEU B 1210 74.04 -17.82 10.37
CA LEU B 1210 74.86 -19.00 10.20
C LEU B 1210 76.34 -18.66 10.14
N GLU B 1211 77.13 -19.32 10.99
CA GLU B 1211 78.58 -19.20 10.97
C GLU B 1211 79.10 -17.77 11.05
N ASN B 1212 79.99 -17.44 10.12
CA ASN B 1212 80.77 -16.22 10.18
C ASN B 1212 79.98 -14.96 9.88
N GLY B 1213 78.88 -14.76 10.61
CA GLY B 1213 78.12 -13.53 10.55
C GLY B 1213 77.17 -13.49 9.37
N ARG B 1214 77.14 -14.58 8.61
CA ARG B 1214 76.24 -14.68 7.46
C ARG B 1214 74.80 -14.91 7.88
N LYS B 1215 73.86 -14.38 7.08
CA LYS B 1215 72.45 -14.50 7.40
C LYS B 1215 71.63 -15.05 6.24
N ARG B 1216 70.59 -15.81 6.57
CA ARG B 1216 69.68 -16.33 5.56
C ARG B 1216 68.25 -16.01 5.99
N MET B 1217 67.43 -15.63 5.02
CA MET B 1217 66.02 -15.34 5.28
C MET B 1217 65.13 -16.43 4.73
N LEU B 1218 64.07 -16.75 5.45
CA LEU B 1218 63.14 -17.80 5.05
C LEU B 1218 62.05 -17.27 4.11
N ALA B 1219 62.38 -17.14 2.84
CA ALA B 1219 61.41 -16.72 1.82
C ALA B 1219 60.31 -17.77 1.65
N SER B 1220 60.68 -19.03 1.85
CA SER B 1220 59.78 -20.15 1.66
C SER B 1220 60.38 -21.38 2.31
N ALA B 1221 59.57 -22.42 2.47
CA ALA B 1221 60.06 -23.68 3.05
C ALA B 1221 61.10 -24.32 2.13
N GLY B 1222 61.04 -23.99 0.84
CA GLY B 1222 61.99 -24.51 -0.13
C GLY B 1222 63.07 -23.53 -0.57
N GLU B 1223 63.02 -22.29 -0.10
CA GLU B 1223 63.97 -21.30 -0.59
C GLU B 1223 64.47 -20.33 0.49
N LEU B 1224 65.72 -19.91 0.35
CA LEU B 1224 66.33 -18.96 1.27
C LEU B 1224 66.86 -17.75 0.51
N GLN B 1225 66.83 -16.58 1.15
CA GLN B 1225 67.35 -15.36 0.55
C GLN B 1225 68.57 -14.87 1.33
N LYS B 1226 69.46 -14.13 0.68
CA LYS B 1226 70.62 -13.59 1.37
C LYS B 1226 70.18 -12.62 2.45
N GLY B 1227 70.77 -12.73 3.65
CA GLY B 1227 70.39 -11.89 4.77
C GLY B 1227 71.36 -10.78 5.14
N ASN B 1228 72.45 -10.66 4.40
CA ASN B 1228 73.51 -9.71 4.76
C ASN B 1228 73.55 -8.45 3.89
N GLU B 1229 73.94 -7.34 4.50
CA GLU B 1229 74.13 -6.08 3.78
C GLU B 1229 75.61 -5.74 3.71
N LEU B 1230 76.20 -5.84 2.52
CA LEU B 1230 77.57 -5.40 2.31
C LEU B 1230 77.64 -3.90 2.60
N ALA B 1231 78.67 -3.49 3.33
CA ALA B 1231 78.80 -2.10 3.74
C ALA B 1231 80.08 -1.48 3.19
N LEU B 1232 80.02 -1.03 1.95
CA LEU B 1232 81.19 -0.46 1.30
C LEU B 1232 81.50 0.92 1.88
N PRO B 1233 82.79 1.21 2.10
CA PRO B 1233 83.23 2.50 2.63
C PRO B 1233 82.89 3.65 1.70
N SER B 1234 82.60 4.82 2.27
CA SER B 1234 82.07 5.96 1.53
C SER B 1234 82.96 6.49 0.40
N LYS B 1235 84.28 6.35 0.56
CA LYS B 1235 85.19 6.79 -0.50
C LYS B 1235 84.96 6.00 -1.77
N TYR B 1236 84.67 4.71 -1.61
CA TYR B 1236 84.33 3.86 -2.74
C TYR B 1236 82.97 4.23 -3.34
N VAL B 1237 82.07 4.71 -2.50
CA VAL B 1237 80.74 5.09 -2.97
C VAL B 1237 80.80 6.34 -3.82
N ASN B 1238 81.52 7.35 -3.32
CA ASN B 1238 81.74 8.58 -4.08
C ASN B 1238 82.56 8.32 -5.32
N PHE B 1239 83.49 7.36 -5.22
CA PHE B 1239 84.32 7.02 -6.36
C PHE B 1239 83.47 6.41 -7.47
N LEU B 1240 82.63 5.45 -7.11
CA LEU B 1240 81.74 4.82 -8.08
C LEU B 1240 80.74 5.82 -8.64
N TYR B 1241 80.29 6.76 -7.81
CA TYR B 1241 79.33 7.76 -8.25
C TYR B 1241 79.95 8.71 -9.27
N LEU B 1242 81.17 9.15 -8.98
CA LEU B 1242 81.87 10.06 -9.89
C LEU B 1242 82.27 9.38 -11.19
N ALA B 1243 82.76 8.15 -11.06
CA ALA B 1243 83.18 7.37 -12.21
C ALA B 1243 81.98 6.99 -13.09
N SER B 1244 80.81 6.84 -12.48
CA SER B 1244 79.62 6.51 -13.24
C SER B 1244 79.03 7.73 -13.94
N HIS B 1245 79.03 8.86 -13.25
CA HIS B 1245 78.49 10.10 -13.80
C HIS B 1245 79.60 10.99 -14.35
N LYS B 1259 85.92 17.36 -10.95
CA LYS B 1259 86.88 16.52 -10.26
C LYS B 1259 87.06 15.19 -10.99
N GLN B 1260 86.93 15.23 -12.31
CA GLN B 1260 87.05 14.03 -13.14
C GLN B 1260 88.46 13.43 -13.09
N LEU B 1261 89.45 14.28 -12.86
CA LEU B 1261 90.84 13.85 -12.75
C LEU B 1261 91.04 12.90 -11.57
N PHE B 1262 90.24 13.12 -10.53
CA PHE B 1262 90.31 12.32 -9.31
C PHE B 1262 89.97 10.85 -9.57
N VAL B 1263 89.15 10.59 -10.59
CA VAL B 1263 88.79 9.23 -10.97
C VAL B 1263 89.98 8.47 -11.56
N GLU B 1264 90.66 9.10 -12.51
CA GLU B 1264 91.85 8.50 -13.12
C GLU B 1264 92.97 8.40 -12.10
N GLN B 1265 92.95 9.33 -11.13
CA GLN B 1265 93.94 9.37 -10.07
C GLN B 1265 93.86 8.16 -9.14
N HIS B 1266 92.67 7.57 -9.05
CA HIS B 1266 92.44 6.45 -8.15
C HIS B 1266 91.89 5.22 -8.88
N LYS B 1267 92.61 4.77 -9.91
CA LYS B 1267 92.20 3.62 -10.71
C LYS B 1267 92.22 2.31 -9.91
N HIS B 1268 93.05 2.25 -8.88
CA HIS B 1268 93.21 1.03 -8.07
C HIS B 1268 91.96 0.72 -7.24
N TYR B 1269 91.10 1.72 -7.09
CA TYR B 1269 89.88 1.56 -6.31
C TYR B 1269 88.98 0.49 -6.90
N LEU B 1270 89.08 0.26 -8.20
CA LEU B 1270 88.35 -0.83 -8.83
C LEU B 1270 88.78 -2.16 -8.24
N ASP B 1271 90.08 -2.39 -8.18
CA ASP B 1271 90.62 -3.63 -7.64
C ASP B 1271 90.25 -3.77 -6.17
N GLU B 1272 90.27 -2.65 -5.45
CA GLU B 1272 89.93 -2.70 -4.03
C GLU B 1272 88.47 -3.06 -3.80
N ILE B 1273 87.57 -2.43 -4.57
CA ILE B 1273 86.15 -2.70 -4.45
C ILE B 1273 85.86 -4.14 -4.83
N ILE B 1274 86.53 -4.64 -5.86
CA ILE B 1274 86.37 -6.04 -6.25
C ILE B 1274 86.85 -6.96 -5.13
N GLU B 1275 87.90 -6.55 -4.43
CA GLU B 1275 88.38 -7.33 -3.30
C GLU B 1275 87.32 -7.39 -2.20
N GLN B 1276 86.63 -6.27 -1.99
CA GLN B 1276 85.60 -6.19 -0.97
C GLN B 1276 84.41 -7.08 -1.31
N ILE B 1277 83.98 -6.99 -2.57
CA ILE B 1277 82.86 -7.81 -3.03
C ILE B 1277 83.22 -9.29 -2.97
N SER B 1278 84.49 -9.61 -3.25
CA SER B 1278 84.91 -11.01 -3.27
C SER B 1278 84.94 -11.58 -1.86
N GLU B 1279 85.54 -10.85 -0.92
CA GLU B 1279 85.61 -11.32 0.45
C GLU B 1279 84.21 -11.43 1.06
N PHE B 1280 83.37 -10.43 0.79
CA PHE B 1280 82.02 -10.46 1.30
C PHE B 1280 81.23 -11.61 0.69
N SER B 1281 81.55 -11.97 -0.54
CA SER B 1281 80.86 -13.08 -1.21
C SER B 1281 81.30 -14.42 -0.64
N LYS B 1282 82.61 -14.59 -0.45
CA LYS B 1282 83.13 -15.83 0.09
C LYS B 1282 82.65 -16.05 1.52
N ARG B 1283 82.46 -14.96 2.27
CA ARG B 1283 82.00 -15.10 3.65
C ARG B 1283 80.52 -15.44 3.76
N VAL B 1284 79.70 -14.90 2.86
CA VAL B 1284 78.25 -14.88 3.06
C VAL B 1284 77.40 -15.49 1.93
N ILE B 1285 77.59 -14.99 0.71
CA ILE B 1285 76.79 -15.42 -0.43
C ILE B 1285 76.96 -16.90 -0.78
N LEU B 1286 78.18 -17.40 -0.60
CA LEU B 1286 78.50 -18.80 -0.90
C LEU B 1286 78.10 -19.22 -2.32
N ALA B 1287 78.50 -18.42 -3.30
CA ALA B 1287 78.27 -18.74 -4.71
C ALA B 1287 79.62 -18.81 -5.43
N ASP B 1288 80.26 -19.98 -5.38
CA ASP B 1288 81.62 -20.13 -5.88
C ASP B 1288 81.74 -19.90 -7.39
N ALA B 1289 80.88 -20.55 -8.15
CA ALA B 1289 81.00 -20.51 -9.61
C ALA B 1289 80.78 -19.11 -10.15
N ASN B 1290 79.73 -18.45 -9.68
CA ASN B 1290 79.42 -17.10 -10.13
C ASN B 1290 80.49 -16.07 -9.73
N LEU B 1291 81.06 -16.24 -8.55
CA LEU B 1291 82.15 -15.38 -8.10
C LEU B 1291 83.38 -15.59 -8.97
N ASP B 1292 83.60 -16.83 -9.40
CA ASP B 1292 84.72 -17.12 -10.29
C ASP B 1292 84.51 -16.50 -11.67
N LYS B 1293 83.29 -16.61 -12.18
CA LYS B 1293 82.96 -16.01 -13.47
C LYS B 1293 83.10 -14.50 -13.40
N VAL B 1294 82.74 -13.93 -12.25
CA VAL B 1294 82.82 -12.51 -12.06
C VAL B 1294 84.27 -12.04 -12.00
N LEU B 1295 85.09 -12.75 -11.25
CA LEU B 1295 86.50 -12.39 -11.14
C LEU B 1295 87.22 -12.54 -12.48
N SER B 1296 86.85 -13.55 -13.27
CA SER B 1296 87.50 -13.75 -14.56
C SER B 1296 87.07 -12.67 -15.54
N ALA B 1297 85.77 -12.40 -15.59
CA ALA B 1297 85.23 -11.39 -16.49
C ALA B 1297 85.80 -10.02 -16.12
N TYR B 1298 86.01 -9.79 -14.83
CA TYR B 1298 86.63 -8.55 -14.40
C TYR B 1298 88.10 -8.47 -14.82
N ASN B 1299 88.78 -9.60 -14.75
CA ASN B 1299 90.17 -9.64 -15.21
C ASN B 1299 90.29 -9.38 -16.70
N LYS B 1300 89.30 -9.83 -17.47
CA LYS B 1300 89.32 -9.62 -18.91
C LYS B 1300 89.19 -8.15 -19.33
N HIS B 1301 88.50 -7.36 -18.52
CA HIS B 1301 88.09 -6.03 -18.93
C HIS B 1301 88.90 -4.87 -18.34
N ARG B 1302 90.10 -5.17 -17.84
CA ARG B 1302 90.94 -4.13 -17.24
C ARG B 1302 91.35 -3.05 -18.23
N ASP B 1303 91.35 -3.39 -19.52
CA ASP B 1303 91.68 -2.44 -20.57
C ASP B 1303 90.52 -1.47 -20.89
N LYS B 1304 89.33 -1.80 -20.40
CA LYS B 1304 88.14 -0.98 -20.63
C LYS B 1304 88.25 0.38 -19.94
N PRO B 1305 87.60 1.40 -20.51
CA PRO B 1305 87.61 2.74 -19.90
C PRO B 1305 86.96 2.69 -18.52
N ILE B 1306 87.48 3.51 -17.60
CA ILE B 1306 87.12 3.39 -16.19
C ILE B 1306 85.64 3.59 -15.89
N ARG B 1307 84.98 4.48 -16.63
CA ARG B 1307 83.56 4.74 -16.37
C ARG B 1307 82.68 3.52 -16.65
N GLU B 1308 83.04 2.75 -17.67
CA GLU B 1308 82.28 1.56 -18.04
C GLU B 1308 82.48 0.44 -17.03
N GLN B 1309 83.73 0.29 -16.58
CA GLN B 1309 84.04 -0.68 -15.54
C GLN B 1309 83.33 -0.29 -14.25
N ALA B 1310 83.17 1.01 -14.04
CA ALA B 1310 82.49 1.51 -12.86
C ALA B 1310 81.01 1.17 -12.93
N GLU B 1311 80.41 1.39 -14.10
CA GLU B 1311 78.99 1.07 -14.26
C GLU B 1311 78.76 -0.43 -14.07
N ASN B 1312 79.66 -1.23 -14.63
CA ASN B 1312 79.53 -2.68 -14.49
C ASN B 1312 79.76 -3.21 -13.08
N ILE B 1313 80.69 -2.57 -12.35
CA ILE B 1313 80.90 -2.90 -10.95
C ILE B 1313 79.68 -2.50 -10.16
N ILE B 1314 79.01 -1.43 -10.60
CA ILE B 1314 77.74 -1.04 -10.02
C ILE B 1314 76.72 -2.14 -10.26
N HIS B 1315 76.79 -2.77 -11.43
CA HIS B 1315 75.94 -3.93 -11.71
C HIS B 1315 76.28 -5.12 -10.80
N LEU B 1316 77.55 -5.20 -10.38
CA LEU B 1316 78.04 -6.35 -9.62
C LEU B 1316 77.38 -6.52 -8.25
N PHE B 1317 76.88 -5.44 -7.68
CA PHE B 1317 76.36 -5.45 -6.32
C PHE B 1317 75.12 -6.34 -6.13
N THR B 1318 74.40 -6.61 -7.21
CA THR B 1318 73.21 -7.45 -7.15
C THR B 1318 73.55 -8.88 -6.72
N LEU B 1319 74.80 -9.27 -6.93
CA LEU B 1319 75.30 -10.53 -6.38
C LEU B 1319 75.27 -10.48 -4.85
N THR B 1320 75.55 -9.31 -4.31
CA THR B 1320 75.69 -9.13 -2.86
C THR B 1320 74.43 -8.61 -2.17
N ASN B 1321 73.44 -8.21 -2.95
CA ASN B 1321 72.25 -7.54 -2.41
C ASN B 1321 71.44 -8.39 -1.46
N LEU B 1322 70.90 -7.76 -0.43
CA LEU B 1322 69.98 -8.41 0.50
C LEU B 1322 68.71 -8.80 -0.24
N GLY B 1323 68.10 -9.90 0.17
CA GLY B 1323 66.86 -10.36 -0.45
C GLY B 1323 67.05 -11.44 -1.50
N ALA B 1324 66.04 -11.62 -2.34
CA ALA B 1324 66.05 -12.70 -3.34
C ALA B 1324 67.13 -12.51 -4.39
N PRO B 1325 67.80 -13.60 -4.77
CA PRO B 1325 68.85 -13.58 -5.79
C PRO B 1325 68.30 -13.17 -7.15
N ALA B 1326 69.14 -12.48 -7.93
CA ALA B 1326 68.74 -12.01 -9.24
C ALA B 1326 69.94 -12.07 -10.18
N ALA B 1327 69.66 -12.39 -11.44
CA ALA B 1327 70.70 -12.45 -12.47
C ALA B 1327 71.16 -11.04 -12.82
N PHE B 1328 72.40 -10.93 -13.27
CA PHE B 1328 72.94 -9.63 -13.65
C PHE B 1328 73.97 -9.72 -14.77
N LYS B 1329 74.32 -8.57 -15.33
CA LYS B 1329 75.18 -8.52 -16.50
C LYS B 1329 76.44 -7.69 -16.24
N TYR B 1330 77.61 -8.30 -16.44
CA TYR B 1330 78.87 -7.59 -16.37
C TYR B 1330 79.52 -7.62 -17.75
N PHE B 1331 79.43 -6.48 -18.46
CA PHE B 1331 79.83 -6.40 -19.86
C PHE B 1331 79.19 -7.51 -20.71
N ASP B 1332 80.01 -8.24 -21.46
CA ASP B 1332 79.51 -9.34 -22.28
C ASP B 1332 78.93 -10.50 -21.46
N THR B 1333 79.52 -10.77 -20.31
CA THR B 1333 79.12 -11.91 -19.49
C THR B 1333 77.77 -11.74 -18.79
N THR B 1334 77.04 -12.83 -18.66
CA THR B 1334 75.73 -12.81 -18.00
C THR B 1334 75.67 -13.84 -16.88
N ILE B 1335 75.69 -13.35 -15.65
CA ILE B 1335 75.64 -14.23 -14.47
C ILE B 1335 74.21 -14.55 -14.06
N ASP B 1336 73.88 -15.84 -14.10
CA ASP B 1336 72.57 -16.33 -13.66
C ASP B 1336 72.47 -16.32 -12.14
N ARG B 1337 71.25 -16.13 -11.64
CA ARG B 1337 71.02 -16.08 -10.20
C ARG B 1337 71.26 -17.43 -9.51
N LYS B 1338 71.83 -17.36 -8.30
CA LYS B 1338 72.02 -18.53 -7.47
C LYS B 1338 70.95 -18.58 -6.38
N ARG B 1339 69.98 -19.46 -6.54
CA ARG B 1339 68.93 -19.61 -5.54
C ARG B 1339 69.31 -20.68 -4.51
N TYR B 1340 69.07 -20.40 -3.24
CA TYR B 1340 69.36 -21.35 -2.18
C TYR B 1340 68.14 -22.24 -1.90
N THR B 1341 68.10 -23.39 -2.58
CA THR B 1341 66.93 -24.27 -2.52
C THR B 1341 66.86 -25.20 -1.30
N SER B 1342 67.93 -25.26 -0.51
CA SER B 1342 67.92 -26.08 0.69
C SER B 1342 67.78 -25.23 1.96
N THR B 1343 66.88 -25.63 2.85
CA THR B 1343 66.66 -24.90 4.09
C THR B 1343 67.07 -25.69 5.32
N LYS B 1344 67.73 -26.83 5.09
CA LYS B 1344 68.12 -27.71 6.19
C LYS B 1344 69.15 -27.07 7.14
N GLU B 1345 69.97 -26.18 6.60
CA GLU B 1345 70.96 -25.48 7.41
C GLU B 1345 70.30 -24.56 8.43
N VAL B 1346 69.12 -24.07 8.09
CA VAL B 1346 68.34 -23.21 8.96
C VAL B 1346 67.86 -23.96 10.21
N LEU B 1347 67.75 -25.27 10.10
CA LEU B 1347 67.27 -26.08 11.21
C LEU B 1347 68.23 -26.12 12.40
N ASP B 1348 69.52 -25.93 12.14
CA ASP B 1348 70.53 -25.86 13.20
C ASP B 1348 70.96 -24.43 13.45
N ALA B 1349 70.28 -23.52 12.74
CA ALA B 1349 70.56 -22.09 12.81
C ALA B 1349 70.05 -21.43 14.07
N THR B 1350 70.64 -20.28 14.41
CA THR B 1350 70.05 -19.42 15.42
C THR B 1350 69.09 -18.44 14.75
N LEU B 1351 67.82 -18.52 15.16
CA LEU B 1351 66.78 -17.60 14.71
C LEU B 1351 67.01 -16.21 15.31
N ILE B 1352 66.70 -15.17 14.56
CA ILE B 1352 66.82 -13.82 15.10
C ILE B 1352 65.52 -13.05 14.93
N HIS B 1353 64.63 -13.13 15.92
CA HIS B 1353 63.43 -12.31 15.91
C HIS B 1353 63.82 -10.85 16.06
N GLN B 1354 63.15 -9.97 15.32
CA GLN B 1354 63.51 -8.55 15.31
C GLN B 1354 62.31 -7.65 15.58
N SER B 1355 62.57 -6.54 16.26
CA SER B 1355 61.58 -5.48 16.41
C SER B 1355 61.61 -4.63 15.15
N ILE B 1356 60.66 -3.73 15.01
CA ILE B 1356 60.52 -2.94 13.79
C ILE B 1356 61.77 -2.12 13.47
N THR B 1357 62.50 -1.66 14.50
CA THR B 1357 63.75 -0.95 14.28
C THR B 1357 64.93 -1.90 14.18
N GLY B 1358 64.74 -3.12 14.67
CA GLY B 1358 65.81 -4.10 14.67
C GLY B 1358 66.72 -3.94 15.86
N LEU B 1359 66.41 -2.97 16.72
CA LEU B 1359 67.18 -2.74 17.93
C LEU B 1359 66.87 -3.78 19.01
N TYR B 1360 65.59 -4.11 19.15
CA TYR B 1360 65.18 -5.18 20.07
C TYR B 1360 65.16 -6.51 19.34
N GLU B 1361 66.19 -7.33 19.54
CA GLU B 1361 66.24 -8.64 18.91
C GLU B 1361 66.31 -9.79 19.93
N THR B 1362 65.67 -10.90 19.58
CA THR B 1362 65.69 -12.08 20.43
C THR B 1362 66.20 -13.27 19.61
N ARG B 1363 67.35 -13.81 20.01
CA ARG B 1363 67.94 -14.93 19.28
C ARG B 1363 67.60 -16.26 19.92
N ILE B 1364 67.36 -17.26 19.08
CA ILE B 1364 66.99 -18.60 19.54
C ILE B 1364 67.80 -19.64 18.80
N ASP B 1365 68.85 -20.15 19.44
CA ASP B 1365 69.61 -21.25 18.88
C ASP B 1365 68.71 -22.49 18.81
N LEU B 1366 68.75 -23.19 17.70
CA LEU B 1366 67.89 -24.36 17.50
C LEU B 1366 68.58 -25.65 17.90
N SER B 1367 68.23 -26.15 19.08
CA SER B 1367 68.80 -27.37 19.62
C SER B 1367 67.95 -27.85 20.79
MN MN C . -64.13 -9.03 1.56
MN MN D . -63.62 -6.08 -0.95
MN MN E . -2.54 -30.04 -18.22
MN MN F . -74.02 1.37 7.17
MN MN G . -80.76 -1.43 29.84
MN MN H . -72.51 -1.89 17.82
MN MN I . -81.01 28.27 16.56
S SO4 J . -33.12 -5.66 -8.52
O1 SO4 J . -34.08 -5.13 -9.49
O2 SO4 J . -32.79 -7.03 -8.87
O3 SO4 J . -31.90 -4.84 -8.54
O4 SO4 J . -33.70 -5.62 -7.19
S SO4 K . -14.49 10.73 -3.24
O1 SO4 K . -15.08 11.66 -4.20
O2 SO4 K . -15.11 9.42 -3.40
O3 SO4 K . -13.05 10.63 -3.48
O4 SO4 K . -14.72 11.21 -1.89
S SO4 L . -73.71 -25.86 9.02
O1 SO4 L . -74.64 -25.78 7.89
O2 SO4 L . -73.55 -27.25 9.41
O3 SO4 L . -72.42 -25.30 8.64
O4 SO4 L . -74.27 -25.10 10.13
MN MN M . 64.25 6.18 0.39
MN MN N . 62.81 9.76 -0.07
MN MN O . 8.08 17.68 -27.29
MN MN P . 6.13 -7.34 33.23
MN MN Q . 63.90 9.95 31.29
MN MN R . 74.26 0.02 -16.19
S SO4 S . 31.66 8.31 7.14
O1 SO4 S . 30.89 9.55 7.09
O2 SO4 S . 30.76 7.21 7.48
O3 SO4 S . 32.25 8.05 5.83
O4 SO4 S . 32.70 8.43 8.14
S SO4 T . 10.70 11.58 -7.35
O1 SO4 T . 11.22 11.09 -8.62
O2 SO4 T . 10.94 10.59 -6.31
O3 SO4 T . 11.35 12.82 -7.00
O4 SO4 T . 9.25 11.79 -7.48
S SO4 U . 75.97 -8.03 8.37
O1 SO4 U . 75.25 -7.32 7.32
O2 SO4 U . 75.64 -9.44 8.31
O3 SO4 U . 77.40 -7.85 8.18
O4 SO4 U . 75.55 -7.51 9.67
#